data_7ADK
#
_entry.id   7ADK
#
loop_
_entity.id
_entity.type
_entity.pdbx_description
1 polymer 'Putative immunoglobulin-blocking virulence protein'
2 polymer Lipoprotein
#
loop_
_entity_poly.entity_id
_entity_poly.type
_entity_poly.pdbx_seq_one_letter_code
_entity_poly.pdbx_strand_id
1 'polypeptide(L)'
;VYFLKKKKNKILTIALVASLAASVSFGSVLYYSFSDNHISFDTSSNGITDAELAPINNAINDAIVSNRDNKLKPSEEKII
KETEKKIEEKIIIPPAKKEEKIEAAKPIPKPVVRKPETKITSPKITRRKQTITIAGIEVEAEIEGPPGFVTHQRDKDRKI
SNPTKPYQNHTVNKILSVKVTDKLKEQVAKDALSGGNGYDEGVGLFNNSIFNVFKEEFNSGKELNDILSSLESVARQNSG
AFQNTLERYKKMLDSNNVINFLKSEAQKEYPKLKSKFQTKNQEYIWLIANLDQSKFTKIASTSEKYLEKGLTISPRSAFI
NEAGEIDSNGWGPPDEYNTVTSRLRRDNSEYRVFDYDEYYSRSSDRIANGTYPGWVKEDVSEPYSKKYNFKASDGIRFSK
LERINPNPAKGKLNSGLVLDLDVSNDEAYRRSKELIEKLQKDGEQITSYRIKNMGEKNSDQAFKDILGALPKDIQQLELF
FSDKATNTASLIALENKNIKELSLYTSGNSLKKAWSYNPLALRNTTWINTIDYNVSAEYSSHDKITTRITFNTLAFDQED
FSNGSYERINDGLRMVYYARNNEPFFQGGHGPGLEPDKKLGQNSYPTGLDFSRVTGIKSLKGLRFDDDLDTSNEPRKITE
LTLYNNESYFEISSDELNEANLQHLSTGEGNPEKPKIHFSNGNNTTSIRISGKTLLSDEGRRNLDKYFEYNESLRNSGKQ
IQIPNGSDELKKQLEGWGYKVSTASDRSFT
;
A
2 'polypeptide(L)'
;MKRLNKLLMYISSSTLLLPITLLVACTPSKVVAKPINDDEFNKLIDSIKTENDLLKYADIRFKNPNGADTKKEDIIPSQL
KSENISITFKGKYQGQISAVVTNVDVDRTNPFAVQNEATIFVQFKNLKTNTSKPISITIKGLNQKGNFDASGNIVVDDFA
YFGGTSGYDEYTKKDQKSRFDYDNERYMTRLKSQFGNSSNSINLKEYRGLETKQENIKKFDDQAAISNFDTYYNAALKGF
TLPVYGSDGKVSGLKIYEGAEIGKGPSVVDSLGRNEKAKTVGLARTLPNEEYKTSAIQTFQTNFTIYKDYEKEIEEAEDN
IKLFDSWNEQQIQSYISAQLTQLRLNYEDEVSQIDREISQTQPDKTTILSNLNQKKSKIESEYQKELSTISKLNKDSLKE
WQRKEIEKYNEKKKEKTFQISESGTMWIMDYLDENAGKNPTKFYFGTNSHVAKGIKDGMVSFSLTRLNSEVKVGQTFKLN
GHDSNFTKFTFSPINGNKLEDAVTAIFHATDFINENSSPLKLLDSEQKSKYNGAGIFADFAIVEVDFAKLLDKGKYSYSV
WSASNDITNQYETEQNKLISKITNNYSESDKKVKFFSDSLLNEQTYAKFDRPLDFDPKKEDELKKYNDLDSLYIVGYPTA
YKDFYLDQYEDEKQLKNKKYDFSLWINSEYKFYNKLINKEGSTNSFKEYETGKGNFFSYQIGYRSFIDKPGLTDAFITVN
KVGKKLYSLKDKNKNEVKKYFNYGLEILPRFYAPAGGASGSSVRTKDNKLLAVYHASNETARTGLAVAFRSDGYDYKNLF
GDYKLGQYDLIYGGGKDQQKEKSYREVMNKMYSGKKSALFQNGFTDDKIPSEFKFNNGTQN
;
B
#
# COMPACT_ATOMS: atom_id res chain seq x y z
N ARG A 128 -5.00 59.38 9.33
CA ARG A 128 -5.80 58.32 10.00
C ARG A 128 -7.29 58.69 10.04
N LYS A 129 -8.15 57.80 10.55
CA LYS A 129 -9.60 58.03 10.87
C LYS A 129 -10.44 58.48 9.67
N GLN A 130 -10.30 57.77 8.55
CA GLN A 130 -10.95 58.05 7.27
C GLN A 130 -12.37 57.48 7.18
N THR A 131 -12.97 57.51 5.99
CA THR A 131 -14.18 56.76 5.64
C THR A 131 -13.90 55.78 4.50
N ILE A 132 -14.56 54.62 4.54
CA ILE A 132 -14.49 53.52 3.56
C ILE A 132 -15.91 53.06 3.22
N THR A 133 -16.13 52.45 2.06
CA THR A 133 -17.41 51.80 1.71
C THR A 133 -17.31 50.29 1.93
N ILE A 134 -18.32 49.66 2.56
CA ILE A 134 -18.30 48.21 2.86
C ILE A 134 -19.54 47.42 2.41
N ALA A 135 -20.64 48.10 2.11
CA ALA A 135 -21.89 47.52 1.63
C ALA A 135 -22.65 48.50 0.71
N GLY A 136 -21.93 49.21 -0.16
CA GLY A 136 -22.37 50.45 -0.81
C GLY A 136 -22.28 51.65 0.14
N ILE A 137 -22.88 51.52 1.32
CA ILE A 137 -22.92 52.52 2.39
C ILE A 137 -21.51 52.99 2.78
N GLU A 138 -21.31 54.30 2.82
CA GLU A 138 -20.09 54.94 3.32
C GLU A 138 -20.06 54.91 4.86
N VAL A 139 -18.94 54.51 5.45
CA VAL A 139 -18.83 54.30 6.90
C VAL A 139 -17.51 54.91 7.39
N GLU A 140 -17.45 55.56 8.55
CA GLU A 140 -16.17 55.97 9.15
C GLU A 140 -15.43 54.80 9.81
N ALA A 141 -14.12 54.71 9.62
CA ALA A 141 -13.30 53.59 10.08
C ALA A 141 -11.85 53.99 10.43
N GLU A 142 -11.29 53.32 11.43
CA GLU A 142 -9.87 53.39 11.77
C GLU A 142 -9.09 52.43 10.85
N ILE A 143 -8.13 52.96 10.08
CA ILE A 143 -7.36 52.24 9.05
C ILE A 143 -5.86 52.41 9.30
N GLU A 144 -5.08 51.35 9.11
CA GLU A 144 -3.62 51.34 9.25
C GLU A 144 -2.93 50.76 8.01
N GLY A 145 -1.73 51.26 7.68
CA GLY A 145 -0.86 50.65 6.68
C GLY A 145 -0.19 49.37 7.20
N PRO A 146 0.09 48.37 6.34
CA PRO A 146 0.71 47.12 6.77
C PRO A 146 2.20 47.33 7.12
N PRO A 147 2.65 46.88 8.30
CA PRO A 147 4.07 46.93 8.67
C PRO A 147 4.99 46.29 7.64
N GLY A 148 6.06 46.98 7.27
CA GLY A 148 7.07 46.48 6.35
C GLY A 148 7.87 45.30 6.90
N PHE A 149 8.25 44.36 6.04
CA PHE A 149 9.20 43.30 6.39
C PHE A 149 10.58 43.89 6.70
N VAL A 150 11.02 43.77 7.95
CA VAL A 150 12.32 44.28 8.38
C VAL A 150 13.41 43.25 8.07
N THR A 151 14.09 43.43 6.94
CA THR A 151 15.33 42.70 6.60
C THR A 151 16.49 43.19 7.47
N HIS A 152 17.38 42.30 7.90
CA HIS A 152 18.59 42.64 8.68
C HIS A 152 19.82 42.56 7.78
N GLN A 153 20.81 43.40 7.99
CA GLN A 153 22.01 43.40 7.16
C GLN A 153 22.80 42.07 7.28
N ARG A 154 22.74 41.35 8.42
CA ARG A 154 23.21 39.94 8.47
C ARG A 154 22.43 38.95 7.58
N ASP A 155 21.16 39.21 7.28
CA ASP A 155 20.41 38.41 6.31
C ASP A 155 20.89 38.64 4.87
N LYS A 156 21.50 39.78 4.55
CA LYS A 156 22.12 39.99 3.24
C LYS A 156 23.52 39.41 3.17
N ASP A 157 24.36 39.64 4.18
CA ASP A 157 25.77 39.24 4.09
C ASP A 157 26.04 37.73 4.22
N ARG A 158 25.11 36.96 4.81
CA ARG A 158 25.08 35.48 4.74
C ARG A 158 24.40 34.91 3.49
N LYS A 159 23.94 35.75 2.57
CA LYS A 159 23.19 35.37 1.35
C LYS A 159 22.02 34.43 1.65
N ILE A 160 21.21 34.86 2.61
CA ILE A 160 20.13 34.09 3.25
C ILE A 160 18.77 34.79 3.12
N SER A 161 18.76 36.11 2.88
CA SER A 161 17.60 36.89 2.41
C SER A 161 17.22 36.54 0.97
N ASN A 162 16.10 37.09 0.47
CA ASN A 162 15.69 36.86 -0.91
C ASN A 162 16.68 37.52 -1.89
N PRO A 163 17.13 36.83 -2.95
CA PRO A 163 18.35 37.17 -3.69
C PRO A 163 18.28 38.43 -4.57
N THR A 164 17.10 38.94 -4.87
CA THR A 164 16.87 39.96 -5.92
C THR A 164 15.92 41.09 -5.52
N LYS A 165 15.00 40.84 -4.60
CA LYS A 165 13.88 41.72 -4.21
C LYS A 165 13.27 41.22 -2.91
N PRO A 166 13.06 42.04 -1.86
CA PRO A 166 12.41 41.61 -0.64
C PRO A 166 10.91 41.38 -0.88
N TYR A 167 10.45 40.15 -0.64
CA TYR A 167 9.03 39.80 -0.72
C TYR A 167 8.21 40.49 0.39
N GLN A 168 6.94 40.82 0.16
CA GLN A 168 6.00 41.19 1.23
C GLN A 168 4.61 40.56 1.05
N ASN A 169 4.07 40.03 2.14
CA ASN A 169 2.84 39.26 2.20
C ASN A 169 1.60 40.16 2.35
N HIS A 170 1.53 41.05 3.36
CA HIS A 170 0.44 42.03 3.47
C HIS A 170 0.69 43.22 2.56
N THR A 171 0.15 43.12 1.35
CA THR A 171 0.13 44.14 0.31
C THR A 171 -0.88 45.27 0.56
N VAL A 172 -1.88 45.10 1.42
CA VAL A 172 -3.01 46.02 1.62
C VAL A 172 -3.28 46.32 3.08
N ASN A 173 -3.91 47.48 3.31
CA ASN A 173 -4.20 48.09 4.61
C ASN A 173 -5.09 47.24 5.52
N LYS A 174 -5.09 47.54 6.81
CA LYS A 174 -5.88 46.87 7.87
C LYS A 174 -7.02 47.78 8.35
N ILE A 175 -8.19 47.21 8.65
CA ILE A 175 -9.29 47.89 9.34
C ILE A 175 -9.23 47.54 10.84
N LEU A 176 -8.96 48.52 11.71
CA LEU A 176 -8.93 48.28 13.17
C LEU A 176 -10.32 48.34 13.80
N SER A 177 -11.17 49.26 13.34
CA SER A 177 -12.55 49.42 13.81
C SER A 177 -13.42 50.15 12.78
N VAL A 178 -14.72 49.87 12.80
CA VAL A 178 -15.75 50.47 11.94
C VAL A 178 -16.90 50.98 12.79
N LYS A 179 -17.36 52.23 12.57
CA LYS A 179 -18.52 52.78 13.28
C LYS A 179 -19.81 52.20 12.69
N VAL A 180 -20.28 51.09 13.25
CA VAL A 180 -21.56 50.48 12.88
C VAL A 180 -22.73 51.41 13.24
N THR A 181 -23.72 51.47 12.37
CA THR A 181 -24.93 52.29 12.51
C THR A 181 -26.16 51.51 12.07
N ASP A 182 -27.35 51.94 12.51
CA ASP A 182 -28.61 51.28 12.15
C ASP A 182 -28.72 51.10 10.62
N LYS A 183 -28.41 52.17 9.87
CA LYS A 183 -28.43 52.20 8.40
C LYS A 183 -27.49 51.17 7.74
N LEU A 184 -26.30 50.96 8.30
CA LEU A 184 -25.35 49.94 7.83
C LEU A 184 -25.81 48.53 8.17
N LYS A 185 -26.18 48.26 9.43
CA LYS A 185 -26.47 46.87 9.84
C LYS A 185 -27.77 46.31 9.23
N GLU A 186 -28.73 47.15 8.88
CA GLU A 186 -29.89 46.75 8.10
C GLU A 186 -29.59 46.56 6.60
N GLN A 187 -28.60 47.26 6.04
CA GLN A 187 -28.07 46.93 4.71
C GLN A 187 -27.38 45.56 4.71
N VAL A 188 -26.57 45.27 5.75
CA VAL A 188 -25.92 43.97 5.91
C VAL A 188 -26.93 42.84 6.15
N ALA A 189 -28.08 43.13 6.78
CA ALA A 189 -29.19 42.20 6.92
C ALA A 189 -29.83 41.86 5.57
N LYS A 190 -30.23 42.86 4.78
CA LYS A 190 -30.87 42.69 3.47
C LYS A 190 -30.00 41.98 2.45
N ASP A 191 -28.68 42.15 2.52
CA ASP A 191 -27.73 41.39 1.68
C ASP A 191 -27.72 39.89 2.03
N ALA A 192 -27.75 39.52 3.30
CA ALA A 192 -27.81 38.12 3.72
C ALA A 192 -29.11 37.42 3.29
N LEU A 193 -30.22 38.15 3.13
CA LEU A 193 -31.49 37.61 2.65
C LEU A 193 -31.53 37.46 1.12
N SER A 194 -31.03 38.46 0.38
CA SER A 194 -31.10 38.53 -1.09
C SER A 194 -29.93 37.85 -1.82
N GLY A 195 -28.78 37.69 -1.16
CA GLY A 195 -27.49 37.38 -1.78
C GLY A 195 -26.66 38.62 -2.12
N GLY A 196 -27.19 39.83 -1.99
CA GLY A 196 -26.54 41.05 -2.46
C GLY A 196 -26.35 41.07 -3.99
N ASN A 197 -25.32 41.77 -4.47
CA ASN A 197 -24.97 41.79 -5.89
C ASN A 197 -23.55 41.27 -6.19
N GLY A 198 -22.85 40.71 -5.21
CA GLY A 198 -21.51 40.16 -5.32
C GLY A 198 -21.47 38.67 -5.68
N TYR A 199 -20.37 37.98 -5.33
CA TYR A 199 -20.17 36.57 -5.67
C TYR A 199 -21.23 35.63 -5.07
N ASP A 200 -21.71 35.91 -3.85
CA ASP A 200 -22.75 35.12 -3.16
C ASP A 200 -24.20 35.49 -3.53
N GLU A 201 -24.40 36.24 -4.62
CA GLU A 201 -25.71 36.39 -5.25
C GLU A 201 -26.24 35.02 -5.72
N GLY A 202 -27.47 34.69 -5.33
CA GLY A 202 -28.07 33.39 -5.62
C GLY A 202 -27.79 32.29 -4.59
N VAL A 203 -27.24 32.64 -3.42
CA VAL A 203 -27.13 31.78 -2.23
C VAL A 203 -27.50 32.51 -0.92
N GLY A 204 -28.31 33.56 -0.97
CA GLY A 204 -28.86 34.24 0.21
C GLY A 204 -30.01 33.49 0.86
N LEU A 205 -30.45 33.88 2.05
CA LEU A 205 -31.46 33.12 2.81
C LEU A 205 -32.81 32.97 2.09
N PHE A 206 -33.27 33.96 1.34
CA PHE A 206 -34.52 33.91 0.58
C PHE A 206 -34.29 34.11 -0.91
N ASN A 207 -33.09 33.79 -1.37
CA ASN A 207 -32.74 33.67 -2.78
C ASN A 207 -31.60 32.66 -2.95
N ASN A 208 -31.94 31.38 -3.05
CA ASN A 208 -31.00 30.27 -3.22
C ASN A 208 -31.64 29.11 -3.95
N SER A 209 -30.84 28.20 -4.46
CA SER A 209 -31.28 27.11 -5.34
C SER A 209 -32.38 26.21 -4.76
N ILE A 210 -32.34 25.83 -3.47
CA ILE A 210 -33.39 25.00 -2.85
C ILE A 210 -34.66 25.83 -2.58
N PHE A 211 -34.52 27.01 -1.98
CA PHE A 211 -35.62 27.92 -1.70
C PHE A 211 -36.39 28.33 -2.97
N ASN A 212 -35.69 28.54 -4.09
CA ASN A 212 -36.27 28.89 -5.38
C ASN A 212 -36.97 27.70 -6.07
N VAL A 213 -36.49 26.48 -5.87
CA VAL A 213 -37.15 25.26 -6.37
C VAL A 213 -38.41 24.96 -5.56
N PHE A 214 -38.45 25.24 -4.26
CA PHE A 214 -39.66 25.13 -3.47
C PHE A 214 -40.67 26.25 -3.77
N LYS A 215 -40.25 27.52 -3.89
CA LYS A 215 -41.20 28.61 -4.17
C LYS A 215 -41.90 28.46 -5.53
N GLU A 216 -41.19 27.96 -6.54
CA GLU A 216 -41.75 27.72 -7.88
C GLU A 216 -42.83 26.62 -7.90
N GLU A 217 -42.76 25.64 -7.00
CA GLU A 217 -43.77 24.59 -6.88
C GLU A 217 -45.03 25.10 -6.14
N PHE A 218 -44.88 25.89 -5.08
CA PHE A 218 -46.00 26.59 -4.43
C PHE A 218 -46.71 27.56 -5.38
N ASN A 219 -45.98 28.19 -6.30
CA ASN A 219 -46.53 29.01 -7.38
C ASN A 219 -47.24 28.21 -8.49
N SER A 220 -47.21 26.88 -8.49
CA SER A 220 -48.03 26.05 -9.39
C SER A 220 -49.49 25.94 -8.92
N GLY A 221 -50.40 25.60 -9.83
CA GLY A 221 -51.84 25.59 -9.54
C GLY A 221 -52.37 24.45 -8.66
N LYS A 222 -51.54 23.45 -8.31
CA LYS A 222 -51.96 22.23 -7.62
C LYS A 222 -52.28 22.41 -6.13
N GLU A 223 -53.04 21.46 -5.58
CA GLU A 223 -53.46 21.35 -4.18
C GLU A 223 -52.30 21.17 -3.19
N LEU A 224 -52.52 21.42 -1.90
CA LEU A 224 -51.44 21.52 -0.90
C LEU A 224 -50.56 20.26 -0.78
N ASN A 225 -51.09 19.08 -1.08
CA ASN A 225 -50.36 17.81 -1.01
C ASN A 225 -49.30 17.63 -2.11
N ASP A 226 -49.07 18.62 -2.99
CA ASP A 226 -47.88 18.68 -3.83
C ASP A 226 -46.57 18.90 -3.03
N ILE A 227 -46.69 19.18 -1.72
CA ILE A 227 -45.64 18.98 -0.70
C ILE A 227 -44.96 17.61 -0.86
N LEU A 228 -45.68 16.58 -1.29
CA LEU A 228 -45.12 15.26 -1.60
C LEU A 228 -44.03 15.29 -2.69
N SER A 229 -44.19 16.10 -3.73
CA SER A 229 -43.21 16.27 -4.81
C SER A 229 -41.98 17.09 -4.38
N SER A 230 -42.12 18.07 -3.48
CA SER A 230 -40.97 18.75 -2.87
C SER A 230 -40.12 17.79 -2.02
N LEU A 231 -40.74 16.88 -1.23
CA LEU A 231 -40.01 15.83 -0.51
C LEU A 231 -39.32 14.83 -1.47
N GLU A 232 -39.94 14.49 -2.59
CA GLU A 232 -39.30 13.67 -3.62
C GLU A 232 -38.05 14.37 -4.21
N SER A 233 -38.08 15.70 -4.34
CA SER A 233 -36.92 16.52 -4.71
C SER A 233 -35.87 16.69 -3.60
N VAL A 234 -35.94 15.93 -2.50
CA VAL A 234 -34.85 15.79 -1.52
C VAL A 234 -34.38 14.34 -1.29
N ALA A 235 -35.17 13.34 -1.71
CA ALA A 235 -34.76 11.93 -1.67
C ALA A 235 -34.07 11.43 -2.96
N ARG A 236 -34.36 12.00 -4.13
CA ARG A 236 -33.94 11.43 -5.44
C ARG A 236 -32.44 11.52 -5.72
N GLN A 237 -31.88 12.71 -5.62
CA GLN A 237 -30.51 13.05 -6.02
C GLN A 237 -29.94 14.20 -5.17
N ASN A 238 -30.83 15.07 -4.66
CA ASN A 238 -30.50 16.33 -3.98
C ASN A 238 -30.31 16.21 -2.45
N SER A 239 -30.09 15.01 -1.92
CA SER A 239 -30.05 14.75 -0.47
C SER A 239 -28.96 15.50 0.31
N GLY A 240 -27.94 16.00 -0.38
CA GLY A 240 -26.87 16.83 0.18
C GLY A 240 -26.98 18.33 -0.04
N ALA A 241 -28.01 18.82 -0.76
CA ALA A 241 -28.29 20.24 -0.92
C ALA A 241 -29.42 20.71 0.02
N PHE A 242 -30.52 19.96 0.08
CA PHE A 242 -31.32 19.93 1.30
C PHE A 242 -30.50 19.20 2.38
N GLN A 243 -30.81 19.36 3.66
CA GLN A 243 -29.90 18.92 4.74
C GLN A 243 -28.48 19.56 4.64
N ASN A 244 -28.41 20.73 4.00
CA ASN A 244 -27.26 21.62 3.95
C ASN A 244 -27.75 23.07 3.96
N THR A 245 -28.74 23.38 3.11
CA THR A 245 -29.57 24.59 3.20
C THR A 245 -30.59 24.54 4.33
N LEU A 246 -31.17 23.39 4.67
CA LEU A 246 -32.15 23.23 5.76
C LEU A 246 -31.63 23.80 7.09
N GLU A 247 -30.37 23.54 7.42
CA GLU A 247 -29.71 23.99 8.65
C GLU A 247 -29.78 25.51 8.84
N ARG A 248 -29.79 26.29 7.75
CA ARG A 248 -29.78 27.75 7.79
C ARG A 248 -31.07 28.36 8.33
N TYR A 249 -32.15 27.60 8.31
CA TYR A 249 -33.44 27.94 8.90
C TYR A 249 -33.72 27.17 10.20
N LYS A 250 -33.16 25.96 10.36
CA LYS A 250 -33.58 24.92 11.34
C LYS A 250 -33.67 25.38 12.79
N LYS A 251 -32.72 26.21 13.23
CA LYS A 251 -32.69 26.83 14.57
C LYS A 251 -33.90 27.73 14.88
N MET A 252 -34.47 28.35 13.86
CA MET A 252 -35.79 29.01 13.89
C MET A 252 -36.94 28.04 13.63
N LEU A 253 -36.76 27.11 12.69
CA LEU A 253 -37.77 26.22 12.12
C LEU A 253 -38.33 25.23 13.15
N ASP A 254 -37.50 24.75 14.06
CA ASP A 254 -37.95 24.01 15.24
C ASP A 254 -38.70 24.96 16.18
N SER A 255 -40.01 24.77 16.34
CA SER A 255 -40.96 25.81 16.77
C SER A 255 -40.53 26.68 17.95
N ASN A 256 -40.06 26.06 19.03
CA ASN A 256 -39.53 26.66 20.26
C ASN A 256 -40.39 27.78 20.90
N ASN A 257 -41.69 27.83 20.59
CA ASN A 257 -42.64 28.89 20.94
C ASN A 257 -42.36 30.25 20.26
N VAL A 258 -41.69 30.27 19.11
CA VAL A 258 -41.35 31.49 18.34
C VAL A 258 -41.83 31.45 16.88
N ILE A 259 -41.79 30.30 16.20
CA ILE A 259 -41.90 30.23 14.72
C ILE A 259 -43.12 30.95 14.13
N ASN A 260 -44.25 31.00 14.85
CA ASN A 260 -45.48 31.56 14.31
C ASN A 260 -45.39 33.07 14.03
N PHE A 261 -44.52 33.81 14.72
CA PHE A 261 -44.35 35.26 14.46
C PHE A 261 -43.59 35.60 13.16
N LEU A 262 -43.03 34.60 12.47
CA LEU A 262 -42.19 34.76 11.27
C LEU A 262 -42.68 33.83 10.13
N LYS A 263 -43.98 33.89 9.82
CA LYS A 263 -44.70 32.88 9.02
C LYS A 263 -45.77 33.48 8.07
N SER A 264 -45.65 34.76 7.72
CA SER A 264 -46.50 35.47 6.73
C SER A 264 -48.02 35.38 7.01
N GLU A 265 -48.89 35.28 5.99
CA GLU A 265 -50.34 35.05 6.13
C GLU A 265 -50.67 33.61 6.54
N ALA A 266 -49.74 32.67 6.33
CA ALA A 266 -49.90 31.28 6.72
C ALA A 266 -49.98 31.06 8.26
N GLN A 267 -49.83 32.12 9.05
CA GLN A 267 -50.19 32.17 10.47
C GLN A 267 -51.64 31.76 10.77
N LYS A 268 -52.60 32.02 9.87
CA LYS A 268 -53.97 31.52 10.04
C LYS A 268 -54.07 30.01 9.75
N GLU A 269 -53.35 29.50 8.76
CA GLU A 269 -53.39 28.08 8.39
C GLU A 269 -52.56 27.19 9.33
N TYR A 270 -51.44 27.67 9.84
CA TYR A 270 -50.45 26.90 10.61
C TYR A 270 -51.02 26.13 11.83
N PRO A 271 -51.77 26.75 12.75
CA PRO A 271 -52.17 26.08 14.00
C PRO A 271 -53.13 24.90 13.80
N LYS A 272 -53.89 24.89 12.69
CA LYS A 272 -54.71 23.75 12.29
C LYS A 272 -53.89 22.75 11.49
N LEU A 273 -53.23 23.23 10.43
CA LEU A 273 -52.53 22.40 9.44
C LEU A 273 -51.34 21.63 10.04
N LYS A 274 -50.73 22.13 11.14
CA LYS A 274 -49.66 21.46 11.91
C LYS A 274 -49.95 19.99 12.21
N SER A 275 -51.20 19.66 12.53
CA SER A 275 -51.67 18.29 12.78
C SER A 275 -51.78 17.38 11.54
N LYS A 276 -51.70 17.94 10.32
CA LYS A 276 -52.09 17.30 9.07
C LYS A 276 -50.90 16.94 8.14
N PHE A 277 -49.68 16.84 8.68
CA PHE A 277 -48.48 16.47 7.91
C PHE A 277 -48.00 15.05 8.20
N GLN A 278 -47.62 14.35 7.13
CA GLN A 278 -47.28 12.91 7.13
C GLN A 278 -45.83 12.59 7.53
N THR A 279 -44.92 13.55 7.52
CA THR A 279 -43.48 13.38 7.77
C THR A 279 -42.94 14.70 8.32
N LYS A 280 -41.89 14.69 9.15
CA LYS A 280 -41.31 15.94 9.68
C LYS A 280 -40.82 16.86 8.58
N ASN A 281 -40.07 16.36 7.60
CA ASN A 281 -39.58 17.16 6.45
C ASN A 281 -40.72 17.79 5.64
N GLN A 282 -41.81 17.07 5.34
CA GLN A 282 -43.00 17.62 4.67
C GLN A 282 -43.63 18.79 5.44
N GLU A 283 -43.68 18.71 6.77
CA GLU A 283 -43.95 19.87 7.63
C GLU A 283 -42.94 21.00 7.42
N TYR A 284 -41.65 20.84 7.73
CA TYR A 284 -40.84 22.03 7.96
C TYR A 284 -40.30 22.64 6.64
N ILE A 285 -40.46 21.94 5.50
CA ILE A 285 -40.52 22.50 4.15
C ILE A 285 -41.62 23.57 4.00
N TRP A 286 -42.79 23.34 4.58
CA TRP A 286 -43.91 24.28 4.54
C TRP A 286 -43.66 25.51 5.42
N LEU A 287 -42.70 25.49 6.37
CA LEU A 287 -42.28 26.71 7.08
C LEU A 287 -41.41 27.58 6.16
N ILE A 288 -40.29 27.08 5.67
CA ILE A 288 -39.38 27.84 4.78
C ILE A 288 -40.08 28.38 3.54
N ALA A 289 -40.97 27.62 2.90
CA ALA A 289 -41.75 28.08 1.76
C ALA A 289 -42.86 29.12 2.08
N ASN A 290 -43.04 29.51 3.35
CA ASN A 290 -44.03 30.49 3.83
C ASN A 290 -43.50 31.49 4.87
N LEU A 291 -42.19 31.58 5.11
CA LEU A 291 -41.53 32.63 5.90
C LEU A 291 -41.66 34.00 5.20
N ASP A 292 -41.90 35.08 5.93
CA ASP A 292 -41.86 36.46 5.41
C ASP A 292 -40.51 37.16 5.63
N GLN A 293 -39.81 37.44 4.52
CA GLN A 293 -38.52 38.13 4.45
C GLN A 293 -38.49 39.45 5.24
N SER A 294 -39.61 40.16 5.30
CA SER A 294 -39.77 41.44 5.98
C SER A 294 -39.60 41.39 7.50
N LYS A 295 -39.64 40.20 8.14
CA LYS A 295 -39.44 40.04 9.59
C LYS A 295 -37.98 40.01 10.05
N PHE A 296 -37.02 39.92 9.13
CA PHE A 296 -35.64 39.54 9.45
C PHE A 296 -34.64 40.71 9.52
N THR A 297 -35.11 41.95 9.60
CA THR A 297 -34.29 43.16 9.84
C THR A 297 -33.76 43.26 11.29
N LYS A 298 -33.07 42.22 11.80
CA LYS A 298 -32.28 42.22 13.05
C LYS A 298 -31.01 41.38 12.88
N ILE A 299 -29.87 41.88 13.36
CA ILE A 299 -28.58 41.17 13.35
C ILE A 299 -28.24 40.62 14.74
N ALA A 300 -27.73 39.40 14.80
CA ALA A 300 -27.34 38.68 16.02
C ALA A 300 -26.06 39.23 16.69
N SER A 301 -25.94 39.00 17.99
CA SER A 301 -24.97 39.67 18.88
C SER A 301 -23.50 39.43 18.50
N THR A 302 -23.14 38.25 18.03
CA THR A 302 -21.77 37.91 17.61
C THR A 302 -21.46 38.52 16.25
N SER A 303 -22.34 38.34 15.26
CA SER A 303 -22.18 38.91 13.92
C SER A 303 -22.20 40.44 13.88
N GLU A 304 -22.70 41.12 14.91
CA GLU A 304 -22.52 42.57 15.05
C GLU A 304 -21.09 42.98 15.45
N LYS A 305 -20.37 42.17 16.23
CA LYS A 305 -18.97 42.47 16.59
C LYS A 305 -17.99 42.23 15.45
N TYR A 306 -18.21 41.25 14.58
CA TYR A 306 -17.44 41.13 13.34
C TYR A 306 -17.66 42.30 12.37
N LEU A 307 -18.86 42.86 12.34
CA LEU A 307 -19.16 44.08 11.61
C LEU A 307 -18.42 45.31 12.18
N GLU A 308 -18.24 45.43 13.50
CA GLU A 308 -17.36 46.44 14.13
C GLU A 308 -15.87 46.26 13.77
N LYS A 309 -15.39 45.02 13.54
CA LYS A 309 -14.08 44.73 12.94
C LYS A 309 -14.03 44.96 11.42
N GLY A 310 -15.16 45.30 10.80
CA GLY A 310 -15.29 45.61 9.38
C GLY A 310 -15.49 44.43 8.43
N LEU A 311 -15.84 43.24 8.94
CA LEU A 311 -16.16 42.07 8.13
C LEU A 311 -17.67 41.84 8.08
N THR A 312 -18.27 41.85 6.90
CA THR A 312 -19.72 41.69 6.72
C THR A 312 -20.10 40.21 6.63
N ILE A 313 -21.29 39.82 7.11
CA ILE A 313 -21.86 38.47 6.98
C ILE A 313 -21.75 38.02 5.52
N SER A 314 -21.16 36.85 5.25
CA SER A 314 -21.24 36.25 3.91
C SER A 314 -22.68 35.77 3.67
N PRO A 315 -23.32 36.16 2.56
CA PRO A 315 -24.66 35.64 2.26
C PRO A 315 -24.73 34.12 2.14
N ARG A 316 -23.62 33.41 1.88
CA ARG A 316 -23.58 31.95 1.82
C ARG A 316 -23.50 31.31 3.21
N SER A 317 -22.95 32.03 4.17
CA SER A 317 -22.75 31.58 5.56
C SER A 317 -23.85 32.02 6.52
N ALA A 318 -24.79 32.86 6.06
CA ALA A 318 -25.86 33.42 6.88
C ALA A 318 -26.87 32.36 7.30
N PHE A 319 -27.25 32.36 8.57
CA PHE A 319 -28.36 31.58 9.13
C PHE A 319 -29.25 32.44 10.02
N ILE A 320 -30.43 31.97 10.34
CA ILE A 320 -31.37 32.62 11.26
C ILE A 320 -31.30 31.86 12.59
N ASN A 321 -31.02 32.52 13.71
CA ASN A 321 -31.03 31.83 15.01
C ASN A 321 -32.43 31.85 15.65
N GLU A 322 -32.53 31.29 16.85
CA GLU A 322 -33.77 31.08 17.61
C GLU A 322 -34.61 32.33 17.81
N ALA A 323 -34.01 33.51 17.94
CA ALA A 323 -34.68 34.75 18.33
C ALA A 323 -35.20 35.61 17.16
N GLY A 324 -35.26 35.06 15.94
CA GLY A 324 -35.69 35.81 14.75
C GLY A 324 -34.71 36.90 14.35
N GLU A 325 -33.43 36.54 14.24
CA GLU A 325 -32.33 37.44 13.94
C GLU A 325 -31.25 36.73 13.12
N ILE A 326 -30.56 37.48 12.26
CA ILE A 326 -29.61 36.98 11.27
C ILE A 326 -28.21 36.88 11.89
N ASP A 327 -27.57 35.73 11.73
CA ASP A 327 -26.27 35.34 12.27
C ASP A 327 -25.46 34.61 11.18
N SER A 328 -24.17 34.32 11.37
CA SER A 328 -23.42 33.57 10.36
C SER A 328 -22.29 32.71 10.94
N ASN A 329 -21.83 31.77 10.13
CA ASN A 329 -20.59 31.01 10.35
C ASN A 329 -19.48 31.45 9.37
N GLY A 330 -19.49 32.72 8.95
CA GLY A 330 -18.57 33.25 7.94
C GLY A 330 -18.77 34.73 7.62
N TRP A 331 -17.67 35.49 7.59
CA TRP A 331 -17.61 36.94 7.40
C TRP A 331 -16.45 37.33 6.49
N GLY A 332 -16.68 38.28 5.59
CA GLY A 332 -15.70 38.70 4.58
C GLY A 332 -15.40 40.20 4.61
N PRO A 333 -14.18 40.62 4.31
CA PRO A 333 -13.85 42.02 4.10
C PRO A 333 -14.32 42.53 2.73
N PRO A 334 -14.39 43.85 2.51
CA PRO A 334 -14.43 44.39 1.15
C PRO A 334 -13.15 44.00 0.39
N ASP A 335 -13.20 43.86 -0.93
CA ASP A 335 -12.11 43.29 -1.74
C ASP A 335 -10.79 44.08 -1.71
N GLU A 336 -10.83 45.40 -1.51
CA GLU A 336 -9.64 46.23 -1.27
C GLU A 336 -8.90 45.90 0.05
N TYR A 337 -9.50 45.10 0.94
CA TYR A 337 -9.00 44.72 2.26
C TYR A 337 -8.86 43.20 2.42
N ASN A 338 -9.12 42.40 1.38
CA ASN A 338 -8.77 40.98 1.34
C ASN A 338 -7.24 40.81 1.21
N THR A 339 -6.64 40.05 2.13
CA THR A 339 -5.19 39.77 2.17
C THR A 339 -4.76 38.63 1.26
N VAL A 340 -5.62 37.64 0.99
CA VAL A 340 -5.30 36.44 0.22
C VAL A 340 -5.31 36.74 -1.27
N THR A 341 -6.41 37.28 -1.80
CA THR A 341 -6.52 37.53 -3.25
C THR A 341 -5.62 38.65 -3.71
N SER A 342 -5.39 39.69 -2.91
CA SER A 342 -4.46 40.77 -3.28
C SER A 342 -3.02 40.29 -3.37
N ARG A 343 -2.59 39.39 -2.49
CA ARG A 343 -1.30 38.69 -2.60
C ARG A 343 -1.25 37.80 -3.84
N LEU A 344 -2.21 36.91 -4.06
CA LEU A 344 -2.21 36.06 -5.26
C LEU A 344 -2.29 36.86 -6.58
N ARG A 345 -3.01 37.98 -6.63
CA ARG A 345 -3.04 38.89 -7.78
C ARG A 345 -1.67 39.48 -8.04
N ARG A 346 -1.04 40.05 -7.01
CA ARG A 346 0.31 40.61 -7.09
C ARG A 346 1.32 39.56 -7.55
N ASP A 347 1.26 38.35 -7.00
CA ASP A 347 2.17 37.27 -7.42
C ASP A 347 1.96 36.78 -8.87
N ASN A 348 0.73 36.51 -9.29
CA ASN A 348 0.44 36.08 -10.67
C ASN A 348 0.74 37.16 -11.73
N SER A 349 0.64 38.43 -11.37
CA SER A 349 0.81 39.56 -12.29
C SER A 349 2.25 40.09 -12.40
N GLU A 350 3.13 39.77 -11.45
CA GLU A 350 4.51 40.29 -11.46
C GLU A 350 5.62 39.32 -11.03
N TYR A 351 5.36 38.27 -10.24
CA TYR A 351 6.40 37.28 -9.94
C TYR A 351 6.50 36.21 -11.03
N ARG A 352 5.38 35.75 -11.57
CA ARG A 352 5.38 34.74 -12.63
C ARG A 352 6.01 35.27 -13.91
N VAL A 353 6.84 34.47 -14.56
CA VAL A 353 7.07 34.58 -16.01
C VAL A 353 5.89 33.87 -16.70
N PHE A 354 5.45 34.37 -17.85
CA PHE A 354 4.10 34.06 -18.38
C PHE A 354 3.00 34.53 -17.41
N ASP A 355 3.08 35.80 -17.00
CA ASP A 355 2.18 36.49 -16.08
C ASP A 355 0.74 36.62 -16.60
N TYR A 356 -0.21 36.83 -15.68
CA TYR A 356 -1.63 37.10 -15.98
C TYR A 356 -2.29 37.99 -14.92
N ASP A 357 -3.33 38.74 -15.29
CA ASP A 357 -3.89 39.81 -14.45
C ASP A 357 -4.86 39.34 -13.35
N GLU A 358 -5.35 38.12 -13.44
CA GLU A 358 -6.23 37.46 -12.46
C GLU A 358 -5.48 37.04 -11.20
N TYR A 359 -6.23 36.67 -10.15
CA TYR A 359 -5.68 36.05 -8.93
C TYR A 359 -5.81 34.52 -8.87
N TYR A 360 -6.55 33.87 -9.78
CA TYR A 360 -6.82 32.44 -9.71
C TYR A 360 -5.56 31.59 -9.91
N SER A 361 -5.49 30.45 -9.24
CA SER A 361 -4.52 29.39 -9.52
C SER A 361 -4.83 28.69 -10.85
N ARG A 362 -3.81 28.14 -11.52
CA ARG A 362 -4.03 27.39 -12.76
C ARG A 362 -4.62 26.01 -12.52
N SER A 363 -5.49 25.57 -13.41
CA SER A 363 -6.07 24.22 -13.42
C SER A 363 -5.02 23.15 -13.66
N SER A 364 -5.26 21.91 -13.23
CA SER A 364 -4.40 20.76 -13.51
C SER A 364 -4.14 20.53 -15.01
N ASP A 365 -5.13 20.76 -15.89
CA ASP A 365 -4.96 20.68 -17.35
C ASP A 365 -4.11 21.80 -17.91
N ARG A 366 -4.21 23.03 -17.37
CA ARG A 366 -3.33 24.16 -17.68
C ARG A 366 -1.90 23.88 -17.25
N ILE A 367 -1.72 23.33 -16.05
CA ILE A 367 -0.40 22.98 -15.52
C ILE A 367 0.23 21.86 -16.35
N ALA A 368 -0.49 20.78 -16.67
CA ALA A 368 0.09 19.68 -17.44
C ALA A 368 0.48 20.09 -18.86
N ASN A 369 -0.39 20.78 -19.60
CA ASN A 369 -0.15 21.27 -20.96
C ASN A 369 0.79 22.48 -21.01
N GLY A 370 1.05 23.15 -19.90
CA GLY A 370 1.92 24.32 -19.84
C GLY A 370 1.30 25.58 -20.41
N THR A 371 0.01 25.85 -20.14
CA THR A 371 -0.73 26.99 -20.69
C THR A 371 -1.13 27.99 -19.61
N TYR A 372 -1.27 29.26 -19.99
CA TYR A 372 -1.40 30.40 -19.09
C TYR A 372 -2.46 31.40 -19.62
N PRO A 373 -3.32 31.99 -18.77
CA PRO A 373 -4.31 32.97 -19.19
C PRO A 373 -3.70 34.17 -19.93
N GLY A 374 -4.19 34.48 -21.13
CA GLY A 374 -3.66 35.57 -21.95
C GLY A 374 -2.43 35.21 -22.80
N TRP A 375 -2.01 33.96 -22.81
CA TRP A 375 -0.95 33.41 -23.65
C TRP A 375 -1.50 32.34 -24.57
N VAL A 376 -0.89 32.16 -25.74
CA VAL A 376 -1.22 31.07 -26.66
C VAL A 376 0.04 30.28 -27.03
N LYS A 377 -0.08 28.96 -27.06
CA LYS A 377 0.99 27.99 -27.29
C LYS A 377 0.92 27.44 -28.71
N GLU A 378 2.07 27.37 -29.37
CA GLU A 378 2.26 26.69 -30.65
C GLU A 378 3.36 25.64 -30.52
N ASP A 379 3.16 24.41 -31.00
CA ASP A 379 4.24 23.45 -31.16
C ASP A 379 5.15 23.82 -32.35
N VAL A 380 6.45 23.94 -32.10
CA VAL A 380 7.46 24.32 -33.09
C VAL A 380 8.53 23.26 -33.26
N SER A 381 8.26 22.03 -32.82
CA SER A 381 9.27 20.97 -32.65
C SER A 381 9.94 20.54 -33.96
N GLU A 382 9.31 20.72 -35.12
CA GLU A 382 9.73 20.22 -36.43
C GLU A 382 11.10 20.76 -36.92
N PRO A 383 11.33 22.09 -37.09
CA PRO A 383 12.66 22.64 -37.35
C PRO A 383 13.76 22.13 -36.40
N TYR A 384 13.48 22.07 -35.10
CA TYR A 384 14.44 21.60 -34.10
C TYR A 384 14.70 20.10 -34.21
N SER A 385 13.68 19.27 -34.51
CA SER A 385 13.81 17.83 -34.74
C SER A 385 14.64 17.48 -35.98
N LYS A 386 14.59 18.35 -36.99
CA LYS A 386 15.34 18.29 -38.23
C LYS A 386 16.79 18.77 -38.04
N LYS A 387 17.01 19.80 -37.22
CA LYS A 387 18.34 20.30 -36.86
C LYS A 387 19.09 19.33 -35.95
N TYR A 388 18.48 18.92 -34.85
CA TYR A 388 19.06 18.11 -33.78
C TYR A 388 18.69 16.62 -33.88
N ASN A 389 18.13 16.17 -35.00
CA ASN A 389 17.91 14.76 -35.33
C ASN A 389 17.24 13.95 -34.21
N PHE A 390 15.98 14.26 -33.90
CA PHE A 390 15.13 13.44 -33.03
C PHE A 390 13.79 13.14 -33.70
N LYS A 391 13.16 12.00 -33.40
CA LYS A 391 11.82 11.65 -33.88
C LYS A 391 10.75 12.27 -32.97
N ALA A 392 9.51 12.37 -33.42
CA ALA A 392 8.42 12.79 -32.53
C ALA A 392 8.18 11.84 -31.34
N SER A 393 8.54 10.58 -31.47
CA SER A 393 8.45 9.57 -30.41
C SER A 393 9.59 9.63 -29.39
N ASP A 394 10.66 10.40 -29.62
CA ASP A 394 11.83 10.43 -28.74
C ASP A 394 11.66 11.25 -27.44
N GLY A 395 10.52 11.93 -27.24
CA GLY A 395 10.16 12.53 -25.95
C GLY A 395 10.77 13.92 -25.68
N ILE A 396 11.35 14.52 -26.71
CA ILE A 396 11.88 15.89 -26.76
C ILE A 396 10.84 16.72 -27.54
N ARG A 397 10.41 17.88 -27.01
CA ARG A 397 9.52 18.84 -27.69
C ARG A 397 9.97 20.29 -27.49
N PHE A 398 9.74 21.14 -28.49
CA PHE A 398 9.87 22.58 -28.40
C PHE A 398 8.53 23.25 -28.68
N SER A 399 8.09 24.18 -27.84
CA SER A 399 6.88 24.96 -28.05
C SER A 399 7.13 26.44 -27.82
N LYS A 400 6.41 27.29 -28.54
CA LYS A 400 6.47 28.75 -28.46
C LYS A 400 5.25 29.25 -27.70
N LEU A 401 5.43 30.10 -26.70
CA LEU A 401 4.36 30.88 -26.07
C LEU A 401 4.45 32.31 -26.58
N GLU A 402 3.32 32.95 -26.91
CA GLU A 402 3.21 34.39 -27.16
C GLU A 402 1.99 35.01 -26.45
N ARG A 403 2.14 36.23 -25.91
CA ARG A 403 1.09 36.97 -25.21
C ARG A 403 0.06 37.49 -26.23
N ILE A 404 -1.23 37.24 -26.03
CA ILE A 404 -2.29 37.49 -27.02
C ILE A 404 -2.45 38.98 -27.32
N ASN A 405 -2.47 39.83 -26.29
CA ASN A 405 -2.21 41.26 -26.43
C ASN A 405 -0.76 41.53 -26.02
N PRO A 406 0.16 41.86 -26.95
CA PRO A 406 1.54 42.17 -26.59
C PRO A 406 1.64 43.48 -25.80
N ASN A 407 2.75 43.65 -25.13
CA ASN A 407 3.03 44.74 -24.21
C ASN A 407 4.34 45.47 -24.61
N PRO A 408 4.27 46.48 -25.50
CA PRO A 408 5.43 47.24 -25.96
C PRO A 408 6.11 48.11 -24.90
N ALA A 409 5.42 48.42 -23.79
CA ALA A 409 5.82 49.46 -22.85
C ALA A 409 7.10 49.15 -22.03
N LYS A 410 7.50 47.88 -21.93
CA LYS A 410 8.77 47.42 -21.36
C LYS A 410 9.22 46.13 -22.05
N GLY A 411 10.45 46.09 -22.55
CA GLY A 411 10.97 45.04 -23.44
C GLY A 411 11.26 43.66 -22.83
N LYS A 412 10.73 43.37 -21.65
CA LYS A 412 11.13 42.27 -20.77
C LYS A 412 10.78 40.87 -21.29
N LEU A 413 9.54 40.62 -21.72
CA LEU A 413 9.10 39.37 -22.39
C LEU A 413 7.72 39.51 -23.05
N ASN A 414 7.60 39.18 -24.35
CA ASN A 414 6.31 39.01 -25.06
C ASN A 414 6.13 37.63 -25.71
N SER A 415 7.22 36.91 -25.96
CA SER A 415 7.22 35.54 -26.47
C SER A 415 8.41 34.75 -25.94
N GLY A 416 8.25 33.44 -25.76
CA GLY A 416 9.28 32.58 -25.20
C GLY A 416 9.27 31.18 -25.78
N LEU A 417 10.44 30.66 -26.08
CA LEU A 417 10.68 29.28 -26.46
C LEU A 417 10.75 28.40 -25.20
N VAL A 418 10.06 27.28 -25.21
CA VAL A 418 9.92 26.35 -24.09
C VAL A 418 10.39 24.97 -24.53
N LEU A 419 11.26 24.34 -23.75
CA LEU A 419 11.78 22.98 -23.99
C LEU A 419 11.13 22.01 -23.00
N ASP A 420 10.47 20.98 -23.54
CA ASP A 420 9.75 19.89 -22.88
C ASP A 420 10.58 18.60 -23.04
N LEU A 421 11.06 18.05 -21.92
CA LEU A 421 11.83 16.79 -21.84
C LEU A 421 11.07 15.77 -20.98
N ASP A 422 10.46 14.78 -21.62
CA ASP A 422 9.82 13.66 -20.92
C ASP A 422 10.88 12.59 -20.58
N VAL A 423 11.50 12.72 -19.41
CA VAL A 423 12.60 11.84 -18.98
C VAL A 423 12.14 10.46 -18.49
N SER A 424 10.85 10.13 -18.60
CA SER A 424 10.40 8.74 -18.55
C SER A 424 10.78 7.98 -19.83
N ASN A 425 10.97 8.70 -20.95
CA ASN A 425 11.59 8.17 -22.15
C ASN A 425 13.10 7.95 -21.90
N ASP A 426 13.76 7.11 -22.68
CA ASP A 426 15.17 6.79 -22.48
C ASP A 426 16.06 7.40 -23.55
N GLU A 427 15.50 7.87 -24.67
CA GLU A 427 16.18 8.74 -25.62
C GLU A 427 16.26 10.18 -25.07
N ALA A 428 15.13 10.76 -24.62
CA ALA A 428 15.15 12.07 -23.98
C ALA A 428 16.06 12.13 -22.75
N TYR A 429 16.11 11.09 -21.92
CA TYR A 429 17.03 11.08 -20.77
C TYR A 429 18.49 10.99 -21.21
N ARG A 430 18.83 10.06 -22.12
CA ARG A 430 20.16 9.93 -22.74
C ARG A 430 20.65 11.22 -23.37
N ARG A 431 19.78 11.92 -24.11
CA ARG A 431 20.14 13.11 -24.89
C ARG A 431 19.93 14.43 -24.16
N SER A 432 19.18 14.50 -23.07
CA SER A 432 18.86 15.74 -22.37
C SER A 432 20.08 16.60 -22.09
N LYS A 433 21.15 16.06 -21.48
CA LYS A 433 22.38 16.81 -21.22
C LYS A 433 23.08 17.28 -22.50
N GLU A 434 23.07 16.46 -23.56
CA GLU A 434 23.69 16.80 -24.84
C GLU A 434 22.91 17.91 -25.54
N LEU A 435 21.59 17.83 -25.54
CA LEU A 435 20.70 18.80 -26.15
C LEU A 435 20.71 20.13 -25.40
N ILE A 436 20.66 20.11 -24.07
CA ILE A 436 20.76 21.31 -23.24
C ILE A 436 22.07 22.06 -23.53
N GLU A 437 23.19 21.36 -23.79
CA GLU A 437 24.44 22.01 -24.18
C GLU A 437 24.52 22.42 -25.66
N LYS A 438 24.00 21.64 -26.62
CA LYS A 438 23.97 22.03 -28.03
C LYS A 438 23.10 23.28 -28.27
N LEU A 439 21.96 23.41 -27.59
CA LEU A 439 21.18 24.65 -27.64
C LEU A 439 21.95 25.84 -27.03
N GLN A 440 22.73 25.64 -25.97
CA GLN A 440 23.52 26.73 -25.38
C GLN A 440 24.66 27.23 -26.27
N LYS A 441 25.51 26.38 -26.83
CA LYS A 441 26.60 26.84 -27.72
C LYS A 441 26.12 27.35 -29.07
N ASP A 442 24.95 26.90 -29.54
CA ASP A 442 24.26 27.52 -30.68
C ASP A 442 23.58 28.86 -30.34
N GLY A 443 23.45 29.20 -29.07
CA GLY A 443 22.93 30.49 -28.60
C GLY A 443 21.44 30.67 -28.78
N GLU A 444 20.67 29.60 -28.97
CA GLU A 444 19.22 29.64 -28.89
C GLU A 444 18.76 29.73 -27.43
N GLN A 445 17.87 30.67 -27.10
CA GLN A 445 17.51 31.05 -25.73
C GLN A 445 16.20 30.37 -25.33
N ILE A 446 16.18 29.66 -24.19
CA ILE A 446 14.99 28.98 -23.66
C ILE A 446 14.43 29.77 -22.46
N THR A 447 13.16 30.13 -22.49
CA THR A 447 12.46 30.81 -21.38
C THR A 447 11.99 29.81 -20.32
N SER A 448 11.58 28.60 -20.71
CA SER A 448 11.21 27.57 -19.75
C SER A 448 11.80 26.23 -20.14
N TYR A 449 12.49 25.60 -19.21
CA TYR A 449 12.77 24.17 -19.26
C TYR A 449 11.70 23.46 -18.45
N ARG A 450 11.07 22.41 -19.00
CA ARG A 450 10.10 21.54 -18.31
C ARG A 450 10.65 20.11 -18.32
N ILE A 451 10.98 19.56 -17.16
CA ILE A 451 11.49 18.20 -17.01
C ILE A 451 10.37 17.35 -16.42
N LYS A 452 9.83 16.40 -17.18
CA LYS A 452 8.61 15.65 -16.84
C LYS A 452 8.90 14.22 -16.46
N ASN A 453 8.16 13.69 -15.48
CA ASN A 453 8.24 12.32 -14.99
C ASN A 453 9.58 11.95 -14.36
N MET A 454 10.18 12.85 -13.60
CA MET A 454 11.46 12.60 -12.94
C MET A 454 11.29 11.46 -11.92
N GLY A 455 12.02 10.36 -12.07
CA GLY A 455 11.93 9.22 -11.16
C GLY A 455 10.76 8.27 -11.39
N GLU A 456 9.97 8.44 -12.45
CA GLU A 456 8.77 7.61 -12.67
C GLU A 456 9.11 6.15 -13.03
N LYS A 457 10.07 5.93 -13.92
CA LYS A 457 10.55 4.60 -14.35
C LYS A 457 11.51 3.96 -13.35
N ASN A 458 12.49 4.71 -12.87
CA ASN A 458 13.52 4.28 -11.94
C ASN A 458 13.69 5.33 -10.84
N SER A 459 13.48 4.97 -9.58
CA SER A 459 13.39 5.95 -8.49
C SER A 459 14.73 6.53 -8.02
N ASP A 460 15.83 5.87 -8.33
CA ASP A 460 17.20 6.29 -8.04
C ASP A 460 17.83 7.10 -9.19
N GLN A 461 17.09 7.37 -10.26
CA GLN A 461 17.52 8.12 -11.45
C GLN A 461 18.11 9.49 -11.08
N ALA A 462 19.37 9.73 -11.46
CA ALA A 462 20.10 10.93 -11.09
C ALA A 462 19.83 12.10 -12.05
N PHE A 463 19.85 13.32 -11.53
CA PHE A 463 19.64 14.55 -12.31
C PHE A 463 20.68 15.65 -12.06
N LYS A 464 21.61 15.52 -11.10
CA LYS A 464 22.63 16.54 -10.80
C LYS A 464 23.50 16.89 -12.01
N ASP A 465 23.77 15.95 -12.92
CA ASP A 465 24.51 16.17 -14.17
C ASP A 465 23.71 16.92 -15.25
N ILE A 466 22.38 16.80 -15.24
CA ILE A 466 21.46 17.44 -16.19
C ILE A 466 21.09 18.85 -15.71
N LEU A 467 20.64 18.98 -14.46
CA LEU A 467 20.34 20.27 -13.85
C LEU A 467 21.58 21.16 -13.76
N GLY A 468 22.76 20.58 -13.53
CA GLY A 468 24.04 21.30 -13.58
C GLY A 468 24.50 21.72 -14.98
N ALA A 469 23.96 21.15 -16.05
CA ALA A 469 24.25 21.54 -17.44
C ALA A 469 23.41 22.71 -17.95
N LEU A 470 22.25 22.97 -17.33
CA LEU A 470 21.39 24.11 -17.64
C LEU A 470 22.13 25.45 -17.41
N PRO A 471 21.72 26.56 -18.07
CA PRO A 471 22.36 27.86 -17.92
C PRO A 471 22.49 28.34 -16.46
N LYS A 472 23.48 29.18 -16.18
CA LYS A 472 23.65 29.83 -14.86
C LYS A 472 22.55 30.83 -14.51
N ASP A 473 21.80 31.25 -15.52
CA ASP A 473 20.75 32.26 -15.51
C ASP A 473 19.52 31.78 -16.32
N ILE A 474 18.44 31.43 -15.65
CA ILE A 474 17.25 30.76 -16.22
C ILE A 474 15.98 31.54 -15.88
N GLN A 475 15.10 31.77 -16.85
CA GLN A 475 13.79 32.39 -16.61
C GLN A 475 12.88 31.49 -15.76
N GLN A 476 12.54 30.29 -16.25
CA GLN A 476 11.67 29.31 -15.58
C GLN A 476 12.25 27.90 -15.60
N LEU A 477 12.04 27.16 -14.52
CA LEU A 477 12.27 25.72 -14.44
C LEU A 477 11.04 25.04 -13.84
N GLU A 478 10.36 24.18 -14.59
CA GLU A 478 9.30 23.31 -14.07
C GLU A 478 9.85 21.89 -13.94
N LEU A 479 9.84 21.35 -12.72
CA LEU A 479 10.24 19.97 -12.44
C LEU A 479 9.01 19.20 -11.99
N PHE A 480 8.64 18.14 -12.71
CA PHE A 480 7.53 17.26 -12.35
C PHE A 480 8.06 15.95 -11.78
N PHE A 481 8.14 15.86 -10.45
CA PHE A 481 8.63 14.69 -9.73
C PHE A 481 7.56 13.61 -9.59
N SER A 482 7.96 12.36 -9.67
CA SER A 482 7.08 11.23 -9.38
C SER A 482 7.00 10.95 -7.88
N ASP A 483 5.81 10.71 -7.32
CA ASP A 483 5.61 10.49 -5.87
C ASP A 483 5.85 9.04 -5.42
N LYS A 484 6.02 8.10 -6.38
CA LYS A 484 6.58 6.76 -6.16
C LYS A 484 8.10 6.77 -6.00
N ALA A 485 8.78 7.81 -6.49
CA ALA A 485 10.18 8.08 -6.16
C ALA A 485 10.30 9.00 -4.95
N THR A 486 9.61 10.15 -4.99
CA THR A 486 9.80 11.30 -4.08
C THR A 486 11.28 11.68 -3.91
N ASN A 487 12.04 11.62 -5.01
CA ASN A 487 13.49 11.79 -5.00
C ASN A 487 13.87 13.19 -5.48
N THR A 488 13.80 14.17 -4.57
CA THR A 488 14.19 15.58 -4.75
C THR A 488 15.66 15.87 -4.41
N ALA A 489 16.54 14.86 -4.43
CA ALA A 489 17.93 14.96 -3.97
C ALA A 489 18.86 15.85 -4.84
N SER A 490 18.46 16.21 -6.06
CA SER A 490 19.25 17.09 -6.93
C SER A 490 19.26 18.55 -6.45
N LEU A 491 20.43 19.21 -6.51
CA LEU A 491 20.69 20.50 -5.88
C LEU A 491 21.25 21.52 -6.89
N ILE A 492 20.75 22.74 -6.85
CA ILE A 492 20.87 23.78 -7.90
C ILE A 492 21.32 25.14 -7.33
N ALA A 493 22.10 25.13 -6.24
CA ALA A 493 22.46 26.35 -5.51
C ALA A 493 23.51 27.27 -6.17
N LEU A 494 24.56 26.73 -6.77
CA LEU A 494 25.78 27.47 -7.16
C LEU A 494 25.59 28.23 -8.50
N GLU A 495 24.42 28.84 -8.68
CA GLU A 495 23.97 29.52 -9.88
C GLU A 495 23.85 31.04 -9.66
N ASN A 496 23.54 31.82 -10.72
CA ASN A 496 23.19 33.24 -10.56
C ASN A 496 21.69 33.42 -10.33
N LYS A 497 20.81 32.78 -11.11
CA LYS A 497 19.38 33.15 -11.08
C LYS A 497 18.38 32.12 -11.61
N ASN A 498 17.30 31.88 -10.86
CA ASN A 498 15.97 31.54 -11.38
C ASN A 498 15.14 32.81 -11.30
N ILE A 499 14.77 33.40 -12.45
CA ILE A 499 14.20 34.75 -12.58
C ILE A 499 12.71 34.74 -12.18
N LYS A 500 12.49 34.64 -10.87
CA LYS A 500 11.19 34.58 -10.22
C LYS A 500 10.34 33.36 -10.56
N GLU A 501 10.96 32.21 -10.88
CA GLU A 501 10.21 30.98 -11.08
C GLU A 501 11.04 29.70 -10.85
N LEU A 502 10.62 28.93 -9.87
CA LEU A 502 10.84 27.50 -9.77
C LEU A 502 9.50 26.86 -9.46
N SER A 503 9.08 25.88 -10.25
CA SER A 503 7.87 25.11 -9.99
C SER A 503 8.22 23.68 -9.61
N LEU A 504 7.89 23.31 -8.38
CA LEU A 504 8.07 21.97 -7.84
C LEU A 504 6.70 21.28 -7.85
N TYR A 505 6.48 20.40 -8.82
CA TYR A 505 5.19 19.83 -9.17
C TYR A 505 5.21 18.30 -9.08
N THR A 506 4.06 17.67 -8.87
CA THR A 506 3.88 16.22 -9.09
C THR A 506 2.50 15.98 -9.70
N SER A 507 2.29 14.83 -10.32
CA SER A 507 0.97 14.33 -10.69
C SER A 507 0.48 13.20 -9.78
N GLY A 508 0.89 13.21 -8.50
CA GLY A 508 0.57 12.20 -7.47
C GLY A 508 0.12 12.81 -6.13
N ASN A 509 0.35 12.15 -5.01
CA ASN A 509 0.06 12.69 -3.68
C ASN A 509 1.15 13.68 -3.24
N SER A 510 0.80 14.96 -3.20
CA SER A 510 1.70 16.08 -2.90
C SER A 510 1.78 16.51 -1.43
N LEU A 511 1.09 15.82 -0.52
CA LEU A 511 1.11 16.12 0.92
C LEU A 511 1.48 14.88 1.77
N LYS A 512 2.22 13.98 1.15
CA LYS A 512 2.93 12.84 1.74
C LYS A 512 4.13 13.33 2.58
N LYS A 513 4.34 12.79 3.80
CA LYS A 513 5.35 13.28 4.75
C LYS A 513 6.80 13.11 4.26
N ALA A 514 7.06 12.09 3.46
CA ALA A 514 8.26 11.93 2.68
C ALA A 514 8.25 12.81 1.41
N TRP A 515 8.18 14.12 1.56
CA TRP A 515 8.56 15.13 0.57
C TRP A 515 9.51 16.09 1.26
N SER A 516 10.72 16.24 0.74
CA SER A 516 11.74 17.11 1.33
C SER A 516 12.32 18.06 0.31
N TYR A 517 12.87 19.18 0.77
CA TYR A 517 13.78 20.01 0.00
C TYR A 517 14.99 20.32 0.86
N ASN A 518 16.13 20.53 0.22
CA ASN A 518 17.26 21.14 0.88
C ASN A 518 17.05 22.66 0.85
N PRO A 519 17.00 23.38 1.99
CA PRO A 519 16.75 24.81 1.94
C PRO A 519 17.88 25.59 1.25
N LEU A 520 19.11 25.09 1.25
CA LEU A 520 20.24 25.68 0.53
C LEU A 520 20.12 25.55 -0.99
N ALA A 521 19.35 24.59 -1.52
CA ALA A 521 19.14 24.41 -2.95
C ALA A 521 18.34 25.54 -3.63
N LEU A 522 17.75 26.46 -2.87
CA LEU A 522 16.92 27.54 -3.38
C LEU A 522 17.58 28.91 -3.24
N ARG A 523 18.88 29.00 -2.89
CA ARG A 523 19.52 30.23 -2.41
C ARG A 523 19.35 31.44 -3.33
N ASN A 524 19.47 31.22 -4.63
CA ASN A 524 19.35 32.24 -5.69
C ASN A 524 18.18 31.94 -6.66
N THR A 525 17.10 31.37 -6.10
CA THR A 525 15.77 31.35 -6.70
C THR A 525 14.93 32.47 -6.11
N THR A 526 14.38 33.35 -6.96
CA THR A 526 13.66 34.55 -6.51
C THR A 526 12.24 34.25 -5.98
N TRP A 527 11.54 33.27 -6.55
CA TRP A 527 10.17 32.89 -6.17
C TRP A 527 9.87 31.43 -6.53
N ILE A 528 9.51 30.61 -5.54
CA ILE A 528 9.10 29.22 -5.76
C ILE A 528 7.58 29.20 -5.83
N ASN A 529 7.01 28.57 -6.85
CA ASN A 529 5.58 28.59 -7.11
C ASN A 529 4.81 27.84 -6.02
N THR A 530 3.93 28.60 -5.38
CA THR A 530 3.12 28.25 -4.20
C THR A 530 1.62 28.39 -4.44
N ILE A 531 1.28 29.08 -5.53
CA ILE A 531 -0.01 29.07 -6.21
C ILE A 531 -0.09 27.75 -7.00
N ASP A 532 -1.10 27.49 -7.82
CA ASP A 532 -1.23 26.20 -8.53
C ASP A 532 -1.35 25.00 -7.58
N TYR A 533 -2.01 25.23 -6.44
CA TYR A 533 -2.35 24.25 -5.41
C TYR A 533 -3.73 23.65 -5.68
N ASN A 534 -3.77 22.37 -6.08
CA ASN A 534 -4.94 21.72 -6.66
C ASN A 534 -5.31 20.41 -5.93
N VAL A 535 -5.32 20.43 -4.59
CA VAL A 535 -5.71 19.26 -3.77
C VAL A 535 -7.10 19.45 -3.16
N SER A 536 -7.99 18.50 -3.43
CA SER A 536 -9.32 18.42 -2.79
C SER A 536 -9.85 16.98 -2.74
N ALA A 537 -10.71 16.71 -1.77
CA ALA A 537 -11.42 15.44 -1.60
C ALA A 537 -12.44 15.14 -2.71
N GLU A 538 -12.84 16.16 -3.47
CA GLU A 538 -13.96 16.11 -4.43
C GLU A 538 -13.56 15.67 -5.84
N TYR A 539 -12.27 15.61 -6.15
CA TYR A 539 -11.78 14.90 -7.35
C TYR A 539 -12.15 13.41 -7.33
N SER A 540 -12.32 12.82 -8.50
CA SER A 540 -12.38 11.36 -8.63
C SER A 540 -11.08 10.72 -8.13
N SER A 541 -11.14 9.56 -7.50
CA SER A 541 -9.97 8.69 -7.46
C SER A 541 -9.63 8.19 -8.87
N HIS A 542 -8.40 7.77 -9.10
CA HIS A 542 -7.96 7.16 -10.36
C HIS A 542 -8.10 8.08 -11.60
N ASP A 543 -7.75 9.35 -11.44
CA ASP A 543 -7.26 10.22 -12.51
C ASP A 543 -6.07 11.07 -12.01
N LYS A 544 -5.19 11.47 -12.94
CA LYS A 544 -3.96 12.19 -12.63
C LYS A 544 -4.28 13.68 -12.50
N ILE A 545 -4.00 14.25 -11.34
CA ILE A 545 -4.15 15.68 -11.04
C ILE A 545 -2.77 16.24 -10.69
N THR A 546 -2.43 17.41 -11.21
CA THR A 546 -1.12 18.05 -11.01
C THR A 546 -1.22 19.24 -10.07
N THR A 547 -0.28 19.36 -9.14
CA THR A 547 -0.28 20.40 -8.10
C THR A 547 1.14 20.71 -7.63
N ARG A 548 1.36 21.88 -7.02
CA ARG A 548 2.60 22.16 -6.28
C ARG A 548 2.73 21.26 -5.05
N ILE A 549 3.95 20.84 -4.72
CA ILE A 549 4.21 20.01 -3.54
C ILE A 549 4.07 20.83 -2.26
N THR A 550 3.50 20.24 -1.21
CA THR A 550 3.60 20.74 0.17
C THR A 550 4.79 20.10 0.84
N PHE A 551 5.68 20.92 1.39
CA PHE A 551 6.85 20.46 2.12
C PHE A 551 6.76 20.83 3.58
N ASN A 552 6.75 19.84 4.46
CA ASN A 552 6.92 20.04 5.90
C ASN A 552 8.31 19.58 6.42
N THR A 553 9.21 19.15 5.53
CA THR A 553 10.55 18.64 5.87
C THR A 553 11.65 19.52 5.28
N LEU A 554 12.70 19.77 6.07
CA LEU A 554 13.99 20.24 5.61
C LEU A 554 15.00 19.08 5.64
N ALA A 555 15.62 18.75 4.52
CA ALA A 555 16.57 17.64 4.39
C ALA A 555 17.93 18.11 3.89
N PHE A 556 18.96 18.12 4.73
CA PHE A 556 20.32 18.51 4.36
C PHE A 556 21.08 17.34 3.72
N ASP A 557 22.03 17.64 2.82
CA ASP A 557 22.81 16.65 2.09
C ASP A 557 24.24 16.52 2.65
N GLN A 558 25.00 15.53 2.24
CA GLN A 558 26.29 15.20 2.87
C GLN A 558 27.34 16.32 2.75
N GLU A 559 27.38 17.02 1.62
CA GLU A 559 28.28 18.14 1.34
C GLU A 559 27.99 19.43 2.15
N ASP A 560 26.97 19.41 3.03
CA ASP A 560 26.59 20.52 3.91
C ASP A 560 27.22 20.43 5.33
N PHE A 561 28.14 19.49 5.56
CA PHE A 561 28.71 19.19 6.87
C PHE A 561 30.18 18.71 6.77
N SER A 562 31.03 19.42 6.03
CA SER A 562 32.36 18.91 5.64
C SER A 562 33.35 18.81 6.81
N ASN A 563 33.55 19.89 7.59
CA ASN A 563 34.70 20.00 8.52
C ASN A 563 34.35 19.86 10.01
N GLY A 564 33.23 19.21 10.34
CA GLY A 564 32.62 19.27 11.66
C GLY A 564 31.94 20.58 11.98
N SER A 565 31.91 21.53 11.05
CA SER A 565 31.23 22.80 11.12
C SER A 565 29.73 22.65 11.07
N TYR A 566 28.98 23.49 11.77
CA TYR A 566 27.51 23.49 11.74
C TYR A 566 27.00 24.79 11.08
N GLU A 567 27.90 25.52 10.43
CA GLU A 567 27.66 26.83 9.82
C GLU A 567 26.67 26.80 8.65
N ARG A 568 26.89 25.93 7.65
CA ARG A 568 26.04 25.84 6.46
C ARG A 568 24.61 25.39 6.80
N ILE A 569 24.44 24.53 7.81
CA ILE A 569 23.13 24.11 8.29
C ILE A 569 22.42 25.25 9.02
N ASN A 570 23.05 25.97 9.95
CA ASN A 570 22.41 27.10 10.63
C ASN A 570 22.00 28.25 9.70
N ASP A 571 22.75 28.49 8.62
CA ASP A 571 22.34 29.37 7.51
C ASP A 571 21.09 28.80 6.82
N GLY A 572 21.15 27.57 6.31
CA GLY A 572 20.02 26.96 5.61
C GLY A 572 18.75 26.87 6.47
N LEU A 573 18.89 26.65 7.77
CA LEU A 573 17.80 26.50 8.73
C LEU A 573 17.09 27.82 9.00
N ARG A 574 17.84 28.90 9.25
CA ARG A 574 17.32 30.25 9.45
C ARG A 574 16.77 30.87 8.17
N MET A 575 17.21 30.44 6.97
CA MET A 575 16.63 30.86 5.70
C MET A 575 15.12 30.66 5.68
N VAL A 576 14.70 29.46 6.04
CA VAL A 576 13.30 29.07 6.10
C VAL A 576 12.60 29.64 7.33
N TYR A 577 13.22 29.48 8.50
CA TYR A 577 12.58 29.82 9.76
C TYR A 577 12.49 31.32 10.04
N TYR A 578 13.28 32.20 9.41
CA TYR A 578 13.22 33.66 9.65
C TYR A 578 13.63 34.55 8.47
N ALA A 579 14.70 34.27 7.74
CA ALA A 579 15.23 35.23 6.75
C ALA A 579 14.35 35.34 5.48
N ARG A 580 13.64 34.29 5.09
CA ARG A 580 12.65 34.28 3.99
C ARG A 580 11.26 33.83 4.46
N ASN A 581 11.01 33.79 5.77
CA ASN A 581 9.80 33.22 6.34
C ASN A 581 8.51 33.93 5.90
N ASN A 582 8.53 35.22 5.58
CA ASN A 582 7.30 35.91 5.19
C ASN A 582 6.76 35.46 3.81
N GLU A 583 7.54 34.72 3.02
CA GLU A 583 7.13 34.12 1.75
C GLU A 583 6.32 32.83 1.96
N PRO A 584 5.30 32.53 1.13
CA PRO A 584 4.43 31.36 1.32
C PRO A 584 5.10 29.99 1.26
N PHE A 585 6.13 29.81 0.44
CA PHE A 585 6.79 28.49 0.29
C PHE A 585 7.53 28.06 1.56
N PHE A 586 8.17 29.01 2.24
CA PHE A 586 8.93 28.75 3.47
C PHE A 586 8.06 28.58 4.71
N GLN A 587 6.73 28.65 4.56
CA GLN A 587 5.77 28.48 5.65
C GLN A 587 5.27 27.04 5.82
N GLY A 588 5.64 26.11 4.94
CA GLY A 588 5.08 24.76 4.96
C GLY A 588 3.58 24.72 4.61
N GLY A 589 2.90 23.65 4.98
CA GLY A 589 1.50 23.36 4.60
C GLY A 589 0.40 24.13 5.32
N HIS A 590 0.66 24.90 6.35
CA HIS A 590 -0.36 25.63 7.12
C HIS A 590 -0.46 27.14 6.77
N GLY A 591 0.55 27.74 6.17
CA GLY A 591 0.49 29.12 5.69
C GLY A 591 0.70 30.21 6.77
N PRO A 592 0.23 31.44 6.52
CA PRO A 592 0.51 32.60 7.35
C PRO A 592 -0.19 32.62 8.72
N GLY A 593 0.27 33.50 9.60
CA GLY A 593 -0.42 33.99 10.78
C GLY A 593 -1.17 35.31 10.51
N LEU A 594 -1.43 36.12 11.53
CA LEU A 594 -2.14 37.40 11.37
C LEU A 594 -1.33 38.52 10.71
N GLU A 595 0.00 38.48 10.77
CA GLU A 595 0.91 39.51 10.23
C GLU A 595 2.28 38.94 9.79
N PRO A 596 2.36 38.26 8.63
CA PRO A 596 3.51 37.44 8.19
C PRO A 596 4.86 38.14 8.06
N ASP A 597 4.83 39.44 7.84
CA ASP A 597 5.99 40.29 7.62
C ASP A 597 6.61 40.84 8.92
N LYS A 598 5.80 40.99 9.98
CA LYS A 598 6.23 41.50 11.29
C LYS A 598 6.55 40.37 12.25
N LYS A 599 5.52 39.64 12.69
CA LYS A 599 5.62 38.60 13.71
C LYS A 599 5.92 37.25 13.06
N LEU A 600 7.13 37.07 12.55
CA LEU A 600 7.60 35.84 11.91
C LEU A 600 7.32 34.60 12.77
N GLY A 601 7.38 34.71 14.09
CA GLY A 601 7.06 33.67 15.06
C GLY A 601 5.64 33.07 14.99
N GLN A 602 4.61 33.87 14.71
CA GLN A 602 3.20 33.40 14.66
C GLN A 602 2.86 32.61 13.38
N ASN A 603 3.76 32.59 12.41
CA ASN A 603 3.60 31.94 11.12
C ASN A 603 4.02 30.47 11.14
N SER A 604 3.51 29.67 10.21
CA SER A 604 3.94 28.29 10.02
C SER A 604 5.34 28.18 9.41
N TYR A 605 5.98 27.02 9.59
CA TYR A 605 7.31 26.66 9.14
C TYR A 605 7.38 25.13 8.98
N PRO A 606 8.27 24.55 8.16
CA PRO A 606 8.43 23.10 8.08
C PRO A 606 8.99 22.52 9.38
N THR A 607 8.15 21.79 10.09
CA THR A 607 8.37 21.23 11.43
C THR A 607 9.16 19.91 11.45
N GLY A 608 9.57 19.36 10.30
CA GLY A 608 10.45 18.20 10.21
C GLY A 608 11.90 18.54 9.87
N LEU A 609 12.85 17.81 10.48
CA LEU A 609 14.26 17.77 10.08
C LEU A 609 14.69 16.36 9.71
N ASP A 610 15.27 16.20 8.52
CA ASP A 610 15.87 14.95 8.07
C ASP A 610 17.40 15.10 7.90
N PHE A 611 18.16 14.27 8.60
CA PHE A 611 19.60 14.16 8.51
C PHE A 611 20.08 12.80 7.96
N SER A 612 19.22 12.01 7.32
CA SER A 612 19.56 10.71 6.75
C SER A 612 20.70 10.71 5.73
N ARG A 613 20.90 11.79 4.98
CA ARG A 613 22.00 11.90 4.01
C ARG A 613 23.32 12.35 4.64
N VAL A 614 23.32 12.87 5.88
CA VAL A 614 24.48 13.53 6.50
C VAL A 614 24.87 12.81 7.79
N THR A 615 25.83 11.90 7.66
CA THR A 615 26.01 10.78 8.60
C THR A 615 26.64 11.15 9.94
N GLY A 616 27.24 12.34 10.07
CA GLY A 616 27.89 12.76 11.32
C GLY A 616 26.96 13.28 12.41
N ILE A 617 25.76 13.74 12.07
CA ILE A 617 24.81 14.35 13.01
C ILE A 617 24.07 13.28 13.81
N LYS A 618 24.09 13.39 15.14
CA LYS A 618 23.46 12.43 16.07
C LYS A 618 22.40 13.05 16.97
N SER A 619 22.26 14.36 16.96
CA SER A 619 21.57 15.16 17.97
C SER A 619 21.20 16.53 17.41
N LEU A 620 20.42 17.32 18.14
CA LEU A 620 20.27 18.77 17.88
C LEU A 620 21.46 19.61 18.41
N LYS A 621 22.64 19.01 18.69
CA LYS A 621 23.84 19.77 19.08
C LYS A 621 24.23 20.76 17.97
N GLY A 622 24.54 21.99 18.33
CA GLY A 622 25.06 23.01 17.41
C GLY A 622 24.02 23.64 16.50
N LEU A 623 22.73 23.36 16.68
CA LEU A 623 21.62 23.86 15.86
C LEU A 623 20.80 24.93 16.61
N ARG A 624 20.55 26.07 15.97
CA ARG A 624 19.83 27.22 16.52
C ARG A 624 18.43 27.34 15.92
N PHE A 625 17.40 27.52 16.76
CA PHE A 625 15.99 27.59 16.34
C PHE A 625 15.34 28.94 16.66
N ASP A 626 16.12 29.99 16.94
CA ASP A 626 15.65 31.37 17.06
C ASP A 626 16.55 32.40 16.33
N ASP A 627 16.04 33.60 16.11
CA ASP A 627 16.52 34.59 15.12
C ASP A 627 17.76 35.42 15.51
N ASP A 628 18.61 34.97 16.44
CA ASP A 628 19.58 35.77 17.23
C ASP A 628 18.94 36.79 18.18
N LEU A 629 17.92 37.51 17.72
CA LEU A 629 16.96 38.27 18.53
C LEU A 629 16.11 37.29 19.38
N ASP A 630 15.27 37.81 20.28
CA ASP A 630 14.39 36.99 21.13
C ASP A 630 13.09 37.67 21.53
N THR A 631 13.12 38.92 22.00
CA THR A 631 11.91 39.61 22.50
C THR A 631 10.82 39.83 21.45
N SER A 632 11.14 39.82 20.15
CA SER A 632 10.19 40.09 19.06
C SER A 632 9.55 38.85 18.41
N ASN A 633 9.98 37.62 18.68
CA ASN A 633 9.56 36.43 17.92
C ASN A 633 9.49 35.15 18.78
N GLU A 634 8.59 34.22 18.44
CA GLU A 634 8.60 32.84 18.93
C GLU A 634 9.85 32.07 18.46
N PRO A 635 10.46 31.21 19.29
CA PRO A 635 11.44 30.19 18.88
C PRO A 635 10.75 28.95 18.25
N ARG A 636 11.28 28.45 17.13
CA ARG A 636 10.72 27.26 16.44
C ARG A 636 10.82 25.99 17.28
N LYS A 637 9.88 25.06 17.14
CA LYS A 637 9.95 23.70 17.73
C LYS A 637 9.67 22.66 16.66
N ILE A 638 10.49 21.62 16.58
CA ILE A 638 10.33 20.58 15.55
C ILE A 638 9.43 19.46 16.09
N THR A 639 8.68 18.83 15.20
CA THR A 639 7.79 17.71 15.52
C THR A 639 8.42 16.36 15.22
N GLU A 640 9.45 16.33 14.40
CA GLU A 640 10.03 15.11 13.87
C GLU A 640 11.52 15.29 13.53
N LEU A 641 12.31 14.27 13.81
CA LEU A 641 13.76 14.24 13.60
C LEU A 641 14.19 12.89 13.04
N THR A 642 14.63 12.84 11.79
CA THR A 642 15.22 11.65 11.21
C THR A 642 16.75 11.75 11.23
N LEU A 643 17.41 10.71 11.69
CA LEU A 643 18.85 10.57 11.86
C LEU A 643 19.37 9.43 11.00
N TYR A 644 20.58 9.56 10.51
CA TYR A 644 21.30 8.44 9.94
C TYR A 644 21.66 7.41 11.02
N ASN A 645 21.39 6.13 10.76
CA ASN A 645 22.03 5.03 11.47
C ASN A 645 22.26 3.79 10.59
N ASN A 646 23.30 3.04 10.93
CA ASN A 646 24.03 2.11 10.07
C ASN A 646 24.08 0.68 10.65
N GLU A 647 23.94 0.57 11.97
CA GLU A 647 24.05 -0.64 12.78
C GLU A 647 22.81 -0.78 13.67
N SER A 648 22.58 -1.98 14.24
CA SER A 648 21.47 -2.29 15.15
C SER A 648 21.47 -1.48 16.45
N TYR A 649 22.60 -0.90 16.81
CA TYR A 649 22.78 -0.02 17.94
C TYR A 649 22.86 1.44 17.48
N PHE A 650 22.21 2.35 18.19
CA PHE A 650 22.46 3.78 18.03
C PHE A 650 23.68 4.18 18.86
N GLU A 651 24.84 4.25 18.24
CA GLU A 651 26.07 4.69 18.88
C GLU A 651 26.04 6.20 19.11
N ILE A 652 26.25 6.63 20.35
CA ILE A 652 26.35 8.06 20.70
C ILE A 652 27.44 8.27 21.77
N SER A 653 28.25 9.31 21.60
CA SER A 653 29.21 9.78 22.60
C SER A 653 28.48 10.28 23.87
N SER A 654 29.20 10.70 24.91
CA SER A 654 28.61 11.47 26.01
C SER A 654 28.50 12.98 25.65
N ASP A 655 27.93 13.32 24.49
CA ASP A 655 27.45 14.66 24.14
C ASP A 655 26.00 14.91 24.58
N GLU A 656 25.33 13.93 25.17
CA GLU A 656 23.93 14.01 25.56
C GLU A 656 23.68 15.06 26.64
N LEU A 657 24.70 15.47 27.39
CA LEU A 657 24.65 16.61 28.31
C LEU A 657 24.33 17.92 27.58
N ASN A 658 24.67 18.00 26.30
CA ASN A 658 24.61 19.17 25.44
C ASN A 658 24.03 18.89 24.04
N GLU A 659 23.19 17.85 23.88
CA GLU A 659 22.18 17.89 22.83
C GLU A 659 21.15 18.99 23.21
N ALA A 660 20.79 19.84 22.26
CA ALA A 660 19.80 20.86 22.50
C ALA A 660 18.42 20.21 22.71
N ASN A 661 17.85 20.47 23.90
CA ASN A 661 16.87 19.63 24.59
C ASN A 661 15.39 19.91 24.28
N LEU A 662 14.90 21.10 24.68
CA LEU A 662 13.49 21.50 24.62
C LEU A 662 13.02 21.89 23.21
N GLN A 663 13.93 21.84 22.24
CA GLN A 663 13.78 22.27 20.85
C GLN A 663 13.07 21.23 19.98
N HIS A 664 13.07 19.98 20.42
CA HIS A 664 12.27 18.90 19.85
C HIS A 664 11.09 18.61 20.80
N LEU A 665 9.98 19.34 20.64
CA LEU A 665 8.82 19.32 21.54
C LEU A 665 7.47 19.52 20.81
N SER A 666 7.37 19.03 19.57
CA SER A 666 6.15 19.15 18.77
C SER A 666 5.79 20.62 18.50
N THR A 667 4.53 20.99 18.21
CA THR A 667 4.15 22.41 18.24
C THR A 667 4.10 22.96 19.69
N GLY A 668 3.69 22.16 20.69
CA GLY A 668 3.44 22.66 22.05
C GLY A 668 3.32 21.60 23.15
N GLU A 669 3.32 22.07 24.40
CA GLU A 669 3.61 21.25 25.60
C GLU A 669 2.49 20.31 26.07
N GLY A 670 1.24 20.69 25.88
CA GLY A 670 0.08 19.96 26.41
C GLY A 670 -0.49 18.89 25.47
N ASN A 671 0.09 18.66 24.30
CA ASN A 671 -0.53 17.83 23.27
C ASN A 671 -0.59 16.34 23.67
N PRO A 672 -1.69 15.64 23.36
CA PRO A 672 -1.80 14.19 23.48
C PRO A 672 -0.68 13.47 22.73
N GLU A 673 -0.48 13.75 21.44
CA GLU A 673 0.56 13.14 20.62
C GLU A 673 1.94 13.77 20.87
N LYS A 674 2.94 12.93 21.13
CA LYS A 674 4.33 13.33 21.37
C LYS A 674 5.09 13.44 20.04
N PRO A 675 6.22 14.17 19.97
CA PRO A 675 7.01 14.27 18.75
C PRO A 675 7.77 12.96 18.45
N LYS A 676 8.40 12.86 17.27
CA LYS A 676 9.03 11.62 16.76
C LYS A 676 10.52 11.72 16.52
N ILE A 677 11.24 10.64 16.78
CA ILE A 677 12.59 10.39 16.28
C ILE A 677 12.52 9.16 15.38
N HIS A 678 13.25 9.20 14.28
CA HIS A 678 13.38 8.13 13.28
C HIS A 678 14.85 7.85 12.95
N PHE A 679 15.15 6.67 12.42
CA PHE A 679 16.47 6.31 11.93
C PHE A 679 16.41 5.72 10.53
N SER A 680 17.43 5.96 9.69
CA SER A 680 17.46 5.51 8.29
C SER A 680 17.33 4.00 8.05
N ASN A 681 17.66 3.18 9.04
CA ASN A 681 17.61 1.71 8.99
C ASN A 681 16.30 1.09 9.54
N GLY A 682 15.80 1.54 10.70
CA GLY A 682 14.75 0.86 11.49
C GLY A 682 15.13 -0.42 12.27
N ASN A 683 16.36 -0.96 12.11
CA ASN A 683 16.91 -2.12 12.83
C ASN A 683 17.33 -1.85 14.29
N ASN A 684 16.99 -0.70 14.85
CA ASN A 684 17.51 -0.20 16.14
C ASN A 684 16.91 -0.86 17.40
N THR A 685 16.57 -2.14 17.30
CA THR A 685 16.03 -2.97 18.38
C THR A 685 17.15 -3.56 19.26
N THR A 686 18.41 -3.30 18.95
CA THR A 686 19.49 -3.29 19.97
C THR A 686 19.60 -1.87 20.56
N SER A 687 20.39 -1.74 21.61
CA SER A 687 20.39 -0.57 22.50
C SER A 687 20.85 0.74 21.87
N ILE A 688 20.62 1.83 22.61
CA ILE A 688 21.50 3.00 22.51
C ILE A 688 22.84 2.63 23.13
N ARG A 689 23.92 2.60 22.34
CA ARG A 689 25.27 2.38 22.83
C ARG A 689 25.86 3.71 23.25
N ILE A 690 26.13 3.87 24.53
CA ILE A 690 26.75 5.06 25.10
C ILE A 690 28.25 4.80 25.19
N SER A 691 29.05 5.59 24.48
CA SER A 691 30.52 5.51 24.47
C SER A 691 31.17 6.67 25.23
N GLY A 692 32.44 6.52 25.61
CA GLY A 692 33.23 7.48 26.39
C GLY A 692 33.04 7.42 27.91
N LYS A 693 34.02 7.93 28.67
CA LYS A 693 34.08 7.84 30.14
C LYS A 693 33.20 8.85 30.91
N THR A 694 32.78 9.95 30.28
CA THR A 694 32.17 11.10 30.96
C THR A 694 30.75 10.81 31.49
N LEU A 695 30.50 11.13 32.76
CA LEU A 695 29.21 10.95 33.42
C LEU A 695 28.12 11.88 32.86
N LEU A 696 26.87 11.43 32.82
CA LEU A 696 25.72 12.26 32.42
C LEU A 696 25.35 13.29 33.51
N SER A 697 24.96 14.49 33.07
CA SER A 697 24.31 15.51 33.91
C SER A 697 22.79 15.33 33.94
N ASP A 698 22.09 16.21 34.65
CA ASP A 698 20.62 16.31 34.69
C ASP A 698 20.00 16.42 33.29
N GLU A 699 20.46 17.31 32.40
CA GLU A 699 19.98 17.35 31.01
C GLU A 699 20.49 16.17 30.18
N GLY A 700 21.60 15.54 30.56
CA GLY A 700 22.04 14.26 30.01
C GLY A 700 21.03 13.14 30.24
N ARG A 701 20.45 13.06 31.45
CA ARG A 701 19.33 12.16 31.76
C ARG A 701 18.13 12.49 30.89
N ARG A 702 17.69 13.76 30.87
CA ARG A 702 16.50 14.21 30.12
C ARG A 702 16.62 13.94 28.62
N ASN A 703 17.80 14.12 28.02
CA ASN A 703 18.01 13.83 26.60
C ASN A 703 18.00 12.31 26.27
N LEU A 704 18.55 11.48 27.16
CA LEU A 704 18.53 10.03 26.97
C LEU A 704 17.09 9.49 26.97
N ASP A 705 16.21 10.04 27.81
CA ASP A 705 14.79 9.65 27.84
C ASP A 705 14.11 9.81 26.48
N LYS A 706 14.37 10.91 25.79
CA LYS A 706 13.69 11.26 24.53
C LYS A 706 13.96 10.28 23.40
N TYR A 707 15.19 9.76 23.26
CA TYR A 707 15.48 8.73 22.26
C TYR A 707 14.72 7.42 22.50
N PHE A 708 14.39 7.07 23.75
CA PHE A 708 13.56 5.90 24.02
C PHE A 708 12.06 6.21 23.86
N GLU A 709 11.60 7.38 24.29
CA GLU A 709 10.20 7.78 24.24
C GLU A 709 9.72 8.07 22.82
N TYR A 710 10.45 8.89 22.05
CA TYR A 710 10.01 9.41 20.77
C TYR A 710 10.30 8.46 19.59
N ASN A 711 11.07 7.38 19.77
CA ASN A 711 11.37 6.41 18.72
C ASN A 711 10.75 5.06 19.05
N GLU A 712 9.81 4.59 18.24
CA GLU A 712 9.02 3.37 18.47
C GLU A 712 9.89 2.14 18.76
N SER A 713 10.86 1.87 17.90
CA SER A 713 11.61 0.61 17.94
C SER A 713 12.67 0.56 19.05
N LEU A 714 12.82 1.67 19.78
CA LEU A 714 13.58 1.79 21.03
C LEU A 714 12.64 1.79 22.25
N ARG A 715 11.46 2.40 22.15
CA ARG A 715 10.42 2.47 23.19
C ARG A 715 9.98 1.12 23.70
N ASN A 716 9.96 0.11 22.81
CA ASN A 716 9.46 -1.25 23.08
C ASN A 716 10.20 -2.03 24.19
N SER A 717 11.47 -1.71 24.48
CA SER A 717 12.29 -2.42 25.47
C SER A 717 13.24 -1.55 26.30
N GLY A 718 13.55 -0.32 25.87
CA GLY A 718 14.32 0.63 26.67
C GLY A 718 15.80 0.28 26.87
N LYS A 719 16.38 -0.56 26.01
CA LYS A 719 17.72 -1.14 26.19
C LYS A 719 18.86 -0.12 26.02
N GLN A 720 19.79 -0.15 26.97
CA GLN A 720 21.00 0.68 26.99
C GLN A 720 22.24 -0.21 26.88
N ILE A 721 23.35 0.31 26.38
CA ILE A 721 24.65 -0.35 26.39
C ILE A 721 25.68 0.65 26.93
N GLN A 722 26.52 0.21 27.86
CA GLN A 722 27.72 0.96 28.26
C GLN A 722 28.95 0.13 27.92
N ILE A 723 29.81 0.62 27.01
CA ILE A 723 31.05 -0.08 26.62
C ILE A 723 32.03 -0.10 27.81
N PRO A 724 32.98 -1.05 27.91
CA PRO A 724 33.65 -1.37 29.18
C PRO A 724 34.71 -0.34 29.63
N ASN A 725 34.23 0.81 30.09
CA ASN A 725 34.92 1.81 30.90
C ASN A 725 33.89 2.61 31.75
N GLY A 726 34.37 3.31 32.77
CA GLY A 726 33.49 4.02 33.70
C GLY A 726 32.79 3.09 34.71
N SER A 727 31.73 3.58 35.32
CA SER A 727 31.24 3.06 36.61
C SER A 727 29.97 2.20 36.49
N ASP A 728 29.27 2.23 35.35
CA ASP A 728 27.83 1.94 35.28
C ASP A 728 27.05 2.85 36.23
N GLU A 729 27.10 4.15 35.89
CA GLU A 729 26.34 5.25 36.51
C GLU A 729 24.82 5.09 36.28
N LEU A 730 24.47 4.57 35.10
CA LEU A 730 23.16 4.03 34.75
C LEU A 730 23.06 2.57 35.24
N LYS A 731 21.84 2.06 35.43
CA LYS A 731 21.60 0.80 36.19
C LYS A 731 20.77 -0.26 35.44
N LYS A 732 20.69 -0.18 34.10
CA LYS A 732 19.74 -0.95 33.24
C LYS A 732 20.40 -1.66 32.03
N GLN A 733 21.69 -1.45 31.77
CA GLN A 733 22.37 -1.73 30.51
C GLN A 733 23.09 -3.09 30.42
N LEU A 734 23.27 -3.55 29.18
CA LEU A 734 24.17 -4.63 28.76
C LEU A 734 25.62 -4.13 28.59
N GLU A 735 26.61 -5.03 28.72
CA GLU A 735 28.05 -4.74 28.63
C GLU A 735 28.61 -4.53 27.20
N GLY A 736 27.76 -4.16 26.24
CA GLY A 736 28.17 -3.69 24.91
C GLY A 736 28.79 -4.73 24.00
N TRP A 737 28.15 -5.89 23.86
CA TRP A 737 28.71 -7.06 23.18
C TRP A 737 29.00 -6.85 21.69
N GLY A 738 28.02 -6.34 20.93
CA GLY A 738 28.15 -6.11 19.48
C GLY A 738 28.17 -7.41 18.67
N TYR A 739 27.11 -8.20 18.77
CA TYR A 739 27.05 -9.55 18.20
C TYR A 739 25.61 -9.81 17.73
N LYS A 740 25.39 -10.02 16.43
CA LYS A 740 24.11 -10.43 15.83
C LYS A 740 24.29 -10.86 14.38
N ASP B 158 13.14 -10.45 24.27
CA ASP B 158 14.31 -11.06 23.61
C ASP B 158 14.54 -12.50 24.06
N PHE B 159 15.10 -12.73 25.26
CA PHE B 159 15.62 -14.05 25.66
C PHE B 159 14.72 -14.83 26.63
N ALA B 160 13.52 -14.37 26.93
CA ALA B 160 12.59 -14.96 27.91
C ALA B 160 12.19 -16.40 27.57
N TYR B 161 11.97 -16.71 26.29
CA TYR B 161 11.77 -18.07 25.79
C TYR B 161 12.95 -19.02 26.05
N PHE B 162 14.17 -18.49 26.15
CA PHE B 162 15.39 -19.21 26.50
C PHE B 162 15.76 -19.15 27.98
N GLY B 163 15.00 -18.42 28.81
CA GLY B 163 15.31 -18.23 30.23
C GLY B 163 16.36 -17.16 30.54
N GLY B 164 16.58 -16.20 29.63
CA GLY B 164 17.54 -15.09 29.76
C GLY B 164 18.79 -15.28 28.90
N THR B 165 19.68 -14.29 28.91
CA THR B 165 20.88 -14.24 28.05
C THR B 165 21.85 -15.42 28.25
N SER B 166 21.96 -15.94 29.48
CA SER B 166 22.75 -17.12 29.82
C SER B 166 22.17 -18.43 29.27
N GLY B 167 20.84 -18.49 29.17
CA GLY B 167 20.09 -19.60 28.61
C GLY B 167 20.00 -19.56 27.09
N TYR B 168 19.99 -18.37 26.50
CA TYR B 168 20.20 -18.22 25.06
C TYR B 168 21.62 -18.65 24.63
N ASP B 169 22.68 -18.24 25.35
CA ASP B 169 24.05 -18.64 25.03
C ASP B 169 24.21 -20.16 24.92
N GLU B 170 23.63 -20.95 25.83
CA GLU B 170 23.70 -22.42 25.69
C GLU B 170 22.88 -22.96 24.52
N TYR B 171 21.77 -22.32 24.12
CA TYR B 171 21.04 -22.67 22.90
C TYR B 171 21.87 -22.40 21.65
N THR B 172 22.67 -21.33 21.63
CA THR B 172 23.61 -21.08 20.51
C THR B 172 24.64 -22.20 20.39
N LYS B 173 25.10 -22.77 21.51
CA LYS B 173 26.16 -23.81 21.55
C LYS B 173 25.65 -25.24 21.34
N LYS B 174 24.38 -25.53 21.63
CA LYS B 174 23.67 -26.79 21.33
C LYS B 174 23.70 -27.15 19.84
N ASP B 175 23.64 -28.45 19.53
CA ASP B 175 23.42 -28.96 18.17
C ASP B 175 21.91 -29.02 17.84
N GLN B 176 21.54 -29.29 16.59
CA GLN B 176 20.12 -29.25 16.21
C GLN B 176 19.24 -30.28 16.92
N LYS B 177 19.73 -31.48 17.23
CA LYS B 177 18.99 -32.47 18.04
C LYS B 177 18.68 -31.93 19.43
N SER B 178 19.67 -31.39 20.14
CA SER B 178 19.44 -30.84 21.49
C SER B 178 18.72 -29.48 21.51
N ARG B 179 18.83 -28.67 20.45
CA ARG B 179 17.96 -27.51 20.19
C ARG B 179 16.50 -27.93 20.02
N PHE B 180 16.21 -28.97 19.24
CA PHE B 180 14.86 -29.47 19.08
C PHE B 180 14.23 -29.93 20.40
N ASP B 181 14.92 -30.73 21.21
CA ASP B 181 14.39 -31.21 22.50
C ASP B 181 14.01 -30.07 23.46
N TYR B 182 14.63 -28.89 23.34
CA TYR B 182 14.25 -27.70 24.10
C TYR B 182 12.95 -27.05 23.58
N ASP B 183 12.84 -26.86 22.27
CA ASP B 183 11.69 -26.27 21.60
C ASP B 183 10.47 -27.21 21.58
N ASN B 184 10.66 -28.51 21.43
CA ASN B 184 9.56 -29.47 21.41
C ASN B 184 8.90 -29.63 22.80
N GLU B 185 9.64 -29.55 23.92
CA GLU B 185 9.01 -29.58 25.24
C GLU B 185 8.25 -28.27 25.58
N ARG B 186 8.34 -27.24 24.74
CA ARG B 186 7.61 -25.97 24.80
C ARG B 186 6.47 -25.93 23.80
N TYR B 187 6.69 -26.44 22.59
CA TYR B 187 5.67 -26.57 21.57
C TYR B 187 4.56 -27.52 22.02
N MET B 188 4.93 -28.64 22.66
CA MET B 188 3.98 -29.62 23.19
C MET B 188 3.13 -29.12 24.36
N THR B 189 3.52 -28.11 25.14
CA THR B 189 2.71 -27.56 26.24
C THR B 189 1.76 -26.47 25.77
N ARG B 190 2.13 -25.64 24.77
CA ARG B 190 1.14 -24.79 24.06
C ARG B 190 0.10 -25.64 23.32
N LEU B 191 0.52 -26.78 22.79
CA LEU B 191 -0.34 -27.72 22.08
C LEU B 191 -1.26 -28.49 23.02
N LYS B 192 -0.73 -29.16 24.06
CA LYS B 192 -1.55 -29.93 25.01
C LYS B 192 -2.34 -29.11 26.06
N SER B 193 -2.32 -27.77 25.95
CA SER B 193 -3.37 -26.90 26.49
C SER B 193 -4.74 -27.21 25.84
N GLN B 194 -4.74 -27.72 24.61
CA GLN B 194 -5.87 -28.39 23.95
C GLN B 194 -5.68 -29.91 24.01
N PHE B 195 -6.76 -30.68 24.06
CA PHE B 195 -6.72 -32.10 24.38
C PHE B 195 -6.44 -33.07 23.21
N GLY B 196 -6.38 -32.57 21.98
CA GLY B 196 -5.71 -33.20 20.84
C GLY B 196 -6.40 -34.44 20.25
N ASN B 197 -5.77 -35.02 19.23
CA ASN B 197 -6.16 -36.26 18.55
C ASN B 197 -6.58 -37.36 19.54
N SER B 198 -7.69 -38.05 19.27
CA SER B 198 -8.23 -39.15 20.08
C SER B 198 -8.70 -40.35 19.23
N SER B 199 -8.12 -40.56 18.05
CA SER B 199 -8.37 -41.70 17.16
C SER B 199 -7.85 -43.05 17.71
N ASN B 200 -7.90 -44.14 16.93
CA ASN B 200 -7.45 -45.47 17.34
C ASN B 200 -6.01 -45.48 17.89
N SER B 201 -5.76 -46.28 18.93
CA SER B 201 -4.63 -46.12 19.84
C SER B 201 -4.03 -47.48 20.21
N ILE B 202 -2.76 -47.51 20.62
CA ILE B 202 -1.99 -48.73 20.92
C ILE B 202 -1.69 -48.78 22.44
N ASN B 203 -1.58 -49.99 22.97
CA ASN B 203 -1.42 -50.30 24.40
C ASN B 203 -0.01 -49.93 24.96
N LEU B 204 0.20 -50.21 26.24
CA LEU B 204 1.39 -49.88 27.05
C LEU B 204 2.71 -50.58 26.63
N LYS B 205 2.63 -51.69 25.90
CA LYS B 205 3.76 -52.37 25.25
C LYS B 205 4.21 -51.56 24.01
N GLU B 206 5.04 -52.15 23.16
CA GLU B 206 5.17 -51.76 21.74
C GLU B 206 5.89 -50.43 21.48
N TYR B 207 6.50 -49.85 22.51
CA TYR B 207 7.47 -48.77 22.41
C TYR B 207 8.83 -49.21 21.84
N ARG B 208 8.97 -50.45 21.34
CA ARG B 208 10.10 -50.81 20.46
C ARG B 208 10.17 -49.93 19.21
N GLY B 209 9.07 -49.37 18.71
CA GLY B 209 9.11 -48.32 17.69
C GLY B 209 9.71 -47.01 18.22
N LEU B 210 9.31 -46.58 19.41
CA LEU B 210 9.91 -45.46 20.13
C LEU B 210 11.39 -45.67 20.51
N GLU B 211 11.92 -46.90 20.52
CA GLU B 211 13.37 -47.15 20.57
C GLU B 211 14.00 -47.30 19.18
N THR B 212 13.25 -47.71 18.15
CA THR B 212 13.69 -47.74 16.75
C THR B 212 13.92 -46.33 16.19
N LYS B 213 13.39 -45.29 16.84
CA LYS B 213 13.77 -43.89 16.61
C LYS B 213 15.22 -43.54 17.02
N GLN B 214 16.00 -44.45 17.63
CA GLN B 214 17.42 -44.14 17.89
C GLN B 214 18.23 -44.00 16.58
N GLU B 215 17.76 -44.56 15.47
CA GLU B 215 18.33 -44.33 14.14
C GLU B 215 17.93 -42.97 13.54
N ASN B 216 16.70 -42.50 13.79
CA ASN B 216 16.16 -41.22 13.34
C ASN B 216 15.06 -40.78 14.32
N ILE B 217 15.06 -39.52 14.75
CA ILE B 217 14.53 -39.17 16.08
C ILE B 217 13.22 -38.39 15.95
N LYS B 218 12.26 -38.71 16.84
CA LYS B 218 10.88 -38.21 17.01
C LYS B 218 10.46 -38.49 18.47
N LYS B 219 9.17 -38.44 18.85
CA LYS B 219 8.65 -39.17 20.03
C LYS B 219 7.17 -39.55 19.87
N PHE B 220 6.81 -40.80 20.07
CA PHE B 220 5.57 -41.39 19.52
C PHE B 220 4.26 -40.77 20.03
N ASP B 221 4.11 -40.53 21.34
CA ASP B 221 2.92 -39.85 21.89
C ASP B 221 2.88 -38.35 21.59
N ASP B 222 4.03 -37.69 21.41
CA ASP B 222 4.09 -36.31 20.91
C ASP B 222 3.63 -36.28 19.44
N GLN B 223 4.16 -37.19 18.63
CA GLN B 223 3.88 -37.30 17.20
C GLN B 223 2.41 -37.51 16.89
N ALA B 224 1.66 -38.17 17.78
CA ALA B 224 0.22 -38.33 17.67
C ALA B 224 -0.55 -37.01 17.79
N ALA B 225 0.06 -35.92 18.25
CA ALA B 225 -0.55 -34.61 18.43
C ALA B 225 0.21 -33.42 17.80
N ILE B 226 1.54 -33.48 17.55
CA ILE B 226 2.34 -32.36 16.96
C ILE B 226 1.65 -31.85 15.69
N SER B 227 1.08 -32.77 14.91
CA SER B 227 -0.05 -32.54 14.01
C SER B 227 -0.73 -33.89 13.75
N ASN B 228 -1.53 -33.97 12.69
CA ASN B 228 -2.11 -35.19 12.16
C ASN B 228 -1.08 -36.15 11.50
N PHE B 229 0.02 -36.50 12.18
CA PHE B 229 1.08 -37.37 11.63
C PHE B 229 0.63 -38.85 11.58
N ASP B 230 1.29 -39.68 10.79
CA ASP B 230 0.92 -41.10 10.59
C ASP B 230 1.23 -42.03 11.77
N THR B 231 2.17 -41.70 12.67
CA THR B 231 2.46 -42.54 13.85
C THR B 231 2.74 -44.01 13.44
N TYR B 232 1.95 -44.94 13.96
CA TYR B 232 2.20 -46.37 14.00
C TYR B 232 0.86 -47.11 14.11
N TYR B 233 0.79 -48.36 13.67
CA TYR B 233 -0.32 -49.27 14.02
C TYR B 233 0.22 -50.70 14.07
N ASN B 234 -0.01 -51.39 15.20
CA ASN B 234 0.86 -52.50 15.60
C ASN B 234 0.12 -53.79 16.01
N ALA B 235 -1.19 -53.91 15.79
CA ALA B 235 -1.93 -55.10 16.20
C ALA B 235 -1.40 -56.40 15.53
N ALA B 236 -0.94 -56.31 14.27
CA ALA B 236 -0.14 -57.33 13.57
C ALA B 236 1.27 -56.78 13.18
N LEU B 237 1.82 -55.87 13.99
CA LEU B 237 3.10 -55.13 13.81
C LEU B 237 3.18 -54.26 12.52
N LYS B 238 2.03 -54.07 11.85
CA LYS B 238 1.86 -53.64 10.47
C LYS B 238 0.65 -52.70 10.34
N GLY B 239 0.79 -51.70 9.46
CA GLY B 239 -0.25 -50.73 9.05
C GLY B 239 0.05 -49.26 9.41
N PHE B 240 -0.70 -48.35 8.82
CA PHE B 240 -0.73 -46.91 9.07
C PHE B 240 -2.10 -46.37 9.44
N THR B 241 -2.15 -45.38 10.33
CA THR B 241 -3.37 -44.61 10.61
C THR B 241 -3.21 -43.18 10.09
N LEU B 242 -4.07 -42.78 9.15
CA LEU B 242 -4.16 -41.42 8.59
C LEU B 242 -5.35 -40.70 9.25
N PRO B 243 -5.16 -39.56 9.93
CA PRO B 243 -6.19 -38.92 10.75
C PRO B 243 -7.00 -37.84 10.02
N VAL B 244 -8.20 -37.54 10.52
CA VAL B 244 -9.13 -36.54 9.96
C VAL B 244 -9.97 -35.80 11.03
N TYR B 245 -9.77 -36.12 12.31
CA TYR B 245 -10.63 -35.67 13.42
C TYR B 245 -10.40 -34.21 13.90
N GLY B 246 -10.20 -33.28 12.97
CA GLY B 246 -9.91 -31.86 13.19
C GLY B 246 -8.54 -31.42 12.65
N SER B 247 -8.10 -30.21 13.02
CA SER B 247 -6.81 -29.62 12.65
C SER B 247 -6.09 -29.00 13.86
N ASP B 248 -4.78 -28.79 13.73
CA ASP B 248 -3.87 -28.34 14.80
C ASP B 248 -3.10 -27.09 14.38
N GLY B 249 -3.05 -26.07 15.22
CA GLY B 249 -2.39 -24.79 14.99
C GLY B 249 -0.86 -24.80 15.11
N LYS B 250 -0.24 -23.69 14.72
CA LYS B 250 1.21 -23.55 14.53
C LYS B 250 1.69 -22.12 14.85
N VAL B 251 2.89 -21.96 15.43
CA VAL B 251 3.73 -20.72 15.55
C VAL B 251 5.21 -21.13 15.75
N SER B 252 6.20 -20.21 15.77
CA SER B 252 7.51 -20.45 16.43
C SER B 252 8.25 -19.15 16.82
N GLY B 253 8.43 -18.93 18.12
CA GLY B 253 9.01 -17.73 18.72
C GLY B 253 10.55 -17.71 18.75
N LEU B 254 11.18 -18.08 17.63
CA LEU B 254 12.62 -18.28 17.52
C LEU B 254 13.23 -17.97 16.15
N LYS B 255 12.50 -18.13 15.04
CA LYS B 255 13.05 -17.87 13.69
C LYS B 255 13.23 -16.38 13.36
N ILE B 256 13.12 -15.51 14.35
CA ILE B 256 12.83 -14.09 14.20
C ILE B 256 13.92 -13.24 14.87
N TYR B 257 13.95 -13.16 16.20
CA TYR B 257 14.87 -12.31 16.99
C TYR B 257 14.86 -10.80 16.64
N GLU B 258 13.98 -10.36 15.76
CA GLU B 258 13.90 -8.98 15.24
C GLU B 258 13.63 -7.94 16.33
N GLY B 259 13.04 -8.36 17.45
CA GLY B 259 12.96 -7.58 18.69
C GLY B 259 11.91 -6.46 18.70
N ALA B 260 10.92 -6.51 17.81
CA ALA B 260 9.81 -5.57 17.79
C ALA B 260 8.52 -6.16 17.19
N GLU B 261 8.43 -6.28 15.86
CA GLU B 261 7.15 -6.50 15.15
C GLU B 261 7.01 -7.92 14.59
N ILE B 262 7.01 -8.93 15.47
CA ILE B 262 6.90 -10.37 15.16
C ILE B 262 5.73 -10.72 14.23
N GLY B 263 4.58 -10.05 14.35
CA GLY B 263 3.44 -10.18 13.44
C GLY B 263 3.70 -9.78 11.97
N LYS B 264 4.87 -9.22 11.67
CA LYS B 264 5.38 -8.93 10.33
C LYS B 264 6.53 -9.89 9.94
N GLY B 265 6.64 -11.04 10.61
CA GLY B 265 7.53 -12.15 10.25
C GLY B 265 7.32 -12.71 8.82
N PRO B 266 6.12 -12.72 8.21
CA PRO B 266 5.96 -12.81 6.77
C PRO B 266 6.68 -11.66 6.03
N SER B 267 7.27 -11.92 4.86
CA SER B 267 8.21 -11.00 4.19
C SER B 267 7.79 -9.53 3.95
N VAL B 268 8.77 -8.68 3.59
CA VAL B 268 8.60 -7.46 2.78
C VAL B 268 7.91 -7.73 1.42
N VAL B 269 7.53 -6.70 0.66
CA VAL B 269 6.45 -6.80 -0.33
C VAL B 269 6.58 -6.09 -1.68
N ASP B 270 7.32 -4.98 -1.80
CA ASP B 270 7.39 -4.22 -3.07
C ASP B 270 8.85 -3.88 -3.43
N SER B 271 9.82 -4.39 -2.66
CA SER B 271 11.21 -3.98 -2.68
C SER B 271 12.13 -5.12 -3.14
N LEU B 272 13.24 -4.81 -3.81
CA LEU B 272 14.24 -5.78 -4.29
C LEU B 272 15.54 -5.65 -3.49
N GLY B 273 16.00 -6.72 -2.83
CA GLY B 273 17.26 -6.68 -2.09
C GLY B 273 18.53 -6.69 -2.97
N ARG B 274 18.63 -7.58 -3.96
CA ARG B 274 19.86 -7.90 -4.71
C ARG B 274 19.59 -8.51 -6.09
N ASN B 275 20.61 -8.60 -6.94
CA ASN B 275 20.48 -8.99 -8.33
C ASN B 275 20.00 -10.44 -8.53
N GLU B 276 20.42 -11.35 -7.66
CA GLU B 276 19.98 -12.75 -7.73
C GLU B 276 18.50 -12.93 -7.34
N LYS B 277 17.88 -11.91 -6.73
CA LYS B 277 16.45 -11.87 -6.40
C LYS B 277 15.65 -11.22 -7.52
N ALA B 278 16.10 -10.14 -8.11
CA ALA B 278 15.46 -9.54 -9.27
C ALA B 278 16.52 -8.81 -10.09
N LYS B 279 16.27 -8.68 -11.39
CA LYS B 279 17.31 -8.60 -12.43
C LYS B 279 17.93 -10.00 -12.69
N THR B 280 17.58 -11.00 -11.86
CA THR B 280 17.66 -12.44 -12.13
C THR B 280 16.34 -13.19 -11.90
N VAL B 281 15.74 -13.20 -10.70
CA VAL B 281 14.69 -14.20 -10.36
C VAL B 281 13.24 -13.75 -10.48
N GLY B 282 12.82 -12.70 -9.80
CA GLY B 282 11.42 -12.24 -9.78
C GLY B 282 11.03 -11.29 -10.90
N LEU B 283 12.02 -10.98 -11.70
CA LEU B 283 12.02 -10.15 -12.87
C LEU B 283 12.67 -11.00 -13.95
N ALA B 284 12.22 -10.87 -15.18
CA ALA B 284 12.60 -11.76 -16.26
C ALA B 284 12.21 -13.24 -16.17
N ARG B 285 12.23 -13.90 -15.01
CA ARG B 285 12.14 -15.35 -14.93
C ARG B 285 10.87 -15.83 -14.27
N THR B 286 10.58 -15.40 -13.04
CA THR B 286 9.30 -15.68 -12.37
C THR B 286 8.25 -14.72 -12.86
N LEU B 287 8.22 -14.59 -14.18
CA LEU B 287 7.71 -13.41 -14.83
C LEU B 287 6.25 -13.22 -14.45
N PRO B 288 5.33 -14.18 -14.68
CA PRO B 288 3.96 -13.83 -14.73
C PRO B 288 3.20 -14.11 -13.44
N ASN B 289 2.63 -13.04 -12.91
CA ASN B 289 1.43 -13.10 -12.13
C ASN B 289 0.37 -13.45 -13.20
N GLU B 290 -0.29 -14.59 -13.09
CA GLU B 290 -1.21 -15.05 -14.14
C GLU B 290 -2.64 -15.17 -13.66
N GLU B 291 -3.58 -14.94 -14.58
CA GLU B 291 -5.02 -14.99 -14.38
C GLU B 291 -5.68 -15.86 -15.46
N TYR B 292 -6.62 -16.72 -15.06
CA TYR B 292 -7.53 -17.42 -15.96
C TYR B 292 -8.98 -17.04 -15.62
N LYS B 293 -9.73 -16.46 -16.56
CA LYS B 293 -11.09 -15.97 -16.31
C LYS B 293 -12.12 -16.89 -16.96
N THR B 294 -13.10 -17.36 -16.18
CA THR B 294 -14.05 -18.43 -16.58
C THR B 294 -15.44 -17.92 -16.95
N SER B 295 -15.78 -16.66 -16.65
CA SER B 295 -17.14 -16.09 -16.86
C SER B 295 -18.28 -16.78 -16.10
N ALA B 296 -18.01 -17.24 -14.88
CA ALA B 296 -18.96 -17.85 -13.96
C ALA B 296 -18.57 -17.52 -12.51
N ILE B 297 -19.24 -18.10 -11.51
CA ILE B 297 -18.88 -18.04 -10.07
C ILE B 297 -19.10 -19.38 -9.34
N GLN B 298 -20.15 -20.11 -9.70
CA GLN B 298 -20.84 -21.03 -8.77
C GLN B 298 -20.18 -22.33 -8.31
N THR B 299 -19.15 -22.89 -8.95
CA THR B 299 -18.57 -24.21 -8.56
C THR B 299 -17.91 -24.23 -7.16
N PHE B 300 -17.45 -23.08 -6.67
CA PHE B 300 -17.09 -22.92 -5.26
C PHE B 300 -18.33 -23.06 -4.35
N GLN B 301 -19.46 -22.47 -4.72
CA GLN B 301 -20.64 -22.35 -3.87
C GLN B 301 -21.54 -23.60 -3.87
N THR B 302 -21.61 -24.38 -4.94
CA THR B 302 -22.34 -25.66 -4.91
C THR B 302 -21.67 -26.63 -3.94
N ASN B 303 -20.36 -26.82 -4.05
CA ASN B 303 -19.60 -27.68 -3.13
C ASN B 303 -19.55 -27.10 -1.71
N PHE B 304 -19.35 -25.79 -1.54
CA PHE B 304 -19.38 -25.19 -0.20
C PHE B 304 -20.77 -25.30 0.43
N THR B 305 -21.87 -25.26 -0.33
CA THR B 305 -23.21 -25.49 0.23
C THR B 305 -23.55 -26.97 0.47
N ILE B 306 -22.98 -27.93 -0.24
CA ILE B 306 -23.02 -29.35 0.13
C ILE B 306 -22.27 -29.57 1.46
N TYR B 307 -21.08 -28.98 1.63
CA TYR B 307 -20.36 -28.97 2.90
C TYR B 307 -21.18 -28.32 4.03
N LYS B 308 -21.80 -27.15 3.78
CA LYS B 308 -22.72 -26.49 4.72
C LYS B 308 -23.92 -27.37 5.06
N ASP B 309 -24.41 -28.22 4.15
CA ASP B 309 -25.51 -29.16 4.44
C ASP B 309 -25.11 -30.32 5.37
N TYR B 310 -23.91 -30.89 5.21
CA TYR B 310 -23.36 -31.84 6.20
C TYR B 310 -23.12 -31.16 7.55
N GLU B 311 -22.60 -29.93 7.57
CA GLU B 311 -22.52 -29.13 8.80
C GLU B 311 -23.89 -28.92 9.47
N LYS B 312 -24.95 -28.63 8.69
CA LYS B 312 -26.31 -28.47 9.21
C LYS B 312 -26.81 -29.74 9.91
N GLU B 313 -26.75 -30.90 9.24
CA GLU B 313 -27.63 -32.02 9.63
C GLU B 313 -26.94 -33.36 9.99
N ILE B 314 -25.61 -33.45 9.93
CA ILE B 314 -24.87 -34.46 10.74
C ILE B 314 -24.73 -33.89 12.17
N GLU B 315 -25.86 -33.86 12.87
CA GLU B 315 -26.04 -33.12 14.12
C GLU B 315 -27.14 -33.74 15.00
N GLU B 316 -26.98 -33.59 16.31
CA GLU B 316 -27.85 -34.12 17.35
C GLU B 316 -29.17 -33.34 17.50
N ALA B 317 -30.27 -34.01 17.87
CA ALA B 317 -31.60 -33.38 17.98
C ALA B 317 -31.66 -32.23 19.01
N GLU B 318 -30.82 -32.27 20.05
CA GLU B 318 -30.61 -31.18 20.99
C GLU B 318 -30.12 -29.90 20.30
N ASP B 319 -29.05 -29.97 19.52
CA ASP B 319 -28.42 -28.81 18.89
C ASP B 319 -29.18 -28.34 17.63
N ASN B 320 -30.01 -29.21 17.06
CA ASN B 320 -30.94 -28.86 15.98
C ASN B 320 -31.90 -27.72 16.40
N ILE B 321 -32.22 -27.61 17.70
CA ILE B 321 -32.76 -26.40 18.33
C ILE B 321 -31.61 -25.52 18.84
N LYS B 322 -30.79 -26.07 19.74
CA LYS B 322 -29.86 -25.31 20.58
C LYS B 322 -28.59 -24.72 19.93
N LEU B 323 -28.44 -24.82 18.61
CA LEU B 323 -27.51 -24.01 17.81
C LEU B 323 -28.19 -22.95 16.94
N PHE B 324 -29.49 -23.08 16.68
CA PHE B 324 -30.28 -22.18 15.86
C PHE B 324 -31.06 -21.17 16.71
N ASP B 325 -32.01 -21.66 17.50
CA ASP B 325 -32.94 -20.82 18.28
C ASP B 325 -32.25 -20.06 19.42
N SER B 326 -31.13 -20.57 19.90
CA SER B 326 -30.21 -19.88 20.81
C SER B 326 -29.48 -18.74 20.13
N TRP B 327 -28.75 -19.03 19.05
CA TRP B 327 -27.95 -18.06 18.28
C TRP B 327 -28.78 -17.26 17.25
N ASN B 328 -29.92 -16.76 17.73
CA ASN B 328 -30.87 -15.90 17.03
C ASN B 328 -30.73 -14.41 17.41
N GLU B 329 -29.71 -14.06 18.19
CA GLU B 329 -29.50 -12.73 18.75
C GLU B 329 -29.24 -11.64 17.70
N GLN B 330 -28.81 -11.96 16.50
CA GLN B 330 -28.68 -10.97 15.42
C GLN B 330 -30.03 -10.57 14.81
N GLN B 331 -31.06 -11.43 14.86
CA GLN B 331 -32.45 -11.01 14.58
C GLN B 331 -32.96 -10.05 15.68
N ILE B 332 -32.63 -10.31 16.96
CA ILE B 332 -32.98 -9.43 18.08
C ILE B 332 -32.31 -8.05 17.92
N GLN B 333 -31.01 -8.02 17.59
CA GLN B 333 -30.28 -6.79 17.24
C GLN B 333 -30.87 -6.11 15.99
N SER B 334 -31.32 -6.87 14.98
CA SER B 334 -31.98 -6.29 13.80
C SER B 334 -33.29 -5.57 14.15
N TYR B 335 -34.03 -6.04 15.17
CA TYR B 335 -35.14 -5.28 15.74
C TYR B 335 -34.69 -4.09 16.58
N ILE B 336 -33.95 -4.27 17.69
CA ILE B 336 -33.73 -3.16 18.64
C ILE B 336 -32.95 -1.98 18.02
N SER B 337 -32.08 -2.22 17.03
CA SER B 337 -31.43 -1.14 16.26
C SER B 337 -32.46 -0.35 15.41
N ALA B 338 -33.32 -1.03 14.67
CA ALA B 338 -34.37 -0.42 13.86
C ALA B 338 -35.38 0.35 14.72
N GLN B 339 -35.78 -0.24 15.85
CA GLN B 339 -36.60 0.40 16.90
C GLN B 339 -35.96 1.70 17.43
N LEU B 340 -34.64 1.76 17.66
CA LEU B 340 -33.99 2.98 18.14
C LEU B 340 -34.04 4.14 17.12
N THR B 341 -34.16 3.86 15.82
CA THR B 341 -34.48 4.93 14.85
C THR B 341 -35.90 5.46 15.08
N GLN B 342 -36.90 4.59 15.19
CA GLN B 342 -38.30 4.98 15.35
C GLN B 342 -38.58 5.60 16.73
N LEU B 343 -37.86 5.19 17.78
CA LEU B 343 -37.87 5.76 19.14
C LEU B 343 -37.49 7.25 19.10
N ARG B 344 -36.37 7.58 18.45
CA ARG B 344 -35.91 8.97 18.28
C ARG B 344 -36.81 9.76 17.33
N LEU B 345 -37.29 9.18 16.25
CA LEU B 345 -38.22 9.86 15.33
C LEU B 345 -39.56 10.21 16.01
N ASN B 346 -40.00 9.46 17.03
CA ASN B 346 -41.17 9.76 17.85
C ASN B 346 -40.96 10.91 18.89
N TYR B 347 -39.81 11.63 18.92
CA TYR B 347 -39.53 12.63 19.96
C TYR B 347 -40.33 13.96 19.85
N GLU B 348 -40.52 14.48 18.64
CA GLU B 348 -41.08 15.82 18.32
C GLU B 348 -42.52 15.81 17.76
N ASP B 349 -43.38 14.87 18.20
CA ASP B 349 -44.74 14.63 17.66
C ASP B 349 -45.87 14.75 18.69
N GLU B 350 -45.87 15.83 19.46
CA GLU B 350 -46.88 16.17 20.48
C GLU B 350 -48.28 16.49 19.92
N VAL B 351 -48.38 16.88 18.65
CA VAL B 351 -49.63 17.24 17.96
C VAL B 351 -49.71 16.56 16.60
N SER B 352 -48.61 16.56 15.85
CA SER B 352 -48.51 15.98 14.52
C SER B 352 -48.89 14.50 14.50
N GLN B 353 -49.73 14.10 13.54
CA GLN B 353 -50.24 12.73 13.43
C GLN B 353 -49.12 11.71 13.23
N ILE B 354 -49.23 10.57 13.92
CA ILE B 354 -48.22 9.51 13.89
C ILE B 354 -48.51 8.57 12.72
N ASP B 355 -48.26 9.06 11.51
CA ASP B 355 -48.27 8.24 10.29
C ASP B 355 -47.27 7.07 10.40
N ARG B 356 -46.22 7.29 11.19
CA ARG B 356 -45.11 6.38 11.47
C ARG B 356 -45.51 5.06 12.13
N GLU B 357 -46.67 4.96 12.77
CA GLU B 357 -47.14 3.69 13.35
C GLU B 357 -47.28 2.58 12.28
N ILE B 358 -47.53 2.95 11.02
CA ILE B 358 -47.60 1.97 9.93
C ILE B 358 -46.20 1.40 9.65
N SER B 359 -45.14 2.21 9.72
CA SER B 359 -43.75 1.73 9.65
C SER B 359 -43.31 0.97 10.90
N GLN B 360 -43.99 1.14 12.04
CA GLN B 360 -43.89 0.25 13.20
C GLN B 360 -44.64 -1.08 13.00
N THR B 361 -45.05 -1.44 11.78
CA THR B 361 -45.27 -2.85 11.40
C THR B 361 -43.97 -3.60 11.12
N GLN B 362 -42.81 -2.91 11.08
CA GLN B 362 -41.51 -3.56 10.93
C GLN B 362 -41.19 -4.60 12.03
N PRO B 363 -41.54 -4.44 13.33
CA PRO B 363 -41.58 -5.57 14.24
C PRO B 363 -42.68 -6.59 13.88
N ASP B 364 -43.92 -6.16 13.74
CA ASP B 364 -45.06 -7.09 13.79
C ASP B 364 -45.23 -7.97 12.55
N LYS B 365 -45.28 -7.43 11.33
CA LYS B 365 -45.50 -8.27 10.13
C LYS B 365 -44.30 -9.16 9.79
N THR B 366 -43.13 -8.84 10.33
CA THR B 366 -41.91 -9.67 10.24
C THR B 366 -41.75 -10.62 11.44
N THR B 367 -42.48 -10.44 12.55
CA THR B 367 -42.44 -11.35 13.71
C THR B 367 -42.98 -12.72 13.32
N ILE B 368 -44.09 -12.77 12.58
CA ILE B 368 -44.61 -14.04 12.07
C ILE B 368 -43.64 -14.77 11.13
N LEU B 369 -42.95 -14.04 10.24
CA LEU B 369 -41.97 -14.63 9.32
C LEU B 369 -40.72 -15.10 10.07
N SER B 370 -40.24 -14.29 11.02
CA SER B 370 -39.11 -14.62 11.88
C SER B 370 -39.44 -15.66 12.97
N ASN B 371 -40.69 -16.10 13.11
CA ASN B 371 -41.08 -17.24 13.93
C ASN B 371 -41.46 -18.49 13.11
N LEU B 372 -42.12 -18.38 11.96
CA LEU B 372 -42.32 -19.54 11.08
C LEU B 372 -40.99 -20.11 10.57
N ASN B 373 -39.97 -19.28 10.37
CA ASN B 373 -38.63 -19.75 10.01
C ASN B 373 -37.94 -20.56 11.12
N GLN B 374 -38.42 -20.49 12.37
CA GLN B 374 -37.95 -21.25 13.54
C GLN B 374 -38.51 -22.69 13.56
N LYS B 375 -39.82 -22.84 13.36
CA LYS B 375 -40.55 -24.01 13.83
C LYS B 375 -40.17 -25.34 13.16
N LYS B 376 -40.06 -25.42 11.83
CA LYS B 376 -39.98 -26.72 11.16
C LYS B 376 -38.64 -27.44 11.42
N SER B 377 -37.52 -26.77 11.15
CA SER B 377 -36.14 -27.20 11.48
C SER B 377 -35.80 -28.63 11.02
N LYS B 378 -36.34 -29.08 9.89
CA LYS B 378 -36.09 -30.41 9.33
C LYS B 378 -34.74 -30.51 8.60
N ILE B 379 -34.35 -29.46 7.88
CA ILE B 379 -33.06 -29.37 7.16
C ILE B 379 -32.42 -27.98 7.20
N GLU B 380 -33.20 -26.94 7.47
CA GLU B 380 -32.81 -25.54 7.68
C GLU B 380 -32.09 -25.31 9.03
N SER B 381 -31.25 -26.23 9.46
CA SER B 381 -30.80 -26.46 10.85
C SER B 381 -29.91 -25.39 11.51
N GLU B 382 -29.76 -24.20 10.91
CA GLU B 382 -29.01 -23.05 11.46
C GLU B 382 -29.68 -21.72 11.11
N TYR B 383 -29.34 -20.67 11.88
CA TYR B 383 -29.86 -19.32 11.67
C TYR B 383 -29.57 -18.78 10.25
N GLN B 384 -30.54 -18.11 9.65
CA GLN B 384 -30.34 -17.28 8.48
C GLN B 384 -29.68 -15.96 8.88
N LYS B 385 -28.34 -15.94 8.92
CA LYS B 385 -27.52 -14.78 9.28
C LYS B 385 -26.04 -14.91 8.90
N GLU B 386 -25.48 -13.89 8.27
CA GLU B 386 -24.12 -13.88 7.71
C GLU B 386 -23.04 -13.44 8.71
N LEU B 387 -23.12 -12.22 9.25
CA LEU B 387 -22.10 -11.61 10.11
C LEU B 387 -22.70 -10.67 11.17
N SER B 388 -21.89 -10.23 12.14
CA SER B 388 -22.27 -9.19 13.11
C SER B 388 -21.05 -8.46 13.69
N THR B 389 -21.16 -7.15 13.94
CA THR B 389 -20.21 -6.35 14.73
C THR B 389 -20.96 -5.37 15.64
N ILE B 390 -20.26 -4.57 16.46
CA ILE B 390 -20.86 -3.49 17.26
C ILE B 390 -21.63 -2.47 16.39
N SER B 391 -21.18 -2.20 15.17
CA SER B 391 -21.71 -1.14 14.30
C SER B 391 -22.02 -1.64 12.88
N LYS B 392 -21.00 -1.85 12.03
CA LYS B 392 -21.13 -2.29 10.63
C LYS B 392 -21.34 -3.81 10.48
N LEU B 393 -21.57 -4.27 9.26
CA LEU B 393 -21.55 -5.68 8.85
C LEU B 393 -22.53 -6.59 9.65
N ASN B 394 -23.69 -6.04 10.01
CA ASN B 394 -24.80 -6.71 10.69
C ASN B 394 -25.89 -7.27 9.71
N LYS B 395 -25.63 -7.35 8.41
CA LYS B 395 -26.60 -7.83 7.39
C LYS B 395 -26.94 -9.32 7.61
N ASP B 396 -28.22 -9.68 7.52
CA ASP B 396 -28.73 -11.05 7.65
C ASP B 396 -29.84 -11.32 6.62
N SER B 397 -29.64 -12.27 5.70
CA SER B 397 -30.61 -12.62 4.66
C SER B 397 -30.46 -14.03 4.04
N LEU B 398 -29.42 -14.81 4.37
CA LEU B 398 -29.13 -16.09 3.68
C LEU B 398 -30.29 -17.10 3.71
N LYS B 399 -30.47 -17.83 2.60
CA LYS B 399 -31.47 -18.89 2.45
C LYS B 399 -31.04 -20.24 3.07
N GLU B 400 -31.97 -21.18 3.13
CA GLU B 400 -31.80 -22.50 3.73
C GLU B 400 -32.49 -23.59 2.88
N TRP B 401 -32.24 -24.87 3.19
CA TRP B 401 -32.48 -26.03 2.32
C TRP B 401 -31.59 -25.99 1.08
N GLN B 402 -30.36 -26.46 1.27
CA GLN B 402 -29.26 -26.23 0.33
C GLN B 402 -29.50 -26.78 -1.07
N ARG B 403 -30.24 -27.87 -1.26
CA ARG B 403 -30.54 -28.39 -2.61
C ARG B 403 -31.50 -27.50 -3.41
N LYS B 404 -32.28 -26.63 -2.76
CA LYS B 404 -33.02 -25.51 -3.40
C LYS B 404 -32.10 -24.31 -3.67
N GLU B 405 -31.14 -24.03 -2.79
CA GLU B 405 -30.12 -23.00 -3.04
C GLU B 405 -29.19 -23.42 -4.21
N ILE B 406 -28.81 -24.69 -4.30
CA ILE B 406 -28.06 -25.29 -5.42
C ILE B 406 -28.87 -25.24 -6.72
N GLU B 407 -30.19 -25.39 -6.66
CA GLU B 407 -31.06 -25.23 -7.83
C GLU B 407 -31.05 -23.77 -8.35
N LYS B 408 -30.97 -22.78 -7.45
CA LYS B 408 -30.74 -21.37 -7.79
C LYS B 408 -29.34 -21.14 -8.37
N TYR B 409 -28.30 -21.66 -7.72
CA TYR B 409 -26.92 -21.56 -8.23
C TYR B 409 -26.76 -22.16 -9.63
N ASN B 410 -27.30 -23.35 -9.86
CA ASN B 410 -27.19 -24.01 -11.16
C ASN B 410 -27.98 -23.29 -12.27
N GLU B 411 -28.97 -22.43 -11.98
CA GLU B 411 -29.54 -21.52 -12.99
C GLU B 411 -28.81 -20.17 -13.08
N LYS B 412 -28.23 -19.64 -11.99
CA LYS B 412 -27.34 -18.47 -12.08
C LYS B 412 -26.07 -18.76 -12.87
N LYS B 413 -25.54 -19.97 -12.77
CA LYS B 413 -24.43 -20.54 -13.57
C LYS B 413 -24.69 -20.53 -15.09
N LYS B 414 -25.96 -20.42 -15.54
CA LYS B 414 -26.33 -20.34 -16.96
C LYS B 414 -26.40 -18.91 -17.52
N GLU B 415 -26.30 -17.86 -16.69
CA GLU B 415 -26.22 -16.46 -17.16
C GLU B 415 -24.78 -15.93 -17.11
N LYS B 416 -24.31 -15.39 -18.24
CA LYS B 416 -22.93 -14.93 -18.44
C LYS B 416 -22.73 -13.48 -17.99
N THR B 417 -23.21 -13.21 -16.77
CA THR B 417 -23.31 -11.87 -16.17
C THR B 417 -22.04 -11.45 -15.46
N PHE B 418 -21.67 -12.16 -14.40
CA PHE B 418 -20.44 -11.97 -13.62
C PHE B 418 -19.30 -12.85 -14.14
N GLN B 419 -18.08 -12.51 -13.71
CA GLN B 419 -16.85 -13.24 -14.04
C GLN B 419 -15.97 -13.41 -12.80
N ILE B 420 -15.26 -14.53 -12.69
CA ILE B 420 -14.31 -14.83 -11.62
C ILE B 420 -12.99 -15.34 -12.19
N SER B 421 -11.90 -15.16 -11.44
CA SER B 421 -10.53 -15.52 -11.86
C SER B 421 -9.94 -16.62 -10.97
N GLU B 422 -9.40 -17.67 -11.57
CA GLU B 422 -8.28 -18.38 -10.94
C GLU B 422 -7.02 -17.52 -11.13
N SER B 423 -6.22 -17.28 -10.09
CA SER B 423 -4.96 -16.55 -10.23
C SER B 423 -3.87 -17.07 -9.32
N GLY B 424 -2.65 -17.14 -9.84
CA GLY B 424 -1.52 -17.77 -9.19
C GLY B 424 -0.20 -17.21 -9.69
N THR B 425 0.86 -17.99 -9.68
CA THR B 425 2.15 -17.54 -10.19
C THR B 425 2.88 -18.66 -10.94
N MET B 426 3.75 -18.27 -11.87
CA MET B 426 4.57 -19.18 -12.64
C MET B 426 6.00 -18.63 -12.80
N TRP B 427 6.92 -19.50 -13.19
CA TRP B 427 8.19 -19.11 -13.77
C TRP B 427 8.38 -19.76 -15.13
N ILE B 428 9.07 -19.06 -16.00
CA ILE B 428 9.55 -19.60 -17.27
C ILE B 428 10.64 -20.64 -16.97
N MET B 429 10.49 -21.87 -17.44
CA MET B 429 11.51 -22.90 -17.24
C MET B 429 12.15 -23.37 -18.54
N ASP B 430 11.42 -23.44 -19.64
CA ASP B 430 11.90 -24.09 -20.86
C ASP B 430 11.22 -23.53 -22.12
N TYR B 431 11.80 -23.81 -23.28
CA TYR B 431 11.17 -23.63 -24.59
C TYR B 431 11.58 -24.75 -25.58
N LEU B 432 10.65 -25.16 -26.42
CA LEU B 432 10.89 -26.11 -27.49
C LEU B 432 11.78 -25.45 -28.54
N ASP B 433 12.84 -26.12 -28.99
CA ASP B 433 13.88 -25.50 -29.82
C ASP B 433 13.91 -26.08 -31.24
N GLU B 434 13.17 -25.47 -32.17
CA GLU B 434 13.09 -25.91 -33.58
C GLU B 434 14.21 -25.29 -34.45
N ASN B 435 14.65 -24.07 -34.13
CA ASN B 435 15.37 -23.14 -35.01
C ASN B 435 16.79 -22.80 -34.49
N ALA B 436 17.54 -23.78 -34.03
CA ALA B 436 18.92 -23.61 -33.53
C ALA B 436 19.05 -22.53 -32.43
N GLY B 437 18.03 -22.39 -31.59
CA GLY B 437 17.91 -21.40 -30.51
C GLY B 437 17.63 -19.96 -30.94
N LYS B 438 17.49 -19.66 -32.25
CA LYS B 438 17.48 -18.29 -32.78
C LYS B 438 16.27 -17.44 -32.36
N ASN B 439 15.06 -17.98 -32.46
CA ASN B 439 13.80 -17.25 -32.27
C ASN B 439 12.65 -18.19 -31.84
N PRO B 440 12.56 -18.59 -30.56
CA PRO B 440 11.55 -19.53 -30.06
C PRO B 440 10.18 -18.89 -29.85
N THR B 441 9.11 -19.70 -29.96
CA THR B 441 7.71 -19.24 -29.81
C THR B 441 6.86 -20.05 -28.83
N LYS B 442 7.31 -21.25 -28.42
CA LYS B 442 6.55 -22.20 -27.62
C LYS B 442 7.25 -22.49 -26.30
N PHE B 443 6.66 -22.03 -25.20
CA PHE B 443 7.28 -21.89 -23.89
C PHE B 443 6.57 -22.72 -22.83
N TYR B 444 7.32 -23.17 -21.83
CA TYR B 444 6.86 -24.02 -20.73
C TYR B 444 7.13 -23.33 -19.40
N PHE B 445 6.11 -23.30 -18.57
CA PHE B 445 6.07 -22.57 -17.31
C PHE B 445 5.81 -23.53 -16.13
N GLY B 446 6.65 -23.50 -15.11
CA GLY B 446 6.45 -24.21 -13.87
C GLY B 446 5.49 -23.47 -12.96
N THR B 447 4.54 -24.18 -12.37
CA THR B 447 3.52 -23.63 -11.48
C THR B 447 3.10 -24.73 -10.52
N ASN B 448 1.99 -24.60 -9.81
CA ASN B 448 1.40 -25.67 -9.02
C ASN B 448 0.03 -26.13 -9.52
N SER B 449 -0.33 -27.35 -9.18
CA SER B 449 -1.47 -28.08 -9.74
C SER B 449 -2.84 -27.48 -9.43
N HIS B 450 -3.07 -26.97 -8.22
CA HIS B 450 -4.32 -26.24 -7.96
C HIS B 450 -4.43 -24.88 -8.68
N VAL B 451 -3.34 -24.34 -9.23
CA VAL B 451 -3.38 -23.16 -10.11
C VAL B 451 -3.60 -23.58 -11.55
N ALA B 452 -2.88 -24.60 -12.01
CA ALA B 452 -3.00 -25.09 -13.38
C ALA B 452 -4.38 -25.69 -13.71
N LYS B 453 -5.14 -26.22 -12.74
CA LYS B 453 -6.54 -26.65 -12.92
C LYS B 453 -7.53 -25.51 -13.21
N GLY B 454 -7.12 -24.25 -13.10
CA GLY B 454 -7.89 -23.12 -13.59
C GLY B 454 -7.98 -23.05 -15.11
N ILE B 455 -7.14 -23.78 -15.84
CA ILE B 455 -7.26 -23.96 -17.28
C ILE B 455 -8.46 -24.88 -17.57
N LYS B 456 -9.62 -24.30 -17.90
CA LYS B 456 -10.92 -24.93 -18.18
C LYS B 456 -11.41 -24.61 -19.59
N ASP B 457 -12.27 -25.43 -20.18
CA ASP B 457 -12.73 -25.20 -21.56
C ASP B 457 -13.64 -23.97 -21.73
N GLY B 458 -14.35 -23.54 -20.69
CA GLY B 458 -15.23 -22.36 -20.72
C GLY B 458 -14.52 -21.01 -20.60
N MET B 459 -13.19 -20.97 -20.69
CA MET B 459 -12.38 -19.79 -20.36
C MET B 459 -12.53 -18.64 -21.36
N VAL B 460 -12.70 -17.42 -20.88
CA VAL B 460 -12.91 -16.21 -21.70
C VAL B 460 -11.64 -15.38 -21.92
N SER B 461 -10.68 -15.43 -20.99
CA SER B 461 -9.39 -14.76 -21.15
C SER B 461 -8.29 -15.34 -20.26
N PHE B 462 -7.05 -15.16 -20.70
CA PHE B 462 -5.79 -15.57 -20.08
C PHE B 462 -4.87 -14.37 -20.06
N SER B 463 -4.13 -14.13 -18.98
CA SER B 463 -3.21 -12.99 -18.92
C SER B 463 -1.91 -13.29 -18.18
N LEU B 464 -0.85 -12.54 -18.52
CA LEU B 464 0.49 -12.60 -17.95
C LEU B 464 0.89 -11.19 -17.52
N THR B 465 0.99 -10.87 -16.23
CA THR B 465 1.61 -9.60 -15.79
C THR B 465 2.93 -9.81 -15.09
N ARG B 466 3.95 -9.11 -15.59
CA ARG B 466 5.35 -9.36 -15.25
C ARG B 466 6.18 -8.08 -15.16
N LEU B 467 7.14 -8.08 -14.26
CA LEU B 467 8.11 -7.00 -14.04
C LEU B 467 9.07 -6.92 -15.23
N ASN B 468 9.23 -5.76 -15.86
CA ASN B 468 10.08 -5.67 -17.05
C ASN B 468 11.57 -5.70 -16.70
N SER B 469 12.36 -6.30 -17.59
CA SER B 469 13.80 -6.53 -17.43
C SER B 469 14.63 -5.26 -17.22
N GLU B 470 14.11 -4.13 -17.65
CA GLU B 470 14.72 -2.80 -17.61
C GLU B 470 14.92 -2.25 -16.18
N VAL B 471 14.17 -2.75 -15.21
CA VAL B 471 14.11 -2.34 -13.79
C VAL B 471 15.40 -2.61 -12.99
N LYS B 472 15.60 -1.87 -11.89
CA LYS B 472 16.85 -1.85 -11.08
C LYS B 472 16.64 -2.25 -9.62
N VAL B 473 17.65 -2.91 -9.04
CA VAL B 473 17.63 -3.39 -7.65
C VAL B 473 17.65 -2.24 -6.65
N GLY B 474 17.11 -2.49 -5.46
CA GLY B 474 16.95 -1.50 -4.39
C GLY B 474 15.72 -0.62 -4.51
N GLN B 475 15.09 -0.55 -5.68
CA GLN B 475 13.83 0.16 -5.92
C GLN B 475 12.64 -0.49 -5.18
N THR B 476 11.68 0.35 -4.75
CA THR B 476 10.38 -0.08 -4.19
C THR B 476 9.25 0.33 -5.13
N PHE B 477 8.42 -0.63 -5.53
CA PHE B 477 7.32 -0.45 -6.49
C PHE B 477 5.98 -0.01 -5.86
N LYS B 478 5.08 0.52 -6.67
CA LYS B 478 3.63 0.56 -6.39
C LYS B 478 3.02 -0.85 -6.62
N LEU B 479 1.74 -1.05 -6.29
CA LEU B 479 1.01 -2.29 -6.56
C LEU B 479 1.02 -2.63 -8.05
N ASN B 480 0.72 -3.87 -8.39
CA ASN B 480 0.91 -4.42 -9.73
C ASN B 480 0.07 -3.70 -10.80
N GLY B 481 -1.17 -3.29 -10.49
CA GLY B 481 -2.02 -2.51 -11.40
C GLY B 481 -1.73 -1.00 -11.39
N HIS B 482 -0.78 -0.56 -10.57
CA HIS B 482 -0.45 0.84 -10.30
C HIS B 482 0.99 1.19 -10.67
N ASP B 483 1.89 0.23 -10.88
CA ASP B 483 3.26 0.53 -11.29
C ASP B 483 3.47 0.27 -12.79
N SER B 484 4.03 1.26 -13.51
CA SER B 484 4.41 1.18 -14.93
C SER B 484 5.65 0.31 -15.21
N ASN B 485 6.38 -0.13 -14.19
CA ASN B 485 7.43 -1.13 -14.31
C ASN B 485 6.90 -2.56 -14.48
N PHE B 486 5.61 -2.81 -14.24
CA PHE B 486 4.96 -4.02 -14.73
C PHE B 486 4.36 -3.78 -16.11
N THR B 487 4.35 -4.83 -16.91
CA THR B 487 3.55 -4.91 -18.13
C THR B 487 2.65 -6.12 -18.03
N LYS B 488 1.47 -6.05 -18.65
CA LYS B 488 0.46 -7.09 -18.65
C LYS B 488 0.04 -7.39 -20.08
N PHE B 489 -0.08 -8.66 -20.43
CA PHE B 489 -0.48 -9.13 -21.75
C PHE B 489 -1.70 -10.01 -21.58
N THR B 490 -2.85 -9.60 -22.10
CA THR B 490 -4.12 -10.34 -21.97
C THR B 490 -4.54 -10.88 -23.33
N PHE B 491 -4.89 -12.14 -23.41
CA PHE B 491 -5.29 -12.85 -24.61
C PHE B 491 -6.73 -13.34 -24.50
N SER B 492 -7.47 -13.18 -25.59
CA SER B 492 -8.90 -13.47 -25.68
C SER B 492 -9.23 -14.16 -27.00
N PRO B 493 -10.20 -15.08 -27.03
CA PRO B 493 -10.55 -15.86 -28.22
C PRO B 493 -11.39 -15.07 -29.24
N ILE B 494 -11.28 -15.44 -30.51
CA ILE B 494 -11.99 -14.85 -31.66
C ILE B 494 -12.48 -15.98 -32.58
N ASN B 495 -13.57 -15.74 -33.32
CA ASN B 495 -14.16 -16.69 -34.28
C ASN B 495 -14.46 -18.11 -33.73
N GLY B 496 -14.77 -18.24 -32.44
CA GLY B 496 -15.03 -19.52 -31.80
C GLY B 496 -13.80 -20.43 -31.60
N ASN B 497 -12.58 -19.92 -31.71
CA ASN B 497 -11.37 -20.63 -31.27
C ASN B 497 -11.33 -20.75 -29.74
N LYS B 498 -10.88 -21.88 -29.18
CA LYS B 498 -10.86 -22.12 -27.73
C LYS B 498 -9.50 -21.74 -27.14
N LEU B 499 -9.48 -21.21 -25.92
CA LEU B 499 -8.23 -20.76 -25.29
C LEU B 499 -7.31 -21.92 -24.88
N GLU B 500 -7.87 -23.11 -24.60
CA GLU B 500 -7.12 -24.37 -24.49
C GLU B 500 -6.45 -24.87 -25.78
N ASP B 501 -6.82 -24.38 -26.96
CA ASP B 501 -6.08 -24.75 -28.18
C ASP B 501 -4.65 -24.16 -28.20
N ALA B 502 -4.36 -23.16 -27.37
CA ALA B 502 -3.09 -22.43 -27.33
C ALA B 502 -2.36 -22.47 -25.97
N VAL B 503 -3.08 -22.70 -24.87
CA VAL B 503 -2.55 -22.82 -23.50
C VAL B 503 -2.96 -24.16 -22.88
N THR B 504 -2.01 -24.99 -22.45
CA THR B 504 -2.25 -26.38 -22.04
C THR B 504 -1.49 -26.75 -20.78
N ALA B 505 -2.10 -27.39 -19.79
CA ALA B 505 -1.38 -28.06 -18.71
C ALA B 505 -0.80 -29.40 -19.20
N ILE B 506 0.53 -29.54 -19.27
CA ILE B 506 1.22 -30.69 -19.88
C ILE B 506 1.66 -31.77 -18.89
N PHE B 507 2.07 -31.40 -17.69
CA PHE B 507 2.47 -32.33 -16.62
C PHE B 507 1.78 -31.92 -15.32
N HIS B 508 1.31 -32.87 -14.52
CA HIS B 508 0.53 -32.61 -13.29
C HIS B 508 1.09 -33.27 -12.01
N ALA B 509 2.21 -33.99 -12.08
CA ALA B 509 2.83 -34.64 -10.91
C ALA B 509 1.88 -35.48 -10.04
N THR B 510 0.91 -36.16 -10.66
CA THR B 510 -0.02 -37.08 -10.01
C THR B 510 0.51 -38.50 -10.05
N ASP B 511 0.47 -39.18 -8.91
CA ASP B 511 0.70 -40.63 -8.78
C ASP B 511 2.03 -41.13 -9.37
N PHE B 512 3.05 -40.28 -9.27
CA PHE B 512 4.37 -40.44 -9.87
C PHE B 512 5.27 -41.52 -9.24
N ILE B 513 4.85 -42.16 -8.15
CA ILE B 513 5.54 -43.29 -7.50
C ILE B 513 4.95 -44.66 -7.90
N ASN B 514 3.77 -44.70 -8.54
CA ASN B 514 2.90 -45.89 -8.64
C ASN B 514 3.34 -46.99 -9.65
N GLU B 515 4.63 -47.33 -9.65
CA GLU B 515 5.11 -48.66 -10.04
C GLU B 515 4.91 -49.59 -8.83
N ASN B 516 4.78 -50.90 -9.03
CA ASN B 516 4.53 -51.88 -7.98
C ASN B 516 5.56 -51.82 -6.83
N SER B 517 5.11 -52.10 -5.60
CA SER B 517 5.85 -52.15 -4.32
C SER B 517 6.37 -50.82 -3.75
N SER B 518 6.72 -49.84 -4.58
CA SER B 518 7.06 -48.48 -4.13
C SER B 518 5.96 -47.60 -3.49
N PRO B 519 4.62 -47.81 -3.65
CA PRO B 519 3.59 -46.91 -3.13
C PRO B 519 3.48 -46.85 -1.60
N LEU B 520 2.50 -46.09 -1.11
CA LEU B 520 2.13 -46.04 0.30
C LEU B 520 0.68 -46.39 0.62
N LYS B 521 -0.25 -46.37 -0.34
CA LYS B 521 -1.70 -46.58 -0.08
C LYS B 521 -2.04 -48.00 0.43
N LEU B 522 -1.33 -49.02 -0.06
CA LEU B 522 -1.40 -50.40 0.43
C LEU B 522 -0.93 -50.58 1.90
N LEU B 523 -0.38 -49.53 2.53
CA LEU B 523 0.05 -49.51 3.94
C LEU B 523 -1.00 -48.93 4.90
N ASP B 524 -2.09 -48.30 4.43
CA ASP B 524 -3.19 -47.83 5.30
C ASP B 524 -3.92 -49.00 5.98
N SER B 525 -4.11 -48.94 7.31
CA SER B 525 -4.63 -50.06 8.12
C SER B 525 -6.08 -50.44 7.79
N GLU B 526 -6.99 -49.48 7.93
CA GLU B 526 -8.44 -49.69 7.89
C GLU B 526 -9.17 -48.55 7.18
N GLN B 527 -8.67 -47.31 7.28
CA GLN B 527 -9.22 -46.16 6.58
C GLN B 527 -9.07 -46.22 5.06
N LYS B 528 -8.38 -47.22 4.48
CA LYS B 528 -8.52 -47.53 3.04
C LYS B 528 -9.93 -48.01 2.63
N SER B 529 -10.77 -48.35 3.59
CA SER B 529 -12.22 -48.49 3.39
C SER B 529 -12.85 -47.15 2.95
N LYS B 530 -12.52 -46.03 3.62
CA LYS B 530 -12.98 -44.69 3.24
C LYS B 530 -12.21 -44.10 2.06
N TYR B 531 -10.89 -44.07 2.13
CA TYR B 531 -10.01 -43.47 1.11
C TYR B 531 -9.65 -44.44 -0.03
N ASN B 532 -10.62 -45.25 -0.45
CA ASN B 532 -10.55 -46.11 -1.61
C ASN B 532 -10.35 -45.30 -2.90
N GLY B 533 -9.54 -45.79 -3.82
CA GLY B 533 -9.26 -45.16 -5.11
C GLY B 533 -8.37 -43.91 -5.07
N ALA B 534 -8.34 -43.17 -3.96
CA ALA B 534 -7.50 -41.98 -3.77
C ALA B 534 -6.00 -42.29 -3.96
N GLY B 535 -5.30 -41.42 -4.69
CA GLY B 535 -3.87 -41.52 -4.97
C GLY B 535 -3.00 -40.61 -4.13
N ILE B 536 -1.81 -40.33 -4.64
CA ILE B 536 -0.85 -39.39 -4.05
C ILE B 536 -0.42 -38.38 -5.11
N PHE B 537 -0.11 -37.15 -4.73
CA PHE B 537 0.45 -36.15 -5.63
C PHE B 537 1.38 -35.18 -4.88
N ALA B 538 2.16 -34.41 -5.63
CA ALA B 538 2.83 -33.21 -5.12
C ALA B 538 2.30 -32.00 -5.87
N ASP B 539 2.01 -30.88 -5.21
CA ASP B 539 1.37 -29.74 -5.86
C ASP B 539 2.34 -28.98 -6.79
N PHE B 540 2.59 -29.53 -7.97
CA PHE B 540 3.46 -28.99 -9.03
C PHE B 540 2.92 -29.35 -10.43
N ALA B 541 2.88 -28.41 -11.37
CA ALA B 541 2.41 -28.64 -12.73
C ALA B 541 3.20 -27.80 -13.74
N ILE B 542 3.23 -28.20 -15.01
CA ILE B 542 3.96 -27.49 -16.06
C ILE B 542 3.03 -27.14 -17.21
N VAL B 543 2.86 -25.86 -17.49
CA VAL B 543 1.94 -25.30 -18.48
C VAL B 543 2.69 -24.87 -19.73
N GLU B 544 2.22 -25.29 -20.89
CA GLU B 544 2.67 -24.85 -22.20
C GLU B 544 1.87 -23.64 -22.68
N VAL B 545 2.55 -22.65 -23.23
CA VAL B 545 1.96 -21.51 -23.93
C VAL B 545 2.59 -21.38 -25.32
N ASP B 546 1.78 -21.45 -26.38
CA ASP B 546 2.23 -21.36 -27.76
C ASP B 546 1.89 -19.98 -28.35
N PHE B 547 2.82 -19.02 -28.21
CA PHE B 547 2.56 -17.63 -28.61
C PHE B 547 2.40 -17.46 -30.13
N ALA B 548 2.93 -18.37 -30.96
CA ALA B 548 2.72 -18.36 -32.41
C ALA B 548 1.26 -18.66 -32.81
N LYS B 549 0.42 -19.13 -31.87
CA LYS B 549 -1.05 -19.12 -31.97
C LYS B 549 -1.73 -18.47 -30.76
N LEU B 550 -1.12 -17.43 -30.19
CA LEU B 550 -1.83 -16.41 -29.40
C LEU B 550 -1.69 -15.02 -30.05
N LEU B 551 -0.61 -14.78 -30.77
CA LEU B 551 -0.41 -13.57 -31.58
C LEU B 551 -0.91 -13.71 -33.03
N ASP B 552 -1.55 -14.84 -33.35
CA ASP B 552 -2.29 -15.04 -34.59
C ASP B 552 -3.64 -14.29 -34.55
N LYS B 553 -3.71 -13.14 -35.21
CA LYS B 553 -4.84 -12.20 -35.17
C LYS B 553 -6.15 -12.73 -35.77
N GLY B 554 -6.11 -13.82 -36.54
CA GLY B 554 -7.30 -14.49 -37.08
C GLY B 554 -8.05 -15.35 -36.07
N LYS B 555 -7.44 -15.64 -34.92
CA LYS B 555 -7.92 -16.62 -33.93
C LYS B 555 -7.98 -16.07 -32.52
N TYR B 556 -7.11 -15.12 -32.17
CA TYR B 556 -7.09 -14.45 -30.87
C TYR B 556 -6.78 -12.96 -31.01
N SER B 557 -7.30 -12.15 -30.08
CA SER B 557 -6.93 -10.75 -29.89
C SER B 557 -6.14 -10.58 -28.60
N TYR B 558 -4.93 -10.02 -28.71
CA TYR B 558 -4.10 -9.62 -27.58
C TYR B 558 -4.29 -8.14 -27.25
N SER B 559 -4.15 -7.80 -25.97
CA SER B 559 -4.07 -6.44 -25.47
C SER B 559 -2.96 -6.30 -24.45
N VAL B 560 -2.19 -5.21 -24.52
CA VAL B 560 -1.05 -4.90 -23.66
C VAL B 560 -1.44 -3.75 -22.76
N TRP B 561 -1.24 -3.91 -21.46
CA TRP B 561 -1.65 -2.95 -20.42
C TRP B 561 -0.45 -2.56 -19.55
N SER B 562 -0.47 -1.37 -18.96
CA SER B 562 0.55 -0.94 -17.98
C SER B 562 0.02 0.17 -17.09
N ALA B 563 0.16 0.03 -15.76
CA ALA B 563 -0.44 0.93 -14.77
C ALA B 563 -1.95 1.16 -14.95
N SER B 564 -2.67 0.15 -15.43
CA SER B 564 -4.10 0.22 -15.77
C SER B 564 -4.45 1.17 -16.94
N ASN B 565 -3.48 1.49 -17.80
CA ASN B 565 -3.71 1.99 -19.15
C ASN B 565 -3.77 0.81 -20.14
N ASP B 566 -4.51 0.94 -21.23
CA ASP B 566 -4.31 0.13 -22.43
C ASP B 566 -3.23 0.78 -23.32
N ILE B 567 -2.14 0.06 -23.57
CA ILE B 567 -0.96 0.51 -24.31
C ILE B 567 -0.73 -0.27 -25.61
N THR B 568 -1.72 -1.06 -26.06
CA THR B 568 -1.58 -2.03 -27.16
C THR B 568 -1.06 -1.44 -28.47
N ASN B 569 -1.62 -0.31 -28.91
CA ASN B 569 -1.28 0.31 -30.19
C ASN B 569 0.02 1.14 -30.16
N GLN B 570 0.59 1.38 -28.97
CA GLN B 570 1.87 2.05 -28.77
C GLN B 570 3.01 1.09 -28.38
N TYR B 571 2.71 -0.14 -28.01
CA TYR B 571 3.69 -1.19 -27.72
C TYR B 571 4.31 -1.78 -29.00
N GLU B 572 5.25 -2.71 -28.83
CA GLU B 572 5.81 -3.54 -29.91
C GLU B 572 4.72 -4.33 -30.67
N THR B 573 4.92 -4.55 -31.96
CA THR B 573 3.96 -5.20 -32.86
C THR B 573 4.49 -6.42 -33.63
N GLU B 574 5.75 -6.44 -34.07
CA GLU B 574 6.27 -7.54 -34.88
C GLU B 574 6.54 -8.78 -34.03
N GLN B 575 6.05 -9.95 -34.45
CA GLN B 575 5.90 -11.14 -33.60
C GLN B 575 7.15 -11.60 -32.85
N ASN B 576 8.32 -11.69 -33.49
CA ASN B 576 9.52 -12.18 -32.79
C ASN B 576 9.99 -11.18 -31.72
N LYS B 577 9.84 -9.88 -31.98
CA LYS B 577 10.10 -8.84 -30.98
C LYS B 577 9.02 -8.78 -29.90
N LEU B 578 7.76 -8.97 -30.24
CA LEU B 578 6.68 -8.99 -29.28
C LEU B 578 6.77 -10.20 -28.34
N ILE B 579 7.15 -11.39 -28.83
CA ILE B 579 7.42 -12.56 -27.97
C ILE B 579 8.62 -12.30 -27.06
N SER B 580 9.63 -11.60 -27.53
CA SER B 580 10.77 -11.23 -26.69
C SER B 580 10.41 -10.20 -25.63
N LYS B 581 9.58 -9.20 -25.93
CA LYS B 581 9.07 -8.24 -24.93
C LYS B 581 8.09 -8.89 -23.94
N ILE B 582 7.30 -9.88 -24.32
CA ILE B 582 6.47 -10.69 -23.41
C ILE B 582 7.35 -11.49 -22.42
N THR B 583 8.30 -12.26 -22.96
CA THR B 583 9.11 -13.24 -22.21
C THR B 583 10.37 -12.64 -21.57
N ASN B 584 10.48 -11.31 -21.45
CA ASN B 584 11.67 -10.59 -20.96
C ASN B 584 12.98 -11.10 -21.59
N ASN B 585 12.89 -11.50 -22.85
CA ASN B 585 13.94 -12.04 -23.70
C ASN B 585 14.71 -13.25 -23.11
N TYR B 586 14.01 -14.19 -22.46
CA TYR B 586 14.60 -15.42 -21.91
C TYR B 586 15.41 -16.27 -22.92
N SER B 587 15.09 -16.18 -24.21
CA SER B 587 15.88 -16.79 -25.29
C SER B 587 17.32 -16.29 -25.32
N GLU B 588 17.54 -14.98 -25.31
CA GLU B 588 18.86 -14.37 -25.49
C GLU B 588 19.57 -14.02 -24.18
N SER B 589 18.94 -14.24 -23.03
CA SER B 589 19.62 -14.37 -21.72
C SER B 589 20.58 -15.59 -21.56
N ASP B 590 21.66 -15.44 -20.79
CA ASP B 590 22.49 -16.55 -20.31
C ASP B 590 22.05 -17.16 -18.96
N LYS B 591 21.41 -16.40 -18.05
CA LYS B 591 20.92 -16.88 -16.74
C LYS B 591 19.62 -17.69 -16.86
N LYS B 592 19.60 -18.70 -17.74
CA LYS B 592 18.53 -19.71 -17.85
C LYS B 592 18.48 -20.61 -16.60
N VAL B 593 17.32 -21.18 -16.30
CA VAL B 593 17.17 -21.98 -15.09
C VAL B 593 17.92 -23.32 -15.15
N LYS B 594 18.34 -23.76 -13.97
CA LYS B 594 18.92 -25.05 -13.61
C LYS B 594 18.12 -25.63 -12.45
N PHE B 595 18.32 -26.89 -12.09
CA PHE B 595 17.61 -27.54 -10.99
C PHE B 595 18.58 -28.03 -9.92
N PHE B 596 18.22 -27.99 -8.65
CA PHE B 596 19.14 -28.32 -7.56
C PHE B 596 19.36 -29.83 -7.44
N SER B 597 20.53 -30.32 -7.89
CA SER B 597 20.81 -31.76 -8.02
C SER B 597 21.28 -32.43 -6.73
N ASP B 598 21.86 -31.70 -5.79
CA ASP B 598 22.27 -32.24 -4.49
C ASP B 598 21.06 -32.72 -3.66
N SER B 599 21.23 -33.83 -2.94
CA SER B 599 20.31 -34.27 -1.90
C SER B 599 20.33 -33.32 -0.71
N LEU B 600 19.24 -32.62 -0.41
CA LEU B 600 19.13 -31.80 0.82
C LEU B 600 19.13 -32.62 2.12
N LEU B 601 19.02 -33.95 2.03
CA LEU B 601 19.02 -34.88 3.16
C LEU B 601 20.43 -35.36 3.57
N ASN B 602 21.39 -35.37 2.65
CA ASN B 602 22.79 -35.63 2.96
C ASN B 602 23.38 -34.50 3.84
N GLU B 603 24.24 -34.85 4.79
CA GLU B 603 24.65 -33.90 5.84
C GLU B 603 25.52 -32.75 5.33
N GLN B 604 26.38 -33.01 4.33
CA GLN B 604 27.19 -31.97 3.72
C GLN B 604 26.39 -31.00 2.86
N THR B 605 25.21 -31.38 2.37
CA THR B 605 24.33 -30.45 1.65
C THR B 605 23.58 -29.57 2.60
N TYR B 606 22.93 -30.13 3.63
CA TYR B 606 22.15 -29.34 4.58
C TYR B 606 23.02 -28.30 5.29
N ALA B 607 24.27 -28.64 5.63
CA ALA B 607 25.20 -27.75 6.30
C ALA B 607 25.53 -26.46 5.51
N LYS B 608 25.30 -26.44 4.19
CA LYS B 608 25.45 -25.26 3.34
C LYS B 608 24.32 -24.23 3.53
N PHE B 609 23.16 -24.65 4.04
CA PHE B 609 22.01 -23.81 4.37
C PHE B 609 21.83 -23.59 5.89
N ASP B 610 22.56 -24.34 6.73
CA ASP B 610 22.46 -24.37 8.19
C ASP B 610 23.03 -23.09 8.83
N ARG B 611 22.23 -22.03 8.87
CA ARG B 611 22.64 -20.70 9.36
C ARG B 611 23.11 -20.71 10.83
N PRO B 612 24.07 -19.87 11.25
CA PRO B 612 24.25 -19.53 12.65
C PRO B 612 23.08 -18.66 13.13
N LEU B 613 22.67 -18.77 14.41
CA LEU B 613 21.60 -17.92 14.95
C LEU B 613 22.04 -16.46 15.04
N ASP B 614 23.30 -16.25 15.37
CA ASP B 614 24.01 -14.98 15.46
C ASP B 614 25.48 -15.15 15.10
N PHE B 615 26.14 -14.06 14.73
CA PHE B 615 27.56 -14.02 14.39
C PHE B 615 28.11 -12.64 14.74
N ASP B 616 29.43 -12.50 14.83
CA ASP B 616 30.09 -11.21 14.96
C ASP B 616 30.32 -10.59 13.56
N PRO B 617 29.60 -9.53 13.16
CA PRO B 617 29.79 -8.93 11.83
C PRO B 617 31.12 -8.20 11.70
N LYS B 618 31.77 -7.87 12.82
CA LYS B 618 33.02 -7.11 12.88
C LYS B 618 34.27 -8.00 12.71
N LYS B 619 34.13 -9.28 13.06
CA LYS B 619 35.18 -10.32 13.02
C LYS B 619 35.43 -10.83 11.60
N GLU B 620 36.49 -11.61 11.38
CA GLU B 620 36.83 -12.04 10.01
C GLU B 620 35.90 -13.15 9.45
N ASP B 621 35.17 -13.88 10.28
CA ASP B 621 34.21 -14.94 9.87
C ASP B 621 32.85 -14.40 9.34
N GLU B 622 32.86 -13.29 8.60
CA GLU B 622 31.82 -13.07 7.60
C GLU B 622 31.97 -14.07 6.45
N LEU B 623 33.20 -14.39 6.06
CA LEU B 623 33.51 -15.61 5.32
C LEU B 623 32.93 -16.79 6.12
N LYS B 624 32.25 -17.72 5.45
CA LYS B 624 31.38 -18.77 6.01
C LYS B 624 29.97 -18.36 6.42
N LYS B 625 29.63 -17.06 6.47
CA LYS B 625 28.26 -16.50 6.44
C LYS B 625 27.88 -15.99 5.05
N TYR B 626 28.79 -15.33 4.33
CA TYR B 626 28.62 -15.06 2.89
C TYR B 626 28.43 -16.35 2.08
N ASN B 627 29.18 -17.39 2.40
CA ASN B 627 29.27 -18.65 1.66
C ASN B 627 28.15 -19.65 1.98
N ASP B 628 27.20 -19.30 2.85
CA ASP B 628 25.96 -20.06 2.97
C ASP B 628 25.21 -20.03 1.64
N LEU B 629 24.60 -21.15 1.25
CA LEU B 629 23.55 -21.14 0.25
C LEU B 629 22.29 -20.47 0.83
N ASP B 630 21.57 -19.86 -0.08
CA ASP B 630 20.44 -18.97 0.11
C ASP B 630 19.20 -19.64 -0.43
N SER B 631 18.04 -19.39 0.14
CA SER B 631 16.80 -19.58 -0.59
C SER B 631 16.32 -18.24 -1.12
N LEU B 632 16.07 -18.17 -2.42
CA LEU B 632 15.52 -17.01 -3.10
C LEU B 632 14.07 -17.29 -3.46
N TYR B 633 13.16 -16.43 -3.03
CA TYR B 633 11.82 -16.45 -3.56
C TYR B 633 11.19 -15.05 -3.69
N ILE B 634 11.80 -14.15 -4.50
CA ILE B 634 10.99 -13.09 -5.17
C ILE B 634 10.26 -13.79 -6.27
N VAL B 635 9.20 -14.40 -5.82
CA VAL B 635 8.27 -15.16 -6.60
C VAL B 635 6.96 -15.02 -5.90
N GLY B 636 5.91 -15.33 -6.62
CA GLY B 636 4.58 -15.18 -6.09
C GLY B 636 4.14 -13.73 -6.11
N TYR B 637 2.90 -13.56 -6.51
CA TYR B 637 2.17 -12.32 -6.38
C TYR B 637 0.89 -12.63 -5.62
N PRO B 638 0.85 -12.43 -4.29
CA PRO B 638 -0.41 -12.52 -3.58
C PRO B 638 -1.32 -11.35 -3.95
N THR B 639 -2.63 -11.52 -3.81
CA THR B 639 -3.56 -10.39 -3.90
C THR B 639 -3.21 -9.31 -2.88
N ALA B 640 -3.39 -8.04 -3.24
CA ALA B 640 -3.00 -6.92 -2.38
C ALA B 640 -3.89 -6.70 -1.14
N TYR B 641 -4.94 -7.50 -0.92
CA TYR B 641 -5.88 -7.31 0.18
C TYR B 641 -5.25 -7.39 1.58
N LYS B 642 -4.30 -8.31 1.80
CA LYS B 642 -3.56 -8.44 3.07
C LYS B 642 -2.16 -7.79 3.08
N ASP B 643 -1.86 -6.94 2.10
CA ASP B 643 -0.63 -6.15 2.03
C ASP B 643 -0.62 -5.04 3.08
N PHE B 644 0.04 -5.31 4.20
CA PHE B 644 0.11 -4.46 5.39
C PHE B 644 1.13 -3.31 5.32
N TYR B 645 1.92 -3.23 4.26
CA TYR B 645 2.94 -2.18 4.13
C TYR B 645 2.39 -0.87 3.57
N LEU B 646 1.23 -0.91 2.92
CA LEU B 646 0.47 0.25 2.48
C LEU B 646 0.04 1.10 3.68
N ASP B 647 0.36 2.40 3.70
CA ASP B 647 -0.11 3.32 4.73
C ASP B 647 -1.63 3.52 4.65
N GLN B 648 -2.30 3.76 5.77
CA GLN B 648 -3.74 4.02 5.84
C GLN B 648 -4.18 5.18 4.93
N TYR B 649 -3.27 6.12 4.64
CA TYR B 649 -3.48 7.30 3.81
C TYR B 649 -2.82 7.23 2.42
N GLU B 650 -2.34 6.06 1.97
CA GLU B 650 -2.08 5.76 0.54
C GLU B 650 -3.35 5.30 -0.21
N ASP B 651 -4.35 6.18 -0.27
CA ASP B 651 -5.73 5.85 -0.66
C ASP B 651 -5.88 5.23 -2.05
N GLU B 652 -5.27 5.77 -3.10
CA GLU B 652 -5.50 5.28 -4.47
C GLU B 652 -5.01 3.85 -4.70
N LYS B 653 -3.84 3.48 -4.15
CA LYS B 653 -3.36 2.09 -4.14
C LYS B 653 -4.32 1.21 -3.36
N GLN B 654 -4.74 1.67 -2.18
CA GLN B 654 -5.58 0.90 -1.26
C GLN B 654 -7.09 0.87 -1.60
N LEU B 655 -7.60 1.69 -2.52
CA LEU B 655 -9.03 1.78 -2.86
C LEU B 655 -9.55 0.50 -3.51
N LYS B 656 -9.08 0.19 -4.72
CA LYS B 656 -9.35 -1.09 -5.42
C LYS B 656 -8.47 -2.20 -4.83
N ASN B 657 -8.61 -2.49 -3.53
CA ASN B 657 -7.66 -3.32 -2.78
C ASN B 657 -7.68 -4.78 -3.24
N LYS B 658 -8.89 -5.37 -3.32
CA LYS B 658 -9.12 -6.78 -3.66
C LYS B 658 -9.26 -7.05 -5.15
N LYS B 659 -10.01 -6.22 -5.89
CA LYS B 659 -10.29 -6.38 -7.33
C LYS B 659 -9.04 -6.06 -8.15
N TYR B 660 -8.72 -6.90 -9.13
CA TYR B 660 -7.68 -6.66 -10.14
C TYR B 660 -6.25 -6.32 -9.60
N ASP B 661 -5.92 -6.48 -8.30
CA ASP B 661 -4.64 -5.95 -7.77
C ASP B 661 -3.82 -6.86 -6.83
N PHE B 662 -2.49 -6.77 -6.99
CA PHE B 662 -1.49 -7.71 -6.50
C PHE B 662 -0.20 -7.01 -6.05
N SER B 663 0.61 -7.74 -5.26
CA SER B 663 1.88 -7.30 -4.68
C SER B 663 3.06 -8.15 -5.20
N LEU B 664 4.30 -7.64 -5.21
CA LEU B 664 5.53 -8.38 -5.56
C LEU B 664 6.23 -8.95 -4.31
N TRP B 665 5.60 -9.94 -3.66
CA TRP B 665 6.09 -10.53 -2.39
C TRP B 665 7.45 -11.23 -2.55
N ILE B 666 8.21 -11.26 -1.47
CA ILE B 666 9.64 -11.57 -1.38
C ILE B 666 9.87 -12.50 -0.18
N ASN B 667 11.11 -12.63 0.25
CA ASN B 667 11.63 -13.43 1.34
C ASN B 667 12.72 -12.58 1.99
N SER B 668 12.33 -11.65 2.86
CA SER B 668 13.22 -10.66 3.48
C SER B 668 12.61 -9.96 4.69
N GLU B 669 13.51 -9.34 5.47
CA GLU B 669 13.20 -8.49 6.61
C GLU B 669 12.16 -7.41 6.27
N TYR B 670 11.12 -7.26 7.08
CA TYR B 670 10.13 -6.19 6.94
C TYR B 670 10.76 -4.79 7.07
N LYS B 671 11.99 -4.69 7.56
CA LYS B 671 12.76 -3.46 7.76
C LYS B 671 13.26 -2.80 6.48
N PHE B 672 13.25 -3.49 5.35
CA PHE B 672 13.76 -2.96 4.08
C PHE B 672 12.80 -2.02 3.33
N TYR B 673 11.53 -1.89 3.73
CA TYR B 673 10.44 -1.52 2.81
C TYR B 673 10.62 -0.27 1.93
N ASN B 674 10.86 0.90 2.53
CA ASN B 674 11.11 2.15 1.81
C ASN B 674 12.55 2.65 2.01
N LYS B 675 13.47 1.75 2.36
CA LYS B 675 14.76 2.08 2.98
C LYS B 675 15.99 1.77 2.11
N LEU B 676 15.84 0.95 1.07
CA LEU B 676 16.91 0.51 0.15
C LEU B 676 17.16 1.48 -1.02
N ILE B 677 16.45 2.60 -1.13
CA ILE B 677 16.53 3.52 -2.28
C ILE B 677 17.92 4.19 -2.36
N ASN B 678 18.71 3.87 -3.39
CA ASN B 678 20.03 4.43 -3.67
C ASN B 678 19.98 5.80 -4.35
N LYS B 679 19.42 6.81 -3.67
CA LYS B 679 19.42 8.22 -4.08
C LYS B 679 20.84 8.76 -4.25
N GLU B 680 21.08 9.63 -5.23
CA GLU B 680 22.38 10.26 -5.43
C GLU B 680 22.83 11.06 -4.19
N GLY B 681 24.10 10.91 -3.82
CA GLY B 681 24.67 11.54 -2.62
C GLY B 681 24.27 10.92 -1.28
N SER B 682 23.47 9.85 -1.25
CA SER B 682 23.18 9.08 -0.04
C SER B 682 24.26 8.05 0.27
N THR B 683 24.20 7.45 1.47
CA THR B 683 25.03 6.31 1.87
C THR B 683 24.14 5.11 2.19
N ASN B 684 24.53 3.88 1.87
CA ASN B 684 23.73 2.70 2.20
C ASN B 684 23.55 2.56 3.72
N SER B 685 22.30 2.49 4.16
CA SER B 685 21.91 2.41 5.57
C SER B 685 21.96 0.98 6.14
N PHE B 686 22.22 -0.03 5.31
CA PHE B 686 22.34 -1.45 5.69
C PHE B 686 23.66 -2.03 5.19
N LYS B 687 24.27 -2.93 5.97
CA LYS B 687 25.55 -3.56 5.64
C LYS B 687 25.40 -4.52 4.45
N GLU B 688 26.42 -4.63 3.60
CA GLU B 688 26.34 -5.41 2.37
C GLU B 688 26.07 -6.91 2.60
N TYR B 689 26.41 -7.48 3.76
CA TYR B 689 26.06 -8.86 4.11
C TYR B 689 24.56 -9.06 4.36
N GLU B 690 23.82 -8.00 4.68
CA GLU B 690 22.45 -8.07 5.20
C GLU B 690 21.41 -8.09 4.06
N THR B 691 21.55 -7.20 3.08
CA THR B 691 20.73 -7.16 1.86
C THR B 691 21.24 -8.11 0.76
N GLY B 692 22.50 -8.55 0.84
CA GLY B 692 23.18 -9.34 -0.20
C GLY B 692 22.98 -10.85 -0.15
N LYS B 693 21.95 -11.35 0.55
CA LYS B 693 21.65 -12.77 0.79
C LYS B 693 20.17 -13.09 0.56
N GLY B 694 19.83 -14.37 0.45
CA GLY B 694 18.48 -14.87 0.69
C GLY B 694 18.19 -15.07 2.18
N ASN B 695 17.18 -15.87 2.47
CA ASN B 695 16.92 -16.43 3.80
C ASN B 695 16.87 -17.96 3.72
N PHE B 696 16.47 -18.61 4.80
CA PHE B 696 16.79 -20.01 5.06
C PHE B 696 15.55 -20.83 5.42
N PHE B 697 15.76 -21.99 6.04
CA PHE B 697 14.73 -22.84 6.60
C PHE B 697 14.13 -22.34 7.93
N SER B 698 12.87 -22.64 8.16
CA SER B 698 12.08 -22.26 9.33
C SER B 698 12.26 -23.21 10.52
N TYR B 699 12.39 -22.67 11.73
CA TYR B 699 12.42 -23.43 12.99
C TYR B 699 10.99 -23.67 13.52
N GLN B 700 10.01 -23.88 12.65
CA GLN B 700 8.66 -24.36 13.01
C GLN B 700 8.68 -25.85 13.40
N ILE B 701 8.12 -26.22 14.55
CA ILE B 701 8.12 -27.63 15.02
C ILE B 701 7.01 -28.44 14.34
N GLY B 702 5.83 -27.87 14.14
CA GLY B 702 4.65 -28.59 13.71
C GLY B 702 4.77 -29.28 12.36
N TYR B 703 5.24 -28.56 11.35
CA TYR B 703 5.43 -29.10 10.00
C TYR B 703 6.70 -29.95 9.82
N ARG B 704 7.72 -29.84 10.67
CA ARG B 704 8.97 -30.56 10.53
C ARG B 704 8.82 -32.06 10.76
N SER B 705 9.36 -32.87 9.85
CA SER B 705 9.51 -34.32 10.01
C SER B 705 10.92 -34.70 10.46
N PHE B 706 11.96 -34.20 9.79
CA PHE B 706 13.34 -34.60 10.06
C PHE B 706 13.94 -33.71 11.15
N ILE B 707 14.02 -34.25 12.35
CA ILE B 707 14.10 -33.44 13.57
C ILE B 707 15.38 -32.62 13.73
N ASP B 708 16.54 -33.17 13.41
CA ASP B 708 17.82 -32.46 13.38
C ASP B 708 18.04 -31.63 12.10
N LYS B 709 16.97 -31.39 11.31
CA LYS B 709 16.97 -30.67 10.03
C LYS B 709 15.83 -29.63 10.01
N PRO B 710 15.97 -28.47 10.68
CA PRO B 710 14.91 -27.49 10.70
C PRO B 710 14.44 -27.10 9.30
N GLY B 711 13.13 -27.08 9.12
CA GLY B 711 12.43 -26.88 7.86
C GLY B 711 12.53 -27.96 6.79
N LEU B 712 12.95 -29.19 7.06
CA LEU B 712 12.76 -30.33 6.16
C LEU B 712 11.58 -31.18 6.62
N THR B 713 10.75 -31.62 5.68
CA THR B 713 9.61 -32.51 5.97
C THR B 713 9.36 -33.58 4.92
N ASP B 714 8.65 -34.63 5.31
CA ASP B 714 8.06 -35.59 4.40
C ASP B 714 6.55 -35.39 4.48
N ALA B 715 5.95 -34.98 3.36
CA ALA B 715 4.59 -34.51 3.34
C ALA B 715 3.57 -35.58 3.75
N PHE B 716 3.71 -36.85 3.35
CA PHE B 716 2.65 -37.81 3.66
C PHE B 716 2.59 -38.15 5.14
N ILE B 717 3.73 -38.29 5.82
CA ILE B 717 3.79 -38.54 7.27
C ILE B 717 3.35 -37.32 8.11
N THR B 718 3.16 -36.13 7.52
CA THR B 718 3.08 -34.87 8.27
C THR B 718 1.91 -33.96 7.86
N VAL B 719 1.67 -33.84 6.56
CA VAL B 719 0.83 -32.83 5.87
C VAL B 719 0.06 -33.48 4.71
N ASN B 720 -0.44 -34.70 4.90
CA ASN B 720 -1.15 -35.51 3.88
C ASN B 720 -2.41 -34.82 3.30
N LYS B 721 -2.99 -33.88 4.04
CA LYS B 721 -4.21 -33.11 3.75
C LYS B 721 -4.06 -31.69 4.31
N VAL B 722 -4.56 -30.67 3.62
CA VAL B 722 -4.64 -29.28 4.14
C VAL B 722 -6.06 -28.72 3.95
N GLY B 723 -6.59 -28.04 4.98
CA GLY B 723 -8.01 -27.68 5.08
C GLY B 723 -8.93 -28.83 5.50
N LYS B 724 -10.20 -28.79 5.05
CA LYS B 724 -11.32 -29.68 5.46
C LYS B 724 -11.44 -31.01 4.70
N LYS B 725 -10.99 -31.02 3.45
CA LYS B 725 -11.27 -31.96 2.34
C LYS B 725 -9.98 -32.28 1.58
N LEU B 726 -9.68 -33.53 1.22
CA LEU B 726 -8.51 -33.87 0.38
C LEU B 726 -8.67 -33.46 -1.09
N TYR B 727 -7.54 -33.23 -1.77
CA TYR B 727 -7.47 -32.58 -3.06
C TYR B 727 -8.03 -33.41 -4.22
N SER B 728 -8.96 -32.83 -4.99
CA SER B 728 -9.52 -33.41 -6.22
C SER B 728 -8.97 -32.74 -7.47
N LEU B 729 -8.58 -33.54 -8.46
CA LEU B 729 -8.25 -33.08 -9.79
C LEU B 729 -9.08 -33.83 -10.84
N LYS B 730 -9.70 -33.08 -11.74
CA LYS B 730 -10.46 -33.59 -12.88
C LYS B 730 -9.49 -34.03 -13.98
N ASP B 731 -9.53 -35.29 -14.35
CA ASP B 731 -8.69 -35.86 -15.42
C ASP B 731 -9.33 -35.66 -16.80
N LYS B 732 -8.52 -35.55 -17.84
CA LYS B 732 -8.97 -35.36 -19.23
C LYS B 732 -9.47 -36.68 -19.85
N ASN B 733 -9.70 -36.69 -21.17
CA ASN B 733 -10.26 -37.80 -21.95
C ASN B 733 -11.62 -38.34 -21.42
N LYS B 734 -12.43 -37.46 -20.83
CA LYS B 734 -13.74 -37.72 -20.21
C LYS B 734 -13.74 -38.72 -19.04
N ASN B 735 -12.60 -38.90 -18.37
CA ASN B 735 -12.51 -39.63 -17.11
C ASN B 735 -13.19 -38.85 -15.97
N GLU B 736 -13.41 -39.50 -14.83
CA GLU B 736 -13.97 -38.92 -13.60
C GLU B 736 -12.97 -37.98 -12.88
N VAL B 737 -13.39 -37.22 -11.86
CA VAL B 737 -12.47 -36.67 -10.86
C VAL B 737 -11.76 -37.78 -10.09
N LYS B 738 -10.56 -37.52 -9.61
CA LYS B 738 -9.82 -38.38 -8.69
C LYS B 738 -9.24 -37.58 -7.53
N LYS B 739 -9.26 -38.16 -6.33
CA LYS B 739 -8.77 -37.58 -5.08
C LYS B 739 -7.31 -37.99 -4.83
N TYR B 740 -6.50 -37.12 -4.23
CA TYR B 740 -5.09 -37.40 -3.96
C TYR B 740 -4.60 -36.79 -2.63
N PHE B 741 -3.84 -37.55 -1.86
CA PHE B 741 -3.10 -37.02 -0.70
C PHE B 741 -1.81 -36.31 -1.12
N ASN B 742 -1.40 -35.29 -0.37
CA ASN B 742 -0.11 -34.63 -0.53
C ASN B 742 1.05 -35.58 -0.12
N TYR B 743 2.08 -35.66 -0.96
CA TYR B 743 3.22 -36.54 -0.85
C TYR B 743 4.52 -35.90 -1.36
N GLY B 744 5.67 -36.41 -0.91
CA GLY B 744 7.01 -36.04 -1.37
C GLY B 744 7.87 -35.34 -0.33
N LEU B 745 9.12 -35.03 -0.69
CA LEU B 745 10.01 -34.21 0.12
C LEU B 745 9.55 -32.75 0.05
N GLU B 746 9.46 -32.07 1.17
CA GLU B 746 9.02 -30.68 1.24
C GLU B 746 9.83 -29.81 2.21
N ILE B 747 9.78 -28.51 1.95
CA ILE B 747 10.61 -27.46 2.55
C ILE B 747 9.73 -26.43 3.26
N LEU B 748 10.20 -25.89 4.38
CA LEU B 748 9.57 -24.79 5.11
C LEU B 748 10.43 -23.50 5.01
N PRO B 749 10.16 -22.61 4.05
CA PRO B 749 10.75 -21.28 3.97
C PRO B 749 10.52 -20.40 5.20
N ARG B 750 11.57 -19.66 5.62
CA ARG B 750 11.61 -18.88 6.87
C ARG B 750 10.58 -17.76 7.01
N PHE B 751 10.62 -16.77 6.11
CA PHE B 751 9.84 -15.54 6.20
C PHE B 751 8.79 -15.48 5.08
N TYR B 752 7.84 -16.43 5.01
CA TYR B 752 7.00 -16.54 3.81
C TYR B 752 5.62 -17.14 4.04
N ALA B 753 4.69 -16.30 4.50
CA ALA B 753 3.26 -16.60 4.51
C ALA B 753 2.44 -15.58 3.71
N PRO B 754 2.63 -15.48 2.38
CA PRO B 754 1.86 -14.62 1.49
C PRO B 754 0.42 -15.12 1.31
N ALA B 755 -0.51 -14.51 2.05
CA ALA B 755 -1.92 -14.84 2.00
C ALA B 755 -2.57 -14.58 0.63
N GLY B 756 -3.53 -15.43 0.24
CA GLY B 756 -4.49 -15.17 -0.84
C GLY B 756 -3.88 -15.02 -2.23
N GLY B 757 -3.08 -15.99 -2.65
CA GLY B 757 -2.33 -15.99 -3.91
C GLY B 757 -0.92 -16.52 -3.68
N ALA B 758 0.02 -16.27 -4.60
CA ALA B 758 1.41 -16.72 -4.49
C ALA B 758 1.63 -18.24 -4.31
N SER B 759 0.61 -19.07 -4.55
CA SER B 759 0.86 -20.46 -4.87
C SER B 759 1.49 -20.54 -6.27
N GLY B 760 2.52 -21.37 -6.42
CA GLY B 760 3.26 -21.57 -7.68
C GLY B 760 4.60 -20.85 -7.74
N SER B 761 5.17 -20.54 -6.59
CA SER B 761 6.31 -19.62 -6.45
C SER B 761 7.60 -20.40 -6.26
N SER B 762 8.54 -20.31 -7.20
CA SER B 762 9.79 -21.08 -7.13
C SER B 762 10.69 -20.59 -6.00
N VAL B 763 11.03 -21.49 -5.08
CA VAL B 763 12.20 -21.37 -4.25
C VAL B 763 13.42 -21.70 -5.10
N ARG B 764 14.46 -20.88 -5.06
CA ARG B 764 15.72 -21.12 -5.77
C ARG B 764 16.90 -20.99 -4.83
N THR B 765 18.07 -21.32 -5.31
CA THR B 765 19.33 -21.01 -4.64
C THR B 765 20.32 -20.30 -5.55
N LYS B 766 21.42 -19.84 -4.96
CA LYS B 766 22.31 -18.73 -5.37
C LYS B 766 22.56 -18.55 -6.86
N ASP B 767 22.86 -19.61 -7.60
CA ASP B 767 23.25 -19.51 -9.02
C ASP B 767 22.09 -19.77 -9.99
N ASN B 768 20.87 -19.41 -9.57
CA ASN B 768 19.62 -19.60 -10.29
C ASN B 768 19.27 -21.09 -10.49
N LYS B 769 19.42 -21.87 -9.40
CA LYS B 769 19.02 -23.29 -9.33
C LYS B 769 17.66 -23.42 -8.63
N LEU B 770 16.66 -23.90 -9.36
CA LEU B 770 15.32 -24.22 -8.91
C LEU B 770 15.32 -25.37 -7.92
N LEU B 771 14.77 -25.15 -6.73
CA LEU B 771 14.93 -26.03 -5.57
C LEU B 771 13.60 -26.59 -5.07
N ALA B 772 12.61 -25.73 -4.86
CA ALA B 772 11.28 -26.15 -4.44
C ALA B 772 10.17 -25.26 -5.00
N VAL B 773 8.91 -25.70 -4.94
CA VAL B 773 7.73 -24.95 -5.41
C VAL B 773 6.77 -24.68 -4.28
N TYR B 774 6.58 -23.43 -3.87
CA TYR B 774 5.68 -23.08 -2.79
C TYR B 774 4.21 -23.21 -3.18
N HIS B 775 3.37 -23.73 -2.28
CA HIS B 775 1.94 -23.92 -2.58
C HIS B 775 0.94 -23.65 -1.46
N ALA B 776 1.29 -23.83 -0.19
CA ALA B 776 0.41 -23.60 0.94
C ALA B 776 1.00 -22.60 1.91
N SER B 777 0.19 -21.71 2.47
CA SER B 777 0.59 -20.72 3.47
C SER B 777 -0.07 -20.93 4.82
N ASN B 778 0.60 -20.54 5.89
CA ASN B 778 0.05 -20.45 7.22
C ASN B 778 0.59 -19.19 7.90
N GLU B 779 -0.17 -18.09 7.83
CA GLU B 779 0.22 -16.79 8.38
C GLU B 779 0.13 -16.73 9.91
N THR B 780 -0.39 -17.75 10.58
CA THR B 780 -0.25 -17.92 12.04
C THR B 780 1.05 -18.64 12.40
N ALA B 781 1.46 -19.65 11.62
CA ALA B 781 2.80 -20.27 11.68
C ALA B 781 3.92 -19.31 11.23
N ARG B 782 3.57 -18.31 10.40
CA ARG B 782 4.49 -17.40 9.73
C ARG B 782 5.42 -18.13 8.75
N THR B 783 4.97 -19.25 8.18
CA THR B 783 5.70 -20.09 7.24
C THR B 783 4.71 -20.79 6.31
N GLY B 784 5.19 -21.60 5.39
CA GLY B 784 4.36 -22.42 4.52
C GLY B 784 5.18 -23.47 3.81
N LEU B 785 4.60 -24.19 2.87
CA LEU B 785 5.13 -25.46 2.38
C LEU B 785 5.50 -25.42 0.90
N ALA B 786 6.65 -26.00 0.56
CA ALA B 786 7.15 -26.07 -0.82
C ALA B 786 7.55 -27.49 -1.26
N VAL B 787 7.13 -27.91 -2.45
CA VAL B 787 7.44 -29.21 -3.08
C VAL B 787 8.88 -29.23 -3.57
N ALA B 788 9.74 -30.12 -3.08
CA ALA B 788 11.02 -30.34 -3.73
C ALA B 788 10.84 -31.13 -5.03
N PHE B 789 11.48 -30.68 -6.12
CA PHE B 789 11.44 -31.37 -7.41
C PHE B 789 12.15 -32.74 -7.40
N ARG B 790 13.19 -32.84 -6.59
CA ARG B 790 14.10 -33.97 -6.50
C ARG B 790 14.16 -34.46 -5.06
N SER B 791 14.19 -35.77 -4.90
CA SER B 791 14.41 -36.46 -3.64
C SER B 791 15.39 -37.59 -3.85
N ASP B 792 16.40 -37.64 -2.99
CA ASP B 792 17.34 -38.74 -2.83
C ASP B 792 16.71 -39.97 -2.16
N GLY B 793 15.48 -39.82 -1.66
CA GLY B 793 14.82 -40.74 -0.76
C GLY B 793 15.38 -40.64 0.65
N TYR B 794 14.73 -41.34 1.56
CA TYR B 794 15.15 -41.49 2.95
C TYR B 794 14.61 -42.82 3.46
N ASP B 795 15.38 -43.50 4.30
CA ASP B 795 15.02 -44.80 4.86
C ASP B 795 14.80 -44.67 6.37
N TYR B 796 13.66 -45.14 6.86
CA TYR B 796 13.23 -45.09 8.25
C TYR B 796 13.52 -46.37 9.07
N LYS B 797 14.30 -47.32 8.54
CA LYS B 797 14.76 -48.52 9.27
C LYS B 797 13.58 -49.31 9.88
N ASN B 798 12.51 -49.47 9.10
CA ASN B 798 11.23 -50.08 9.43
C ASN B 798 10.39 -49.41 10.54
N LEU B 799 10.71 -48.19 10.99
CA LEU B 799 9.92 -47.46 11.99
C LEU B 799 8.46 -47.28 11.57
N PHE B 800 8.29 -46.97 10.29
CA PHE B 800 7.02 -46.80 9.58
C PHE B 800 6.65 -48.06 8.76
N GLY B 801 7.07 -49.25 9.19
CA GLY B 801 6.77 -50.51 8.53
C GLY B 801 7.50 -50.67 7.20
N ASP B 802 6.78 -50.87 6.11
CA ASP B 802 7.35 -50.95 4.75
C ASP B 802 7.55 -49.57 4.08
N TYR B 803 7.22 -48.47 4.76
CA TYR B 803 7.26 -47.11 4.23
C TYR B 803 8.68 -46.52 4.14
N LYS B 804 8.89 -45.67 3.12
CA LYS B 804 10.11 -44.93 2.80
C LYS B 804 9.73 -43.60 2.11
N LEU B 805 10.58 -42.57 2.23
CA LEU B 805 10.29 -41.26 1.60
C LEU B 805 10.21 -41.34 0.07
N GLY B 806 10.90 -42.30 -0.55
CA GLY B 806 10.94 -42.48 -1.99
C GLY B 806 11.93 -41.56 -2.70
N GLN B 807 12.73 -42.15 -3.60
CA GLN B 807 13.71 -41.43 -4.40
C GLN B 807 13.14 -41.16 -5.80
N TYR B 808 13.11 -39.90 -6.19
CA TYR B 808 12.46 -39.45 -7.41
C TYR B 808 13.05 -38.13 -7.92
N ASP B 809 12.92 -37.89 -9.21
CA ASP B 809 13.09 -36.58 -9.82
C ASP B 809 11.95 -36.36 -10.82
N LEU B 810 11.10 -35.37 -10.58
CA LEU B 810 9.93 -35.10 -11.42
C LEU B 810 10.18 -34.10 -12.56
N ILE B 811 11.43 -33.68 -12.77
CA ILE B 811 11.90 -32.97 -13.97
C ILE B 811 12.67 -33.92 -14.90
N TYR B 812 13.60 -34.73 -14.37
CA TYR B 812 14.46 -35.62 -15.17
C TYR B 812 14.03 -37.09 -15.21
N GLY B 813 13.25 -37.57 -14.23
CA GLY B 813 12.87 -38.96 -14.10
C GLY B 813 14.00 -39.88 -13.62
N GLY B 814 13.77 -41.19 -13.68
CA GLY B 814 14.81 -42.21 -13.49
C GLY B 814 15.29 -42.42 -12.06
N GLY B 815 14.51 -41.98 -11.07
CA GLY B 815 14.73 -42.26 -9.65
C GLY B 815 14.16 -43.61 -9.23
N LYS B 816 14.73 -44.22 -8.19
CA LYS B 816 14.49 -45.64 -7.83
C LYS B 816 13.03 -45.99 -7.55
N ASP B 817 12.22 -45.07 -7.03
CA ASP B 817 10.80 -45.28 -6.72
C ASP B 817 9.84 -44.63 -7.73
N GLN B 818 10.34 -43.95 -8.76
CA GLN B 818 9.54 -43.15 -9.69
C GLN B 818 8.98 -44.02 -10.85
N GLN B 819 7.75 -43.74 -11.28
CA GLN B 819 6.92 -44.55 -12.20
C GLN B 819 7.44 -44.66 -13.65
N LYS B 820 8.57 -44.03 -13.99
CA LYS B 820 9.25 -44.10 -15.29
C LYS B 820 8.41 -43.65 -16.50
N GLU B 821 7.41 -42.79 -16.26
CA GLU B 821 6.52 -42.18 -17.26
C GLU B 821 5.85 -40.89 -16.74
N LYS B 822 6.44 -40.27 -15.71
CA LYS B 822 5.85 -39.30 -14.79
C LYS B 822 6.88 -38.25 -14.35
N SER B 823 7.53 -37.61 -15.31
CA SER B 823 8.43 -36.47 -15.12
C SER B 823 8.44 -35.62 -16.38
N TYR B 824 8.85 -34.36 -16.27
CA TYR B 824 8.80 -33.40 -17.38
C TYR B 824 9.46 -33.90 -18.66
N ARG B 825 10.67 -34.46 -18.57
CA ARG B 825 11.43 -35.00 -19.70
C ARG B 825 10.68 -36.10 -20.43
N GLU B 826 10.22 -37.10 -19.72
CA GLU B 826 9.63 -38.28 -20.36
C GLU B 826 8.18 -38.07 -20.82
N VAL B 827 7.49 -37.07 -20.26
CA VAL B 827 6.26 -36.50 -20.84
C VAL B 827 6.57 -35.75 -22.13
N MET B 828 7.60 -34.92 -22.15
CA MET B 828 7.94 -34.13 -23.33
C MET B 828 8.53 -34.99 -24.46
N ASN B 829 9.18 -36.12 -24.13
CA ASN B 829 9.71 -37.10 -25.06
C ASN B 829 8.64 -37.73 -25.95
N LYS B 830 7.45 -38.05 -25.42
CA LYS B 830 6.35 -38.60 -26.22
C LYS B 830 5.66 -37.55 -27.08
N MET B 831 5.55 -36.30 -26.61
CA MET B 831 4.94 -35.21 -27.36
C MET B 831 5.80 -34.71 -28.53
N TYR B 832 7.12 -34.62 -28.33
CA TYR B 832 8.08 -33.99 -29.26
C TYR B 832 9.30 -34.88 -29.55
N SER B 833 9.07 -36.16 -29.87
CA SER B 833 10.07 -37.18 -30.09
C SER B 833 11.10 -36.76 -31.14
N GLY B 834 12.38 -36.75 -30.75
CA GLY B 834 13.50 -36.37 -31.60
C GLY B 834 13.85 -34.87 -31.63
N LYS B 835 13.02 -33.96 -31.10
CA LYS B 835 13.32 -32.51 -31.03
C LYS B 835 14.17 -32.10 -29.80
N LYS B 836 14.76 -30.92 -29.84
CA LYS B 836 15.57 -30.29 -28.76
C LYS B 836 14.75 -29.32 -27.90
N SER B 837 15.28 -28.93 -26.73
CA SER B 837 14.66 -28.00 -25.78
C SER B 837 15.72 -27.16 -25.09
N ALA B 838 15.40 -26.02 -24.49
CA ALA B 838 16.40 -25.21 -23.77
C ALA B 838 17.01 -25.93 -22.54
N LEU B 839 16.24 -26.73 -21.80
CA LEU B 839 16.75 -27.64 -20.76
C LEU B 839 17.38 -28.94 -21.30
N PHE B 840 17.00 -29.36 -22.51
CA PHE B 840 17.29 -30.67 -23.08
C PHE B 840 17.92 -30.52 -24.47
N GLN B 841 19.08 -29.87 -24.53
CA GLN B 841 19.69 -29.45 -25.81
C GLN B 841 20.27 -30.61 -26.65
N ASN B 842 20.48 -31.76 -26.03
CA ASN B 842 20.77 -33.04 -26.68
C ASN B 842 19.50 -33.91 -26.95
N GLY B 843 18.30 -33.44 -26.61
CA GLY B 843 17.03 -34.17 -26.72
C GLY B 843 16.54 -34.82 -25.42
N PHE B 844 15.29 -35.27 -25.42
CA PHE B 844 14.57 -35.81 -24.26
C PHE B 844 14.84 -37.28 -23.92
N THR B 845 15.65 -37.98 -24.70
CA THR B 845 15.91 -39.42 -24.54
C THR B 845 16.70 -39.75 -23.26
N ASP B 846 16.50 -40.95 -22.71
CA ASP B 846 17.03 -41.31 -21.38
C ASP B 846 18.56 -41.31 -21.29
N ASP B 847 19.25 -41.63 -22.38
CA ASP B 847 20.71 -41.60 -22.49
C ASP B 847 21.29 -40.17 -22.41
N LYS B 848 20.48 -39.13 -22.57
CA LYS B 848 20.91 -37.71 -22.55
C LYS B 848 20.54 -36.98 -21.25
N ILE B 849 20.22 -37.70 -20.17
CA ILE B 849 20.28 -37.13 -18.82
C ILE B 849 21.75 -36.79 -18.52
N PRO B 850 22.11 -35.55 -18.14
CA PRO B 850 23.47 -35.22 -17.74
C PRO B 850 23.83 -35.93 -16.43
N SER B 851 25.05 -36.44 -16.28
CA SER B 851 25.38 -37.40 -15.20
C SER B 851 25.20 -36.85 -13.77
N GLU B 852 25.12 -35.54 -13.60
CA GLU B 852 24.71 -34.84 -12.37
C GLU B 852 23.35 -35.29 -11.81
N PHE B 853 22.38 -35.64 -12.65
CA PHE B 853 21.02 -35.97 -12.26
C PHE B 853 20.70 -37.47 -12.18
N LYS B 854 21.67 -38.35 -12.44
CA LYS B 854 21.55 -39.79 -12.13
C LYS B 854 21.52 -40.04 -10.62
N PHE B 855 21.19 -41.25 -10.21
CA PHE B 855 21.15 -41.69 -8.81
C PHE B 855 22.00 -42.94 -8.59
N ASN B 856 22.47 -43.14 -7.35
CA ASN B 856 23.15 -44.32 -6.81
C ASN B 856 24.53 -44.66 -7.41
N ASN B 857 24.69 -44.70 -8.74
CA ASN B 857 26.02 -44.82 -9.35
C ASN B 857 26.80 -43.49 -9.25
N GLY B 858 26.10 -42.36 -9.37
CA GLY B 858 26.53 -41.05 -8.88
C GLY B 858 25.89 -40.72 -7.54
N THR B 859 26.66 -40.72 -6.47
CA THR B 859 26.25 -40.31 -5.11
C THR B 859 26.57 -38.85 -4.80
N GLN B 860 27.38 -38.16 -5.62
CA GLN B 860 27.57 -36.71 -5.57
C GLN B 860 26.94 -36.04 -6.80
N ASN B 861 26.17 -34.99 -6.56
CA ASN B 861 25.26 -34.40 -7.53
C ASN B 861 25.36 -32.87 -7.54
#